data_5U0B
#
_entry.id   5U0B
#
_cell.length_a   136.500
_cell.length_b   197.000
_cell.length_c   95.280
_cell.angle_alpha   90.00
_cell.angle_beta   90.00
_cell.angle_gamma   90.00
#
_symmetry.space_group_name_H-M   'P 21 21 2'
#
loop_
_entity.id
_entity.type
_entity.pdbx_description
1 polymer 'Genome polyprotein'
2 non-polymer S-ADENOSYL-L-HOMOCYSTEINE
3 non-polymer 'ZINC ION'
4 non-polymer 'SULFATE ION'
#
_entity_poly.entity_id   1
_entity_poly.type   'polypeptide(L)'
_entity_poly.pdbx_seq_one_letter_code
;GGGTGETLGEKWKARLNQMSALEFYSYKKSGITEVCREEARRALKDGVATGGHAVSRGSAKLRWLEERGYLQPYGKVVDL
GCGRGGWSYYAATIRKVQEVRGYTKGGPGHEEPMLVQSYGWNIVRLKSGVDVFHMAAEPCDTLLCDIGESSSSPEVEETR
TLRVLSMVGDWLEKRPGAFCIKVLCPYTSTMMETMERLQRRHGGGLVRVPLSRNSTHEMYWVSGAKSNIIKSVSTTSQLL
LGRMDGPRRPVKYEEDVNLGSGTRAVASCAEAPNMKIIGRRIERIRNEHAETWFLDENHPYRTWAYHGSYEAPTQGSASS
LVNGVVRLLSKPWDVVTGVTGIAMTDTTPYGQQRVFKEKVDTRVPDPQEGTRQVMNIVSSWLWKELGKRKRPRVCTKEEF
INKVRSNAALGAIFEEEKEWKTAVEAVNDPRFWALVDREREHHLRGECHSCVYNMMGKREKKQGEFGKAKGSRAIWYMWL
GARFLEFEALGFLNEDHWMGRENSGGGVEGLGLQRLGYILEEMNRAPGGKMYADDTAGWDTRISKFDLENEALITNQMEE
GHRTLALAVIKYTYQNKVVKVLRPAEGGKTVMDIISRQDQRGSGQVVTYALNTFTNLVVQLIRNMEAEEVLEMQDLWLLR
KPEKVTRWLQSNGWDRLKRMAVSGDDCVVKPIDDRFAHALRFLNDMGKVRKDTQEWKPSTGWSNWEEVPFCSHHFNKLYL
KDGRSIVVPCRHQDELIGRARVSPGAGWSIRETACLAKSYAQMWQLLYFHRRDLRLMANAICSAVPVDWVPTGRTTWSIH
GKGEWMTTEDMLMVWNRVWIEENDHMEDKTPVTKWTDIPYLGKREDLWCGSLIGHRPRTTWAENIKDTVNMVRRIIGDEE
KYMDYLSTQVRYLGEEGSTPGVL
;
_entity_poly.pdbx_strand_id   A,B
#
loop_
_chem_comp.id
_chem_comp.type
_chem_comp.name
_chem_comp.formula
SAH non-polymer S-ADENOSYL-L-HOMOCYSTEINE 'C14 H20 N6 O5 S'
SO4 non-polymer 'SULFATE ION' 'O4 S -2'
ZN non-polymer 'ZINC ION' 'Zn 2'
#
# COMPACT_ATOMS: atom_id res chain seq x y z
N GLY A 5 2.41 36.81 -6.96
CA GLY A 5 2.63 37.45 -5.68
C GLY A 5 3.52 36.63 -4.75
N GLU A 6 4.61 37.23 -4.28
CA GLU A 6 5.54 36.51 -3.42
C GLU A 6 4.89 36.18 -2.09
N THR A 7 5.10 34.95 -1.64
CA THR A 7 4.50 34.46 -0.41
C THR A 7 5.20 35.06 0.81
N LEU A 8 4.57 34.91 1.97
CA LEU A 8 5.16 35.40 3.21
C LEU A 8 6.53 34.78 3.45
N GLY A 9 6.69 33.50 3.11
CA GLY A 9 7.98 32.86 3.28
C GLY A 9 9.04 33.43 2.36
N GLU A 10 8.66 33.77 1.13
CA GLU A 10 9.61 34.38 0.20
C GLU A 10 10.06 35.76 0.67
N LYS A 11 9.19 36.48 1.39
CA LYS A 11 9.61 37.70 2.05
C LYS A 11 10.43 37.42 3.30
N TRP A 12 10.26 36.25 3.91
CA TRP A 12 11.10 35.86 5.04
C TRP A 12 12.50 35.50 4.57
N LYS A 13 12.61 34.79 3.45
CA LYS A 13 13.93 34.46 2.90
C LYS A 13 14.61 35.69 2.34
N ALA A 14 13.84 36.66 1.83
CA ALA A 14 14.42 37.91 1.38
C ALA A 14 15.11 38.64 2.53
N ARG A 15 14.42 38.75 3.67
CA ARG A 15 15.01 39.42 4.82
C ARG A 15 16.14 38.58 5.43
N LEU A 16 15.96 37.26 5.46
CA LEU A 16 16.96 36.38 6.08
C LEU A 16 18.31 36.51 5.38
N ASN A 17 18.30 36.72 4.06
CA ASN A 17 19.55 36.88 3.32
C ASN A 17 20.11 38.29 3.44
N GLN A 18 19.25 39.30 3.54
CA GLN A 18 19.71 40.69 3.63
C GLN A 18 20.33 41.03 4.98
N MET A 19 20.18 40.17 5.99
CA MET A 19 20.75 40.46 7.30
C MET A 19 22.27 40.51 7.24
N SER A 20 22.85 41.20 8.21
CA SER A 20 24.30 41.19 8.40
C SER A 20 24.68 40.04 9.32
N ALA A 21 26.00 39.83 9.47
CA ALA A 21 26.49 38.71 10.24
C ALA A 21 26.02 38.77 11.69
N LEU A 22 25.94 39.98 12.26
CA LEU A 22 25.50 40.12 13.64
C LEU A 22 23.99 39.96 13.77
N GLU A 23 23.23 40.56 12.85
CA GLU A 23 21.78 40.37 12.83
C GLU A 23 21.42 38.90 12.80
N PHE A 24 22.11 38.12 11.96
CA PHE A 24 21.85 36.70 11.86
C PHE A 24 22.09 35.99 13.19
N TYR A 25 23.19 36.32 13.86
CA TYR A 25 23.55 35.63 15.09
C TYR A 25 22.54 35.87 16.19
N SER A 26 21.99 37.09 16.27
CA SER A 26 20.99 37.37 17.30
C SER A 26 19.68 36.66 17.01
N TYR A 27 19.37 36.44 15.73
CA TYR A 27 18.05 35.93 15.34
C TYR A 27 18.01 34.41 15.27
N LYS A 28 19.14 33.75 15.03
CA LYS A 28 19.14 32.32 14.78
C LYS A 28 18.53 31.53 15.93
N LYS A 29 18.78 31.96 17.16
CA LYS A 29 18.27 31.27 18.35
C LYS A 29 17.22 32.04 19.11
N SER A 30 16.80 33.21 18.61
CA SER A 30 15.89 34.05 19.37
C SER A 30 14.55 33.37 19.65
N GLY A 31 14.34 32.96 20.89
CA GLY A 31 13.05 32.46 21.30
C GLY A 31 12.73 31.04 20.88
N ILE A 32 13.76 30.23 20.61
CA ILE A 32 13.56 28.86 20.19
C ILE A 32 13.67 27.94 21.40
N THR A 33 13.26 26.70 21.23
CA THR A 33 13.43 25.66 22.25
C THR A 33 14.63 24.79 21.91
N GLU A 34 15.35 24.38 22.94
CA GLU A 34 16.63 23.69 22.75
C GLU A 34 16.81 22.66 23.85
N VAL A 35 17.36 21.50 23.48
CA VAL A 35 17.62 20.43 24.43
C VAL A 35 19.02 20.61 25.01
N CYS A 36 19.28 19.92 26.12
CA CYS A 36 20.56 20.00 26.83
C CYS A 36 21.42 18.84 26.36
N ARG A 37 22.39 19.14 25.50
CA ARG A 37 23.28 18.15 24.93
C ARG A 37 24.62 18.06 25.62
N GLU A 38 24.83 18.82 26.69
CA GLU A 38 26.12 18.87 27.37
C GLU A 38 26.52 17.51 27.93
N GLU A 39 25.76 17.04 28.92
CA GLU A 39 26.06 15.76 29.56
C GLU A 39 25.83 14.55 28.65
N ALA A 40 25.38 14.76 27.42
CA ALA A 40 25.31 13.70 26.42
C ALA A 40 26.52 13.71 25.48
N ARG A 41 27.00 14.89 25.08
CA ARG A 41 28.17 14.97 24.21
C ARG A 41 29.42 14.42 24.90
N ARG A 42 29.53 14.61 26.22
CA ARG A 42 30.70 14.11 26.94
C ARG A 42 30.74 12.59 26.95
N ALA A 43 29.63 11.97 27.35
CA ALA A 43 29.56 10.51 27.34
C ALA A 43 29.82 9.94 25.95
N LEU A 44 29.32 10.63 24.92
CA LEU A 44 29.58 10.22 23.54
C LEU A 44 31.01 10.52 23.12
N LYS A 45 31.68 11.49 23.76
CA LYS A 45 33.09 11.71 23.51
C LYS A 45 33.99 10.70 24.21
N ASP A 46 33.50 10.09 25.30
CA ASP A 46 34.28 9.09 26.01
C ASP A 46 34.08 7.69 25.45
N GLY A 47 32.95 7.44 24.78
CA GLY A 47 32.61 6.12 24.28
C GLY A 47 31.49 5.43 25.02
N VAL A 48 30.92 6.07 26.05
CA VAL A 48 29.86 5.49 26.86
C VAL A 48 28.64 5.21 26.00
N ALA A 49 28.52 3.98 25.50
CA ALA A 49 27.36 3.56 24.73
C ALA A 49 26.24 2.99 25.58
N THR A 50 26.46 2.81 26.88
CA THR A 50 25.47 2.28 27.79
C THR A 50 24.83 3.37 28.64
N GLY A 51 24.92 4.63 28.23
CA GLY A 51 24.44 5.73 29.02
C GLY A 51 23.00 6.13 28.79
N GLY A 52 22.30 5.52 27.84
CA GLY A 52 20.96 5.94 27.51
C GLY A 52 20.87 7.26 26.79
N HIS A 53 22.00 7.89 26.49
CA HIS A 53 21.99 9.17 25.81
C HIS A 53 21.56 9.03 24.36
N ALA A 54 21.01 10.11 23.81
CA ALA A 54 20.65 10.18 22.41
C ALA A 54 21.84 10.66 21.59
N VAL A 55 21.94 10.13 20.37
CA VAL A 55 23.11 10.40 19.53
C VAL A 55 23.08 11.76 18.85
N SER A 56 21.93 12.44 18.84
CA SER A 56 21.83 13.73 18.17
C SER A 56 20.59 14.46 18.71
N ARG A 57 20.42 15.70 18.25
CA ARG A 57 19.24 16.47 18.62
C ARG A 57 17.98 15.87 18.02
N GLY A 58 18.04 15.47 16.75
CA GLY A 58 16.88 14.98 16.02
C GLY A 58 16.06 13.91 16.73
N SER A 59 16.66 13.23 17.70
CA SER A 59 15.90 12.29 18.52
C SER A 59 14.81 13.01 19.30
N ALA A 60 15.12 14.19 19.83
CA ALA A 60 14.13 14.94 20.60
C ALA A 60 13.07 15.58 19.70
N LYS A 61 13.38 15.84 18.43
CA LYS A 61 12.35 16.22 17.48
C LYS A 61 11.29 15.13 17.36
N LEU A 62 11.73 13.88 17.23
CA LEU A 62 10.81 12.77 17.02
C LEU A 62 9.88 12.59 18.21
N ARG A 63 10.42 12.71 19.43
CA ARG A 63 9.59 12.55 20.63
C ARG A 63 8.51 13.62 20.68
N TRP A 64 8.86 14.86 20.35
CA TRP A 64 7.87 15.94 20.33
C TRP A 64 6.74 15.62 19.37
N LEU A 65 7.08 15.14 18.17
CA LEU A 65 6.04 14.73 17.22
C LEU A 65 5.23 13.55 17.74
N GLU A 66 5.83 12.72 18.59
CA GLU A 66 5.12 11.54 19.09
C GLU A 66 4.14 11.91 20.21
N GLU A 67 4.62 12.67 21.20
CA GLU A 67 3.76 13.04 22.32
C GLU A 67 2.50 13.77 21.85
N ARG A 68 2.65 14.64 20.85
CA ARG A 68 1.52 15.41 20.36
C ARG A 68 0.50 14.56 19.62
N GLY A 69 0.89 13.38 19.17
CA GLY A 69 0.03 12.54 18.36
C GLY A 69 0.20 12.70 16.86
N TYR A 70 1.21 13.45 16.43
CA TYR A 70 1.44 13.61 15.00
C TYR A 70 2.00 12.33 14.37
N LEU A 71 2.74 11.55 15.13
CA LEU A 71 3.38 10.34 14.61
C LEU A 71 3.05 9.17 15.52
N GLN A 72 2.67 8.04 14.90
CA GLN A 72 2.34 6.81 15.59
C GLN A 72 3.22 5.70 15.03
N PRO A 73 4.50 5.66 15.42
CA PRO A 73 5.41 4.68 14.82
C PRO A 73 5.08 3.26 15.25
N TYR A 74 5.28 2.33 14.32
CA TYR A 74 5.02 0.91 14.55
C TYR A 74 5.57 0.10 13.39
N GLY A 75 5.65 -1.22 13.59
CA GLY A 75 6.01 -2.15 12.53
C GLY A 75 7.45 -2.03 12.07
N LYS A 76 7.64 -2.23 10.76
CA LYS A 76 8.96 -2.07 10.15
C LYS A 76 9.19 -0.60 9.86
N VAL A 77 10.12 0.02 10.60
CA VAL A 77 10.44 1.43 10.43
C VAL A 77 11.62 1.56 9.49
N VAL A 78 11.47 2.37 8.45
CA VAL A 78 12.53 2.66 7.50
C VAL A 78 12.90 4.13 7.66
N ASP A 79 14.21 4.39 7.78
CA ASP A 79 14.73 5.71 8.15
C ASP A 79 15.72 6.18 7.08
N LEU A 80 15.19 6.85 6.05
CA LEU A 80 16.04 7.41 5.01
C LEU A 80 16.84 8.59 5.56
N GLY A 81 18.13 8.61 5.26
CA GLY A 81 19.00 9.64 5.81
C GLY A 81 19.02 9.61 7.32
N CYS A 82 19.30 8.44 7.91
CA CYS A 82 19.25 8.27 9.35
C CYS A 82 20.37 9.03 10.06
N GLY A 83 21.42 9.43 9.35
CA GLY A 83 22.53 10.15 9.97
C GLY A 83 23.26 9.31 10.99
N ARG A 84 23.51 9.91 12.16
CA ARG A 84 24.08 9.16 13.27
C ARG A 84 23.09 8.15 13.85
N GLY A 85 21.82 8.24 13.49
CA GLY A 85 20.80 7.34 13.96
C GLY A 85 19.83 7.91 14.98
N GLY A 86 19.73 9.25 15.09
CA GLY A 86 18.88 9.83 16.10
C GLY A 86 17.42 9.42 15.98
N TRP A 87 16.91 9.37 14.76
CA TRP A 87 15.53 8.93 14.54
C TRP A 87 15.40 7.42 14.69
N SER A 88 16.39 6.66 14.22
CA SER A 88 16.30 5.20 14.26
C SER A 88 16.36 4.68 15.70
N TYR A 89 17.31 5.18 16.48
CA TYR A 89 17.46 4.68 17.85
C TYR A 89 16.27 5.04 18.72
N TYR A 90 15.65 6.20 18.50
CA TYR A 90 14.45 6.52 19.26
C TYR A 90 13.28 5.64 18.85
N ALA A 91 13.18 5.33 17.56
CA ALA A 91 12.08 4.50 17.08
C ALA A 91 12.12 3.12 17.70
N ALA A 92 13.31 2.58 17.94
CA ALA A 92 13.46 1.23 18.50
C ALA A 92 13.06 1.13 19.96
N THR A 93 12.60 2.22 20.58
CA THR A 93 12.16 2.20 21.97
C THR A 93 10.64 2.18 22.11
N ILE A 94 9.91 2.38 21.03
CA ILE A 94 8.45 2.48 21.08
C ILE A 94 7.85 1.09 21.20
N ARG A 95 6.78 0.98 21.99
CA ARG A 95 6.17 -0.32 22.28
C ARG A 95 5.75 -1.04 21.00
N LYS A 96 5.14 -0.32 20.06
CA LYS A 96 4.58 -0.97 18.87
C LYS A 96 5.62 -1.20 17.77
N VAL A 97 6.81 -0.63 17.88
CA VAL A 97 7.84 -0.81 16.87
C VAL A 97 8.56 -2.14 17.11
N GLN A 98 8.80 -2.88 16.03
CA GLN A 98 9.47 -4.18 16.13
C GLN A 98 10.65 -4.34 15.18
N GLU A 99 10.87 -3.41 14.25
CA GLU A 99 12.04 -3.47 13.38
C GLU A 99 12.36 -2.06 12.91
N VAL A 100 13.65 -1.71 12.94
CA VAL A 100 14.14 -0.42 12.50
C VAL A 100 15.23 -0.64 11.47
N ARG A 101 15.14 0.06 10.34
CA ARG A 101 16.09 -0.09 9.23
C ARG A 101 16.41 1.29 8.68
N GLY A 102 17.62 1.77 8.94
CA GLY A 102 18.01 3.10 8.53
C GLY A 102 19.13 3.07 7.51
N TYR A 103 19.14 4.07 6.62
CA TYR A 103 20.11 4.17 5.54
C TYR A 103 20.61 5.61 5.44
N THR A 104 21.91 5.76 5.17
CA THR A 104 22.49 7.09 5.05
C THR A 104 23.67 7.06 4.08
N LYS A 105 23.92 8.22 3.48
CA LYS A 105 25.14 8.44 2.71
C LYS A 105 26.30 8.67 3.65
N GLY A 106 27.42 8.00 3.41
CA GLY A 106 28.55 8.09 4.31
C GLY A 106 29.73 8.83 3.74
N GLY A 107 30.92 8.26 3.87
CA GLY A 107 32.12 8.84 3.31
C GLY A 107 32.50 10.16 3.92
N PRO A 108 33.31 10.94 3.20
CA PRO A 108 33.76 12.23 3.74
C PRO A 108 32.64 13.25 3.77
N GLY A 109 32.63 14.06 4.83
CA GLY A 109 31.72 15.19 4.90
C GLY A 109 30.39 14.86 5.56
N HIS A 110 29.94 13.61 5.43
CA HIS A 110 28.63 13.21 5.92
C HIS A 110 28.76 12.40 7.21
N GLU A 111 27.71 12.45 8.02
CA GLU A 111 27.68 11.72 9.28
C GLU A 111 27.55 10.22 9.03
N GLU A 112 28.29 9.43 9.79
CA GLU A 112 28.19 7.98 9.73
C GLU A 112 27.48 7.45 10.97
N PRO A 113 26.72 6.36 10.83
CA PRO A 113 25.92 5.87 11.95
C PRO A 113 26.76 5.56 13.18
N MET A 114 26.22 5.90 14.35
CA MET A 114 26.86 5.61 15.62
C MET A 114 26.42 4.26 16.16
N LEU A 115 27.27 3.65 16.97
CA LEU A 115 26.99 2.37 17.61
C LEU A 115 26.77 2.63 19.09
N VAL A 116 25.52 2.46 19.53
CA VAL A 116 25.13 2.71 20.92
C VAL A 116 24.22 1.57 21.37
N GLN A 117 24.24 1.29 22.67
CA GLN A 117 23.44 0.24 23.27
C GLN A 117 22.22 0.79 24.02
N SER A 118 21.54 1.76 23.42
CA SER A 118 20.29 2.22 23.97
C SER A 118 19.24 1.10 23.90
N TYR A 119 18.12 1.30 24.60
CA TYR A 119 17.10 0.26 24.67
C TYR A 119 16.58 -0.08 23.27
N GLY A 120 16.56 -1.36 22.96
CA GLY A 120 16.07 -1.83 21.68
C GLY A 120 17.08 -1.81 20.55
N TRP A 121 18.38 -1.74 20.86
CA TRP A 121 19.38 -1.66 19.81
C TRP A 121 19.47 -2.93 18.97
N ASN A 122 18.91 -4.05 19.46
CA ASN A 122 18.98 -5.28 18.69
C ASN A 122 18.08 -5.27 17.48
N ILE A 123 17.08 -4.39 17.44
CA ILE A 123 16.13 -4.40 16.32
C ILE A 123 16.52 -3.31 15.32
N VAL A 124 17.70 -2.74 15.51
CA VAL A 124 18.21 -1.66 14.66
C VAL A 124 19.23 -2.24 13.68
N ARG A 125 19.10 -1.87 12.41
CA ARG A 125 20.05 -2.24 11.36
C ARG A 125 20.36 -0.98 10.56
N LEU A 126 21.53 -0.39 10.80
CA LEU A 126 21.97 0.80 10.10
C LEU A 126 22.96 0.42 9.01
N LYS A 127 22.82 1.06 7.84
CA LYS A 127 23.66 0.77 6.69
C LYS A 127 24.12 2.08 6.08
N SER A 128 25.43 2.23 5.91
CA SER A 128 26.03 3.43 5.35
C SER A 128 26.39 3.18 3.88
N GLY A 129 26.88 4.25 3.23
CA GLY A 129 27.21 4.16 1.83
C GLY A 129 26.02 4.09 0.89
N VAL A 130 24.82 4.28 1.40
CA VAL A 130 23.60 4.17 0.61
C VAL A 130 23.18 5.55 0.12
N ASP A 131 22.86 5.64 -1.17
CA ASP A 131 22.25 6.83 -1.75
C ASP A 131 20.80 6.49 -2.05
N VAL A 132 19.88 7.05 -1.25
CA VAL A 132 18.48 6.62 -1.29
C VAL A 132 17.80 6.95 -2.61
N PHE A 133 18.36 7.87 -3.40
CA PHE A 133 17.79 8.14 -4.72
C PHE A 133 17.93 6.94 -5.63
N HIS A 134 19.10 6.29 -5.61
CA HIS A 134 19.37 5.08 -6.38
C HIS A 134 18.95 3.82 -5.64
N MET A 135 17.98 3.92 -4.73
CA MET A 135 17.54 2.81 -3.90
C MET A 135 16.05 2.59 -4.13
N ALA A 136 15.68 1.39 -4.57
CA ALA A 136 14.30 1.10 -4.90
C ALA A 136 13.46 0.94 -3.62
N ALA A 137 12.23 1.43 -3.67
CA ALA A 137 11.36 1.41 -2.51
C ALA A 137 10.89 0.00 -2.21
N GLU A 138 10.83 -0.33 -0.92
CA GLU A 138 10.33 -1.59 -0.40
C GLU A 138 9.18 -1.31 0.56
N PRO A 139 8.28 -2.28 0.75
CA PRO A 139 7.15 -2.05 1.66
C PRO A 139 7.64 -1.85 3.10
N CYS A 140 6.91 -1.01 3.83
CA CYS A 140 7.24 -0.75 5.22
C CYS A 140 5.99 -0.24 5.93
N ASP A 141 6.09 -0.11 7.25
CA ASP A 141 5.00 0.40 8.06
C ASP A 141 5.18 1.87 8.44
N THR A 142 6.38 2.28 8.85
CA THR A 142 6.69 3.67 9.14
C THR A 142 7.85 4.12 8.24
N LEU A 143 7.64 5.21 7.51
CA LEU A 143 8.63 5.75 6.60
C LEU A 143 9.15 7.06 7.16
N LEU A 144 10.44 7.11 7.47
CA LEU A 144 11.09 8.31 7.99
C LEU A 144 12.09 8.85 6.98
N CYS A 145 12.12 10.17 6.83
CA CYS A 145 13.08 10.83 5.97
C CYS A 145 13.38 12.20 6.53
N ASP A 146 14.67 12.51 6.68
CA ASP A 146 15.13 13.78 7.19
C ASP A 146 16.22 14.33 6.28
N ILE A 147 15.97 14.32 4.98
CA ILE A 147 16.98 14.64 3.98
C ILE A 147 16.60 15.96 3.31
N GLY A 148 17.23 17.03 3.78
CA GLY A 148 17.38 18.24 3.01
C GLY A 148 18.80 18.76 3.19
N GLU A 149 19.17 19.71 2.35
CA GLU A 149 20.38 20.49 2.57
C GLU A 149 20.03 21.96 2.43
N SER A 150 20.14 22.69 3.54
CA SER A 150 19.88 24.12 3.51
C SER A 150 20.86 24.83 2.58
N SER A 151 20.37 25.88 1.96
CA SER A 151 21.20 26.77 1.16
C SER A 151 20.75 28.19 1.44
N SER A 152 21.24 29.14 0.62
CA SER A 152 20.82 30.52 0.73
C SER A 152 19.94 30.98 -0.42
N SER A 153 19.95 30.27 -1.54
CA SER A 153 19.14 30.62 -2.68
C SER A 153 17.86 29.80 -2.69
N PRO A 154 16.69 30.43 -2.63
CA PRO A 154 15.44 29.65 -2.57
C PRO A 154 15.19 28.80 -3.81
N GLU A 155 15.83 29.13 -4.94
CA GLU A 155 15.69 28.29 -6.12
C GLU A 155 16.43 26.96 -5.95
N VAL A 156 17.42 26.91 -5.06
CA VAL A 156 18.13 25.65 -4.80
C VAL A 156 17.35 24.79 -3.81
N GLU A 157 16.89 25.39 -2.71
CA GLU A 157 16.11 24.65 -1.73
C GLU A 157 14.85 24.07 -2.36
N GLU A 158 14.18 24.84 -3.22
CA GLU A 158 13.02 24.31 -3.93
C GLU A 158 13.41 23.17 -4.85
N THR A 159 14.50 23.34 -5.61
CA THR A 159 14.98 22.27 -6.47
C THR A 159 15.35 21.03 -5.66
N ARG A 160 15.99 21.23 -4.51
CA ARG A 160 16.35 20.09 -3.67
C ARG A 160 15.13 19.48 -3.00
N THR A 161 14.20 20.33 -2.53
CA THR A 161 13.01 19.81 -1.88
C THR A 161 12.11 19.07 -2.87
N LEU A 162 11.98 19.60 -4.09
CA LEU A 162 11.22 18.89 -5.12
C LEU A 162 11.85 17.54 -5.43
N ARG A 163 13.19 17.48 -5.48
CA ARG A 163 13.88 16.23 -5.77
C ARG A 163 13.61 15.20 -4.68
N VAL A 164 13.52 15.65 -3.42
CA VAL A 164 13.26 14.72 -2.32
C VAL A 164 11.86 14.12 -2.45
N LEU A 165 10.86 14.96 -2.73
CA LEU A 165 9.48 14.49 -2.77
C LEU A 165 9.19 13.62 -3.98
N SER A 166 10.02 13.68 -5.02
CA SER A 166 9.91 12.72 -6.11
C SER A 166 10.46 11.35 -5.73
N MET A 167 11.31 11.29 -4.70
CA MET A 167 11.91 10.05 -4.24
C MET A 167 11.02 9.34 -3.22
N VAL A 168 10.52 10.07 -2.22
CA VAL A 168 9.59 9.49 -1.26
C VAL A 168 8.25 9.18 -1.88
N GLY A 169 7.97 9.72 -3.08
CA GLY A 169 6.72 9.41 -3.74
C GLY A 169 6.59 7.96 -4.15
N ASP A 170 7.72 7.28 -4.35
CA ASP A 170 7.66 5.85 -4.65
C ASP A 170 7.42 5.02 -3.39
N TRP A 171 7.97 5.46 -2.25
CA TRP A 171 7.78 4.72 -1.01
C TRP A 171 6.34 4.84 -0.52
N LEU A 172 5.76 6.04 -0.60
CA LEU A 172 4.38 6.24 -0.18
C LEU A 172 3.40 5.49 -1.08
N GLU A 173 3.82 5.09 -2.27
CA GLU A 173 2.98 4.27 -3.15
C GLU A 173 2.72 2.89 -2.55
N LYS A 174 3.45 2.50 -1.51
CA LYS A 174 3.27 1.23 -0.83
C LYS A 174 2.35 1.34 0.39
N ARG A 175 1.69 2.49 0.56
CA ARG A 175 0.68 2.72 1.59
C ARG A 175 1.20 2.47 3.00
N PRO A 176 2.16 3.26 3.49
CA PRO A 176 2.60 3.12 4.89
C PRO A 176 1.62 3.79 5.85
N GLY A 177 1.40 3.14 6.99
CA GLY A 177 0.42 3.63 7.95
C GLY A 177 0.86 4.91 8.64
N ALA A 178 2.17 5.09 8.83
CA ALA A 178 2.69 6.29 9.46
C ALA A 178 3.93 6.73 8.70
N PHE A 179 4.13 8.04 8.62
CA PHE A 179 5.32 8.56 7.97
C PHE A 179 5.64 9.95 8.52
N CYS A 180 6.89 10.36 8.32
CA CYS A 180 7.37 11.64 8.81
C CYS A 180 8.58 12.04 7.94
N ILE A 181 8.31 12.73 6.84
CA ILE A 181 9.32 13.08 5.85
C ILE A 181 9.54 14.59 5.89
N LYS A 182 10.80 15.00 5.74
CA LYS A 182 11.21 16.38 5.97
C LYS A 182 11.08 17.19 4.68
N VAL A 183 10.24 18.21 4.72
CA VAL A 183 10.15 19.20 3.65
C VAL A 183 11.03 20.39 4.06
N LEU A 184 12.05 20.67 3.25
CA LEU A 184 13.00 21.73 3.62
C LEU A 184 12.50 23.10 3.21
N CYS A 185 11.85 23.20 2.06
CA CYS A 185 11.43 24.48 1.47
C CYS A 185 9.94 24.43 1.16
N PRO A 186 9.08 24.65 2.16
CA PRO A 186 7.63 24.59 1.94
C PRO A 186 6.96 25.92 1.61
N TYR A 187 7.71 27.00 1.40
CA TYR A 187 7.15 28.34 1.45
C TYR A 187 6.99 29.01 0.08
N THR A 188 7.38 28.36 -1.01
CA THR A 188 7.28 29.01 -2.31
C THR A 188 5.93 28.67 -2.97
N SER A 189 5.61 29.44 -4.00
CA SER A 189 4.35 29.23 -4.72
C SER A 189 4.33 27.85 -5.38
N THR A 190 5.43 27.46 -6.01
CA THR A 190 5.48 26.16 -6.67
C THR A 190 5.47 25.03 -5.65
N MET A 191 6.20 25.19 -4.54
CA MET A 191 6.24 24.15 -3.52
C MET A 191 4.92 24.01 -2.78
N MET A 192 4.03 25.00 -2.86
CA MET A 192 2.78 24.92 -2.12
C MET A 192 1.75 24.05 -2.83
N GLU A 193 1.63 24.18 -4.15
CA GLU A 193 0.73 23.30 -4.90
C GLU A 193 1.42 22.04 -5.39
N THR A 194 2.72 21.88 -5.10
CA THR A 194 3.32 20.54 -5.12
C THR A 194 2.91 19.78 -3.87
N MET A 195 2.89 20.45 -2.72
CA MET A 195 2.40 19.83 -1.49
C MET A 195 0.89 19.69 -1.48
N GLU A 196 0.16 20.56 -2.20
CA GLU A 196 -1.29 20.44 -2.23
C GLU A 196 -1.72 19.16 -2.94
N ARG A 197 -1.02 18.79 -4.02
CA ARG A 197 -1.33 17.53 -4.69
C ARG A 197 -0.92 16.35 -3.83
N LEU A 198 0.27 16.41 -3.22
CA LEU A 198 0.75 15.29 -2.42
C LEU A 198 -0.10 15.07 -1.19
N GLN A 199 -0.79 16.11 -0.71
CA GLN A 199 -1.66 15.95 0.45
C GLN A 199 -2.97 15.28 0.07
N ARG A 200 -3.52 15.61 -1.11
CA ARG A 200 -4.71 14.91 -1.57
C ARG A 200 -4.43 13.43 -1.77
N ARG A 201 -3.21 13.09 -2.18
CA ARG A 201 -2.93 11.71 -2.57
C ARG A 201 -2.51 10.85 -1.37
N HIS A 202 -1.84 11.44 -0.38
CA HIS A 202 -1.28 10.66 0.72
C HIS A 202 -1.71 11.13 2.10
N GLY A 203 -2.40 12.26 2.22
CA GLY A 203 -2.85 12.72 3.51
C GLY A 203 -1.74 13.36 4.33
N GLY A 204 -2.04 13.55 5.62
CA GLY A 204 -1.12 14.18 6.53
C GLY A 204 -1.04 15.68 6.30
N GLY A 205 -0.28 16.33 7.17
CA GLY A 205 -0.11 17.78 7.08
C GLY A 205 1.32 18.23 7.29
N LEU A 206 1.51 19.53 7.45
CA LEU A 206 2.82 20.12 7.72
C LEU A 206 2.84 20.62 9.16
N VAL A 207 3.86 20.23 9.91
CA VAL A 207 4.05 20.62 11.30
C VAL A 207 5.41 21.29 11.43
N ARG A 208 5.45 22.38 12.20
CA ARG A 208 6.68 23.07 12.54
C ARG A 208 7.11 22.64 13.95
N VAL A 209 8.29 22.04 14.04
CA VAL A 209 8.81 21.56 15.33
C VAL A 209 9.56 22.70 15.99
N PRO A 210 9.17 23.13 17.20
CA PRO A 210 9.82 24.29 17.83
C PRO A 210 11.30 24.08 18.10
N LEU A 211 11.79 22.84 18.14
CA LEU A 211 13.20 22.57 18.36
C LEU A 211 14.02 22.84 17.09
N SER A 212 13.82 24.00 16.48
CA SER A 212 14.49 24.34 15.23
C SER A 212 14.88 25.81 15.25
N ARG A 213 16.13 26.10 14.89
CA ARG A 213 16.57 27.48 14.79
C ARG A 213 15.72 28.24 13.79
N ASN A 214 15.58 29.55 14.04
CA ASN A 214 14.74 30.38 13.19
C ASN A 214 15.34 30.64 11.81
N SER A 215 16.51 30.06 11.51
CA SER A 215 17.21 30.32 10.26
C SER A 215 16.77 29.40 9.12
N THR A 216 15.90 28.43 9.39
CA THR A 216 15.34 27.58 8.35
C THR A 216 13.83 27.49 8.52
N HIS A 217 13.14 27.38 7.38
CA HIS A 217 11.69 27.26 7.35
C HIS A 217 11.23 25.81 7.32
N GLU A 218 12.11 24.87 7.65
CA GLU A 218 11.82 23.45 7.45
C GLU A 218 10.63 23.01 8.29
N MET A 219 9.72 22.26 7.65
CA MET A 219 8.57 21.67 8.32
C MET A 219 8.51 20.21 7.93
N TYR A 220 7.95 19.40 8.82
CA TYR A 220 7.90 17.95 8.62
C TYR A 220 6.50 17.54 8.17
N TRP A 221 6.44 16.83 7.04
CA TRP A 221 5.20 16.27 6.52
C TRP A 221 4.92 14.98 7.30
N VAL A 222 4.03 15.06 8.28
CA VAL A 222 3.72 13.93 9.15
C VAL A 222 2.30 13.44 8.83
N SER A 223 1.98 12.25 9.35
CA SER A 223 0.74 11.56 9.00
C SER A 223 -0.41 11.84 9.96
N GLY A 224 -0.12 12.09 11.24
CA GLY A 224 -1.17 12.39 12.20
C GLY A 224 -1.68 13.81 12.17
N ALA A 225 -1.20 14.63 11.24
CA ALA A 225 -1.64 16.00 11.10
C ALA A 225 -2.61 16.13 9.93
N LYS A 226 -3.40 17.20 9.96
CA LYS A 226 -4.33 17.47 8.86
C LYS A 226 -4.62 18.95 8.71
N SER A 227 -3.81 19.82 9.30
CA SER A 227 -3.97 21.26 9.11
C SER A 227 -3.82 21.60 7.63
N ASN A 228 -4.58 22.61 7.19
CA ASN A 228 -4.53 23.02 5.79
C ASN A 228 -3.12 23.50 5.44
N ILE A 229 -2.72 23.22 4.20
CA ILE A 229 -1.32 23.37 3.82
C ILE A 229 -0.89 24.83 3.82
N ILE A 230 -1.61 25.67 3.08
CA ILE A 230 -1.25 27.08 3.01
C ILE A 230 -1.37 27.73 4.38
N LYS A 231 -2.39 27.34 5.15
CA LYS A 231 -2.52 27.86 6.52
C LYS A 231 -1.36 27.39 7.40
N SER A 232 -0.90 26.15 7.20
CA SER A 232 0.21 25.63 8.00
C SER A 232 1.50 26.38 7.67
N VAL A 233 1.84 26.47 6.38
CA VAL A 233 3.10 27.08 5.99
C VAL A 233 3.13 28.57 6.32
N SER A 234 2.00 29.26 6.12
CA SER A 234 1.97 30.70 6.31
C SER A 234 2.00 31.10 7.79
N THR A 235 1.25 30.40 8.63
CA THR A 235 1.25 30.71 10.05
C THR A 235 2.66 30.60 10.63
N THR A 236 3.46 29.65 10.13
CA THR A 236 4.85 29.56 10.55
C THR A 236 5.66 30.76 10.06
N SER A 237 5.39 31.22 8.85
CA SER A 237 6.10 32.39 8.31
C SER A 237 5.82 33.62 9.16
N GLN A 238 4.59 33.76 9.66
CA GLN A 238 4.26 34.89 10.52
C GLN A 238 5.03 34.82 11.84
N LEU A 239 5.28 33.61 12.34
CA LEU A 239 6.09 33.46 13.54
C LEU A 239 7.55 33.81 13.27
N LEU A 240 8.11 33.34 12.16
CA LEU A 240 9.51 33.64 11.85
C LEU A 240 9.71 35.11 11.53
N LEU A 241 8.77 35.71 10.78
CA LEU A 241 8.85 37.15 10.53
C LEU A 241 8.71 37.94 11.82
N GLY A 242 7.78 37.53 12.69
CA GLY A 242 7.56 38.26 13.93
C GLY A 242 8.74 38.22 14.87
N ARG A 243 9.58 37.18 14.77
CA ARG A 243 10.75 37.09 15.64
C ARG A 243 11.90 37.98 15.20
N MET A 244 11.88 38.47 13.96
CA MET A 244 12.91 39.36 13.47
C MET A 244 12.86 40.75 14.10
N ASP A 245 11.87 41.02 14.95
CA ASP A 245 11.74 42.30 15.62
C ASP A 245 10.82 42.15 16.84
N GLY A 246 11.18 42.76 17.96
CA GLY A 246 12.41 43.53 18.06
C GLY A 246 13.44 42.93 19.01
N PRO A 247 13.12 42.85 20.30
CA PRO A 247 14.09 42.35 21.26
C PRO A 247 14.40 40.88 21.04
N ARG A 248 15.62 40.48 21.41
CA ARG A 248 15.99 39.08 21.40
C ARG A 248 15.39 38.39 22.61
N ARG A 249 14.72 37.27 22.37
CA ARG A 249 14.08 36.57 23.47
C ARG A 249 14.93 35.39 23.93
N PRO A 250 14.82 35.00 25.20
CA PRO A 250 15.62 33.88 25.69
C PRO A 250 15.25 32.56 25.02
N VAL A 251 16.20 31.63 25.05
CA VAL A 251 15.97 30.27 24.58
C VAL A 251 15.37 29.47 25.73
N LYS A 252 14.31 28.72 25.44
CA LYS A 252 13.71 27.83 26.41
C LYS A 252 14.37 26.46 26.31
N TYR A 253 14.74 25.89 27.46
CA TYR A 253 15.51 24.65 27.51
C TYR A 253 14.61 23.51 27.99
N GLU A 254 14.60 22.43 27.23
CA GLU A 254 13.97 21.18 27.63
C GLU A 254 15.03 20.21 28.14
N GLU A 255 14.56 19.10 28.71
CA GLU A 255 15.44 18.02 29.11
C GLU A 255 15.52 16.99 27.98
N ASP A 256 16.71 16.47 27.76
CA ASP A 256 16.92 15.52 26.66
C ASP A 256 16.27 14.19 26.98
N VAL A 257 15.81 13.50 25.93
CA VAL A 257 15.23 12.17 26.11
C VAL A 257 16.33 11.20 26.53
N ASN A 258 15.97 10.24 27.38
CA ASN A 258 16.89 9.21 27.84
C ASN A 258 16.36 7.88 27.33
N LEU A 259 17.03 7.33 26.30
CA LEU A 259 16.55 6.14 25.62
C LEU A 259 16.76 4.86 26.42
N GLY A 260 17.48 4.92 27.54
CA GLY A 260 17.72 3.75 28.34
C GLY A 260 18.81 2.86 27.74
N SER A 261 18.89 1.64 28.26
CA SER A 261 19.90 0.70 27.82
C SER A 261 19.34 -0.72 27.89
N GLY A 262 20.07 -1.64 27.27
CA GLY A 262 19.71 -3.04 27.23
C GLY A 262 19.19 -3.46 25.87
N THR A 263 18.66 -4.68 25.83
CA THR A 263 17.96 -5.20 24.67
C THR A 263 16.46 -5.29 24.99
N ARG A 264 15.66 -5.47 23.96
CA ARG A 264 14.22 -5.57 24.12
C ARG A 264 13.74 -6.95 23.67
N ALA A 265 12.75 -7.47 24.40
CA ALA A 265 12.18 -8.77 24.08
C ALA A 265 11.62 -8.76 22.66
N VAL A 266 11.59 -9.96 22.06
CA VAL A 266 11.26 -10.11 20.65
C VAL A 266 10.38 -11.35 20.48
N ALA A 267 9.61 -11.36 19.40
CA ALA A 267 8.77 -12.51 19.08
C ALA A 267 9.62 -13.75 18.89
N SER A 268 9.26 -14.82 19.60
CA SER A 268 10.03 -16.06 19.57
C SER A 268 9.37 -17.05 18.62
N CYS A 269 10.16 -17.57 17.68
CA CYS A 269 9.74 -18.67 16.82
C CYS A 269 10.69 -19.85 16.92
N ALA A 270 11.43 -19.96 18.03
CA ALA A 270 12.44 -20.99 18.19
C ALA A 270 11.81 -22.35 18.42
N GLU A 271 12.50 -23.39 17.95
CA GLU A 271 11.99 -24.75 18.01
C GLU A 271 11.87 -25.23 19.46
N ALA A 272 11.02 -26.22 19.66
CA ALA A 272 10.79 -26.73 21.01
C ALA A 272 12.00 -27.52 21.50
N PRO A 273 12.56 -27.18 22.66
CA PRO A 273 13.72 -27.91 23.16
C PRO A 273 13.40 -29.37 23.46
N ASN A 274 14.44 -30.20 23.40
CA ASN A 274 14.36 -31.61 23.77
C ASN A 274 15.00 -31.79 25.14
N MET A 275 14.28 -31.38 26.19
CA MET A 275 14.82 -31.39 27.54
C MET A 275 15.17 -32.78 28.05
N LYS A 276 14.74 -33.84 27.35
CA LYS A 276 15.24 -35.17 27.67
C LYS A 276 16.69 -35.33 27.23
N ILE A 277 17.13 -34.56 26.23
CA ILE A 277 18.48 -34.63 25.70
C ILE A 277 19.34 -33.56 26.36
N ILE A 278 18.97 -32.29 26.17
CA ILE A 278 19.79 -31.18 26.64
C ILE A 278 19.53 -30.81 28.09
N GLY A 279 18.58 -31.48 28.76
CA GLY A 279 18.16 -31.04 30.08
C GLY A 279 19.26 -31.11 31.12
N ARG A 280 20.05 -32.18 31.09
CA ARG A 280 21.09 -32.34 32.11
C ARG A 280 22.16 -31.28 31.99
N ARG A 281 22.50 -30.87 30.77
CA ARG A 281 23.52 -29.84 30.59
C ARG A 281 23.01 -28.48 31.04
N ILE A 282 21.73 -28.18 30.80
CA ILE A 282 21.16 -26.94 31.30
C ILE A 282 21.17 -26.92 32.82
N GLU A 283 20.77 -28.04 33.44
CA GLU A 283 20.76 -28.12 34.90
C GLU A 283 22.16 -28.01 35.47
N ARG A 284 23.15 -28.59 34.79
CA ARG A 284 24.52 -28.53 35.29
C ARG A 284 25.06 -27.11 35.25
N ILE A 285 24.72 -26.34 34.22
CA ILE A 285 25.18 -24.96 34.14
C ILE A 285 24.44 -24.09 35.15
N ARG A 286 23.13 -24.29 35.28
CA ARG A 286 22.35 -23.49 36.22
C ARG A 286 22.82 -23.70 37.65
N ASN A 287 23.15 -24.95 38.01
CA ASN A 287 23.57 -25.24 39.38
C ASN A 287 24.96 -24.68 39.66
N GLU A 288 25.81 -24.56 38.65
CA GLU A 288 27.17 -24.05 38.88
C GLU A 288 27.16 -22.57 39.23
N HIS A 289 26.37 -21.77 38.52
CA HIS A 289 26.21 -20.35 38.79
C HIS A 289 24.89 -20.05 39.47
N ALA A 290 24.44 -20.95 40.36
CA ALA A 290 23.11 -20.83 40.95
C ALA A 290 22.94 -19.54 41.73
N GLU A 291 24.03 -18.94 42.21
CA GLU A 291 23.92 -17.78 43.08
C GLU A 291 23.54 -16.53 42.29
N THR A 292 23.87 -16.47 41.00
CA THR A 292 23.55 -15.31 40.17
C THR A 292 22.63 -15.67 39.01
N TRP A 293 22.04 -16.86 39.02
CA TRP A 293 21.21 -17.29 37.90
C TRP A 293 19.88 -16.56 37.89
N PHE A 294 19.39 -16.24 36.69
CA PHE A 294 18.10 -15.60 36.53
C PHE A 294 17.66 -15.73 35.07
N LEU A 295 16.40 -15.38 34.83
CA LEU A 295 15.80 -15.37 33.50
C LEU A 295 15.54 -13.92 33.09
N ASP A 296 16.09 -13.53 31.96
CA ASP A 296 15.95 -12.17 31.45
C ASP A 296 14.75 -12.09 30.52
N GLU A 297 13.77 -11.25 30.89
CA GLU A 297 12.60 -11.04 30.06
C GLU A 297 12.91 -10.30 28.76
N ASN A 298 14.11 -9.74 28.63
CA ASN A 298 14.45 -8.87 27.50
C ASN A 298 15.52 -9.49 26.60
N HIS A 299 15.63 -10.82 26.57
CA HIS A 299 16.64 -11.45 25.74
C HIS A 299 16.28 -11.30 24.26
N PRO A 300 17.30 -11.25 23.38
CA PRO A 300 17.04 -10.91 21.97
C PRO A 300 17.08 -12.10 21.01
N TYR A 301 16.67 -13.28 21.47
CA TYR A 301 16.83 -14.51 20.68
C TYR A 301 15.50 -14.85 20.00
N ARG A 302 15.44 -14.62 18.70
CA ARG A 302 14.27 -14.99 17.91
C ARG A 302 14.19 -16.51 17.74
N THR A 303 15.22 -17.11 17.15
CA THR A 303 15.17 -18.48 16.66
C THR A 303 16.08 -19.43 17.44
N TRP A 304 16.53 -19.03 18.62
CA TRP A 304 17.20 -19.92 19.55
C TRP A 304 16.37 -20.02 20.82
N ALA A 305 16.28 -21.23 21.38
CA ALA A 305 15.63 -21.40 22.66
C ALA A 305 16.48 -20.77 23.76
N TYR A 306 15.83 -20.12 24.71
CA TYR A 306 16.50 -19.39 25.78
C TYR A 306 16.27 -20.10 27.10
N HIS A 307 17.34 -20.27 27.88
CA HIS A 307 17.29 -21.06 29.10
C HIS A 307 17.71 -20.31 30.36
N GLY A 308 18.35 -19.16 30.25
CA GLY A 308 18.71 -18.39 31.43
C GLY A 308 20.00 -17.62 31.22
N SER A 309 20.33 -16.81 32.23
CA SER A 309 21.49 -15.94 32.18
C SER A 309 22.12 -15.83 33.56
N TYR A 310 23.41 -15.52 33.58
CA TYR A 310 24.13 -15.27 34.83
C TYR A 310 25.24 -14.27 34.56
N GLU A 311 25.54 -13.45 35.57
CA GLU A 311 26.54 -12.39 35.43
C GLU A 311 27.92 -12.98 35.13
N ALA A 312 28.60 -12.40 34.15
CA ALA A 312 29.88 -12.89 33.67
C ALA A 312 30.77 -11.72 33.30
N PRO A 313 32.09 -11.89 33.40
CA PRO A 313 33.00 -10.82 32.96
C PRO A 313 33.11 -10.76 31.43
N THR A 314 33.49 -9.58 30.96
CA THR A 314 33.57 -9.32 29.53
C THR A 314 34.82 -9.97 28.93
N GLN A 315 34.82 -10.10 27.61
CA GLN A 315 35.93 -10.69 26.87
C GLN A 315 36.13 -9.93 25.57
N GLY A 316 37.25 -10.20 24.91
CA GLY A 316 37.53 -9.62 23.62
C GLY A 316 37.88 -8.14 23.69
N SER A 317 38.18 -7.58 22.52
CA SER A 317 38.49 -6.17 22.39
C SER A 317 38.09 -5.69 21.01
N ALA A 318 37.99 -4.37 20.86
CA ALA A 318 37.70 -3.73 19.58
C ALA A 318 38.90 -2.96 19.04
N SER A 319 40.08 -3.20 19.58
CA SER A 319 41.27 -2.42 19.23
C SER A 319 42.04 -3.06 18.08
N SER A 320 42.72 -2.21 17.32
CA SER A 320 43.48 -2.63 16.14
C SER A 320 44.72 -1.76 16.03
N LEU A 321 45.89 -2.38 16.06
CA LEU A 321 47.15 -1.67 15.94
C LEU A 321 47.60 -1.66 14.48
N VAL A 322 48.70 -0.94 14.22
CA VAL A 322 49.27 -0.82 12.89
C VAL A 322 50.70 -1.33 12.93
N ASN A 323 51.09 -2.09 11.91
CA ASN A 323 52.46 -2.59 11.79
C ASN A 323 53.34 -1.47 11.26
N GLY A 324 54.24 -0.97 12.10
CA GLY A 324 55.02 0.20 11.73
C GLY A 324 55.99 -0.04 10.59
N VAL A 325 56.53 -1.25 10.48
CA VAL A 325 57.56 -1.48 9.47
C VAL A 325 56.93 -1.74 8.09
N VAL A 326 55.74 -2.33 8.04
CA VAL A 326 55.02 -2.44 6.77
C VAL A 326 54.50 -1.07 6.36
N ARG A 327 54.00 -0.30 7.33
CA ARG A 327 53.43 1.01 7.05
C ARG A 327 54.48 1.96 6.46
N LEU A 328 55.71 1.89 6.95
CA LEU A 328 56.77 2.75 6.42
C LEU A 328 57.18 2.32 5.02
N LEU A 329 57.32 1.00 4.79
CA LEU A 329 57.72 0.48 3.48
C LEU A 329 56.57 0.46 2.48
N SER A 330 55.35 0.82 2.88
CA SER A 330 54.23 0.88 1.96
C SER A 330 53.62 2.28 1.98
N LYS A 331 54.46 3.30 1.82
CA LYS A 331 54.00 4.68 1.88
C LYS A 331 52.95 5.03 0.82
N PRO A 332 53.12 4.68 -0.47
CA PRO A 332 52.14 5.14 -1.48
C PRO A 332 50.74 4.59 -1.29
N TRP A 333 50.52 3.65 -0.36
CA TRP A 333 49.21 3.11 -0.11
C TRP A 333 48.54 3.73 1.11
N ASP A 334 49.13 4.78 1.68
CA ASP A 334 48.49 5.49 2.79
C ASP A 334 47.29 6.31 2.34
N VAL A 335 47.09 6.49 1.03
CA VAL A 335 45.96 7.23 0.50
C VAL A 335 44.95 6.33 -0.17
N VAL A 336 45.19 5.02 -0.23
CA VAL A 336 44.25 4.07 -0.80
C VAL A 336 43.34 3.59 0.32
N THR A 337 42.05 3.93 0.24
CA THR A 337 41.09 3.41 1.20
C THR A 337 40.99 1.89 1.14
N GLY A 338 41.39 1.30 0.01
CA GLY A 338 41.36 -0.15 -0.13
C GLY A 338 42.28 -0.89 0.81
N VAL A 339 43.22 -0.19 1.44
CA VAL A 339 44.15 -0.84 2.36
C VAL A 339 44.04 -0.18 3.73
N THR A 340 43.79 1.14 3.77
CA THR A 340 43.69 1.82 5.05
C THR A 340 42.45 1.42 5.83
N GLY A 341 41.41 0.93 5.14
CA GLY A 341 40.21 0.49 5.83
C GLY A 341 40.35 -0.84 6.53
N ILE A 342 41.29 -1.67 6.10
CA ILE A 342 41.46 -2.99 6.70
C ILE A 342 41.96 -2.84 8.13
N ALA A 343 41.16 -3.30 9.08
CA ALA A 343 41.55 -3.29 10.49
C ALA A 343 40.91 -4.49 11.17
N MET A 344 41.41 -4.82 12.35
CA MET A 344 40.93 -5.98 13.09
C MET A 344 39.44 -5.86 13.39
N THR A 345 38.80 -7.00 13.63
CA THR A 345 37.38 -7.02 13.94
C THR A 345 37.16 -6.87 15.45
N ASP A 346 35.90 -6.66 15.82
CA ASP A 346 35.51 -6.33 17.19
C ASP A 346 34.89 -7.57 17.84
N THR A 347 35.57 -8.12 18.84
CA THR A 347 35.16 -9.37 19.47
C THR A 347 34.59 -9.17 20.87
N THR A 348 34.29 -7.93 21.26
CA THR A 348 33.60 -7.70 22.52
C THR A 348 32.19 -8.29 22.45
N PRO A 349 31.53 -8.50 23.59
CA PRO A 349 30.14 -8.98 23.55
C PRO A 349 29.23 -8.18 22.63
N TYR A 350 29.35 -6.85 22.63
CA TYR A 350 28.56 -6.05 21.69
C TYR A 350 29.02 -6.29 20.25
N GLY A 351 30.33 -6.45 20.05
CA GLY A 351 30.85 -6.59 18.70
C GLY A 351 30.36 -7.84 17.99
N GLN A 352 30.13 -8.92 18.74
CA GLN A 352 29.66 -10.16 18.14
C GLN A 352 28.13 -10.25 18.15
N GLN A 353 27.50 -9.89 19.27
CA GLN A 353 26.04 -9.91 19.34
C GLN A 353 25.42 -9.01 18.27
N ARG A 354 26.14 -7.97 17.84
CA ARG A 354 25.64 -7.10 16.79
C ARG A 354 25.55 -7.84 15.46
N VAL A 355 26.51 -8.71 15.18
CA VAL A 355 26.45 -9.52 13.96
C VAL A 355 25.59 -10.77 14.16
N PHE A 356 25.59 -11.30 15.40
CA PHE A 356 24.83 -12.51 15.69
C PHE A 356 23.35 -12.35 15.39
N LYS A 357 22.77 -11.21 15.78
CA LYS A 357 21.33 -11.02 15.66
C LYS A 357 20.86 -11.04 14.21
N GLU A 358 21.70 -10.59 13.28
CA GLU A 358 21.32 -10.52 11.87
C GLU A 358 21.69 -11.79 11.10
N LYS A 359 22.81 -12.41 11.44
CA LYS A 359 23.37 -13.50 10.65
C LYS A 359 23.05 -14.88 11.21
N VAL A 360 23.12 -15.07 12.53
CA VAL A 360 23.05 -16.41 13.09
C VAL A 360 21.68 -16.67 13.73
N ASP A 361 21.02 -15.61 14.21
CA ASP A 361 19.66 -15.75 14.72
C ASP A 361 18.71 -15.70 13.53
N THR A 362 18.71 -16.80 12.77
CA THR A 362 17.85 -16.97 11.61
C THR A 362 17.17 -18.33 11.69
N ARG A 363 16.25 -18.57 10.76
CA ARG A 363 15.49 -19.82 10.74
C ARG A 363 14.95 -20.01 9.33
N VAL A 364 15.58 -20.90 8.56
CA VAL A 364 15.17 -21.20 7.19
C VAL A 364 14.06 -22.25 7.23
N PRO A 365 12.98 -22.07 6.47
CA PRO A 365 11.88 -23.05 6.50
C PRO A 365 12.32 -24.42 6.02
N ASP A 366 11.64 -25.44 6.55
CA ASP A 366 11.93 -26.81 6.16
C ASP A 366 11.80 -26.97 4.65
N PRO A 367 12.73 -27.68 4.00
CA PRO A 367 12.53 -28.02 2.59
C PRO A 367 11.26 -28.86 2.42
N GLN A 368 10.74 -28.86 1.18
CA GLN A 368 9.53 -29.60 0.91
C GLN A 368 9.80 -31.11 0.99
N GLU A 369 8.76 -31.90 0.72
CA GLU A 369 8.88 -33.35 0.89
C GLU A 369 9.61 -34.01 -0.26
N GLY A 370 9.30 -33.62 -1.51
CA GLY A 370 10.05 -34.14 -2.64
C GLY A 370 11.51 -33.74 -2.60
N THR A 371 11.78 -32.48 -2.21
CA THR A 371 13.16 -32.02 -2.03
C THR A 371 13.87 -32.89 -1.00
N ARG A 372 13.25 -33.05 0.17
CA ARG A 372 13.86 -33.83 1.25
C ARG A 372 14.18 -35.25 0.82
N GLN A 373 13.42 -35.79 -0.14
CA GLN A 373 13.69 -37.15 -0.63
C GLN A 373 14.88 -37.17 -1.58
N VAL A 374 14.93 -36.22 -2.53
CA VAL A 374 16.05 -36.14 -3.46
C VAL A 374 17.35 -36.00 -2.70
N MET A 375 17.36 -35.12 -1.69
CA MET A 375 18.52 -34.99 -0.81
C MET A 375 18.91 -36.33 -0.21
N ASN A 376 17.93 -37.10 0.26
CA ASN A 376 18.22 -38.38 0.89
C ASN A 376 18.80 -39.38 -0.10
N ILE A 377 18.35 -39.34 -1.35
CA ILE A 377 18.86 -40.27 -2.36
C ILE A 377 20.30 -39.91 -2.72
N VAL A 378 20.55 -38.64 -3.02
CA VAL A 378 21.88 -38.22 -3.46
C VAL A 378 22.90 -38.39 -2.33
N SER A 379 22.48 -38.13 -1.10
CA SER A 379 23.42 -38.23 0.02
C SER A 379 23.76 -39.68 0.33
N SER A 380 22.79 -40.58 0.24
CA SER A 380 23.07 -41.99 0.46
C SER A 380 23.91 -42.57 -0.67
N TRP A 381 23.74 -42.04 -1.89
CA TRP A 381 24.58 -42.47 -3.01
C TRP A 381 26.00 -41.92 -2.89
N LEU A 382 26.14 -40.73 -2.30
CA LEU A 382 27.48 -40.12 -2.23
C LEU A 382 28.32 -40.77 -1.13
N TRP A 383 27.70 -41.16 -0.01
CA TRP A 383 28.45 -41.89 1.01
C TRP A 383 28.93 -43.25 0.49
N LYS A 384 28.05 -43.97 -0.21
CA LYS A 384 28.45 -45.24 -0.82
C LYS A 384 29.55 -45.04 -1.85
N GLU A 385 29.54 -43.90 -2.54
CA GLU A 385 30.60 -43.60 -3.50
C GLU A 385 31.91 -43.31 -2.79
N LEU A 386 31.87 -42.42 -1.79
CA LEU A 386 33.09 -42.07 -1.06
C LEU A 386 33.70 -43.27 -0.36
N GLY A 387 32.87 -44.21 0.09
CA GLY A 387 33.37 -45.31 0.91
C GLY A 387 33.62 -46.59 0.14
N LYS A 388 33.83 -46.50 -1.17
CA LYS A 388 34.07 -47.70 -1.97
C LYS A 388 35.42 -48.33 -1.64
N ARG A 389 36.51 -47.61 -1.93
CA ARG A 389 37.85 -48.07 -1.62
C ARG A 389 38.36 -47.49 -0.31
N LYS A 390 37.51 -47.46 0.72
CA LYS A 390 37.80 -46.76 1.96
C LYS A 390 36.75 -47.09 3.02
N ARG A 391 37.18 -47.48 4.22
CA ARG A 391 36.21 -47.87 5.25
C ARG A 391 36.34 -47.01 6.50
N PRO A 392 35.23 -46.69 7.16
CA PRO A 392 35.32 -45.92 8.41
C PRO A 392 35.99 -46.71 9.52
N ARG A 393 36.60 -45.98 10.44
CA ARG A 393 37.28 -46.58 11.58
C ARG A 393 37.22 -45.62 12.76
N VAL A 394 37.42 -46.18 13.95
CA VAL A 394 37.51 -45.36 15.16
C VAL A 394 38.94 -44.86 15.30
N CYS A 395 39.08 -43.55 15.54
CA CYS A 395 40.39 -42.98 15.79
C CYS A 395 40.71 -43.09 17.28
N THR A 396 42.01 -43.14 17.58
CA THR A 396 42.49 -43.48 18.92
C THR A 396 42.94 -42.24 19.68
N LYS A 397 43.02 -42.41 21.00
CA LYS A 397 43.61 -41.37 21.84
C LYS A 397 45.06 -41.11 21.46
N GLU A 398 45.79 -42.16 21.10
CA GLU A 398 47.19 -42.00 20.68
C GLU A 398 47.30 -41.15 19.43
N GLU A 399 46.28 -41.19 18.55
CA GLU A 399 46.25 -40.31 17.39
C GLU A 399 45.97 -38.87 17.80
N PHE A 400 44.98 -38.67 18.69
CA PHE A 400 44.55 -37.33 19.05
C PHE A 400 45.67 -36.54 19.71
N ILE A 401 46.53 -37.21 20.48
CA ILE A 401 47.61 -36.53 21.20
C ILE A 401 48.56 -35.88 20.20
N ASN A 402 48.97 -36.62 19.18
CA ASN A 402 49.91 -36.12 18.19
C ASN A 402 49.26 -35.20 17.16
N LYS A 403 48.08 -34.65 17.45
CA LYS A 403 47.41 -33.73 16.53
C LYS A 403 46.89 -32.47 17.21
N VAL A 404 47.18 -32.28 18.50
CA VAL A 404 46.82 -31.05 19.20
C VAL A 404 48.02 -30.12 19.19
N ARG A 405 47.86 -28.97 18.56
CA ARG A 405 48.95 -27.99 18.44
C ARG A 405 49.22 -27.37 19.81
N SER A 406 50.11 -26.37 19.83
CA SER A 406 50.31 -25.60 21.04
C SER A 406 49.12 -24.69 21.30
N ASN A 407 48.52 -24.15 20.25
CA ASN A 407 47.37 -23.25 20.37
C ASN A 407 46.05 -23.98 20.16
N ALA A 408 45.94 -25.20 20.68
CA ALA A 408 44.66 -25.88 20.74
C ALA A 408 43.89 -25.36 21.95
N ALA A 409 42.64 -24.96 21.73
CA ALA A 409 41.85 -24.34 22.80
C ALA A 409 41.38 -25.40 23.78
N LEU A 410 41.64 -25.17 25.06
CA LEU A 410 41.14 -26.05 26.12
C LEU A 410 39.63 -25.98 26.14
N GLY A 411 39.08 -24.82 26.50
CA GLY A 411 37.66 -24.58 26.38
C GLY A 411 36.80 -25.21 27.45
N ALA A 412 37.28 -25.28 28.69
CA ALA A 412 36.51 -25.87 29.77
C ALA A 412 35.24 -25.05 30.05
N ILE A 413 34.30 -25.68 30.74
CA ILE A 413 33.03 -25.03 31.07
C ILE A 413 32.67 -25.32 32.52
N PHE A 414 32.72 -26.58 32.91
CA PHE A 414 32.42 -26.98 34.27
C PHE A 414 33.70 -26.98 35.12
N GLU A 415 33.51 -26.81 36.43
CA GLU A 415 34.66 -26.62 37.33
C GLU A 415 35.62 -27.81 37.29
N GLU A 416 35.11 -29.02 37.10
CA GLU A 416 35.97 -30.20 37.07
C GLU A 416 36.90 -30.20 35.87
N GLU A 417 36.60 -29.41 34.85
CA GLU A 417 37.37 -29.37 33.63
C GLU A 417 38.38 -28.23 33.60
N LYS A 418 38.46 -27.43 34.66
CA LYS A 418 39.29 -26.22 34.71
C LYS A 418 40.60 -26.44 35.46
N GLU A 419 41.27 -27.57 35.24
CA GLU A 419 42.45 -27.92 36.03
C GLU A 419 43.76 -27.79 35.27
N TRP A 420 43.74 -27.29 34.04
CA TRP A 420 44.93 -27.28 33.20
C TRP A 420 45.11 -25.93 32.53
N LYS A 421 46.36 -25.52 32.35
CA LYS A 421 46.66 -24.23 31.74
C LYS A 421 46.66 -24.31 30.23
N THR A 422 47.13 -25.42 29.66
CA THR A 422 47.23 -25.59 28.22
C THR A 422 46.63 -26.92 27.81
N ALA A 423 46.46 -27.09 26.49
CA ALA A 423 45.85 -28.31 25.97
C ALA A 423 46.82 -29.48 25.97
N VAL A 424 48.07 -29.24 25.55
CA VAL A 424 49.06 -30.31 25.56
C VAL A 424 49.36 -30.77 26.98
N GLU A 425 49.24 -29.87 27.95
CA GLU A 425 49.40 -30.27 29.35
C GLU A 425 48.27 -31.16 29.81
N ALA A 426 47.04 -30.87 29.36
CA ALA A 426 45.88 -31.65 29.81
C ALA A 426 45.89 -33.06 29.23
N VAL A 427 46.33 -33.21 27.98
CA VAL A 427 46.24 -34.49 27.28
C VAL A 427 47.24 -35.49 27.85
N ASN A 428 48.09 -35.05 28.76
CA ASN A 428 49.01 -35.92 29.46
C ASN A 428 48.60 -36.19 30.91
N ASP A 429 47.52 -35.58 31.37
CA ASP A 429 47.02 -35.81 32.72
C ASP A 429 46.00 -36.93 32.70
N PRO A 430 46.25 -38.07 33.34
CA PRO A 430 45.25 -39.16 33.33
C PRO A 430 43.88 -38.75 33.85
N ARG A 431 43.79 -37.65 34.60
CA ARG A 431 42.47 -37.16 35.01
C ARG A 431 41.67 -36.69 33.81
N PHE A 432 42.34 -36.11 32.81
CA PHE A 432 41.65 -35.65 31.62
C PHE A 432 40.98 -36.81 30.88
N TRP A 433 41.71 -37.90 30.69
CA TRP A 433 41.14 -39.08 30.04
C TRP A 433 40.16 -39.82 30.93
N ALA A 434 40.12 -39.51 32.22
CA ALA A 434 39.06 -40.02 33.08
C ALA A 434 37.74 -39.31 32.80
N LEU A 435 37.80 -37.99 32.55
CA LEU A 435 36.60 -37.25 32.18
C LEU A 435 36.04 -37.73 30.85
N VAL A 436 36.94 -38.02 29.89
CA VAL A 436 36.50 -38.56 28.61
C VAL A 436 35.91 -39.95 28.80
N ASP A 437 36.62 -40.82 29.52
CA ASP A 437 36.10 -42.17 29.78
C ASP A 437 34.75 -42.11 30.49
N ARG A 438 34.57 -41.13 31.36
CA ARG A 438 33.31 -41.01 32.08
C ARG A 438 32.20 -40.47 31.18
N GLU A 439 32.54 -39.61 30.22
CA GLU A 439 31.53 -39.03 29.34
C GLU A 439 31.06 -40.05 28.31
N ARG A 440 31.98 -40.81 27.72
CA ARG A 440 31.58 -41.85 26.77
C ARG A 440 30.66 -42.88 27.41
N GLU A 441 30.87 -43.17 28.71
CA GLU A 441 29.94 -44.04 29.42
C GLU A 441 28.53 -43.47 29.42
N HIS A 442 28.40 -42.17 29.67
CA HIS A 442 27.10 -41.52 29.61
C HIS A 442 26.50 -41.65 28.21
N HIS A 443 27.32 -41.42 27.17
CA HIS A 443 26.85 -41.57 25.80
C HIS A 443 26.30 -42.97 25.56
N LEU A 444 27.04 -44.00 25.99
CA LEU A 444 26.59 -45.37 25.79
C LEU A 444 25.30 -45.67 26.55
N ARG A 445 24.99 -44.90 27.59
CA ARG A 445 23.73 -45.04 28.32
C ARG A 445 22.68 -44.04 27.85
N GLY A 446 22.89 -43.42 26.69
CA GLY A 446 21.89 -42.52 26.13
C GLY A 446 21.80 -41.18 26.78
N GLU A 447 22.85 -40.72 27.45
CA GLU A 447 22.85 -39.42 28.10
C GLU A 447 24.04 -38.59 27.61
N CYS A 448 24.02 -37.31 27.97
CA CYS A 448 25.10 -36.39 27.65
C CYS A 448 25.19 -35.38 28.78
N HIS A 449 26.39 -35.20 29.33
CA HIS A 449 26.57 -34.40 30.54
C HIS A 449 27.53 -33.23 30.38
N SER A 450 28.56 -33.33 29.54
CA SER A 450 29.60 -32.29 29.49
C SER A 450 29.67 -31.54 28.17
N CYS A 451 29.11 -32.08 27.09
CA CYS A 451 29.30 -31.54 25.75
C CYS A 451 28.45 -30.28 25.56
N VAL A 452 29.07 -29.12 25.76
CA VAL A 452 28.43 -27.82 25.59
C VAL A 452 29.34 -26.94 24.75
N TYR A 453 28.73 -26.06 23.96
CA TYR A 453 29.47 -25.20 23.03
C TYR A 453 29.90 -23.89 23.68
N ASN A 454 31.09 -23.43 23.28
CA ASN A 454 31.59 -22.09 23.61
C ASN A 454 31.49 -21.23 22.36
N MET A 455 30.88 -20.06 22.49
CA MET A 455 30.70 -19.16 21.36
C MET A 455 31.37 -17.82 21.66
N MET A 456 31.86 -17.18 20.61
CA MET A 456 32.61 -15.95 20.73
C MET A 456 32.83 -15.39 19.33
N GLY A 457 33.46 -14.22 19.27
CA GLY A 457 33.74 -13.59 18.00
C GLY A 457 35.13 -13.95 17.50
N LYS A 458 35.22 -14.24 16.21
CA LYS A 458 36.50 -14.53 15.57
C LYS A 458 37.22 -13.22 15.29
N ARG A 459 38.54 -13.24 15.47
CA ARG A 459 39.38 -12.06 15.35
C ARG A 459 40.03 -12.06 13.97
N GLU A 460 39.48 -11.26 13.07
CA GLU A 460 39.92 -11.22 11.68
C GLU A 460 40.38 -9.82 11.29
N LYS A 461 40.92 -9.72 10.08
CA LYS A 461 41.27 -8.46 9.43
C LYS A 461 40.28 -8.24 8.30
N LYS A 462 39.30 -7.37 8.51
CA LYS A 462 38.26 -7.10 7.53
C LYS A 462 38.11 -5.61 7.33
N GLN A 463 37.39 -5.23 6.27
CA GLN A 463 37.10 -3.83 6.02
C GLN A 463 36.17 -3.29 7.10
N GLY A 464 36.39 -2.03 7.48
CA GLY A 464 35.64 -1.43 8.56
C GLY A 464 34.20 -1.16 8.19
N GLU A 465 33.43 -0.79 9.22
CA GLU A 465 32.01 -0.47 9.07
C GLU A 465 31.74 0.85 9.78
N PHE A 466 31.10 1.78 9.07
CA PHE A 466 30.94 3.17 9.53
C PHE A 466 32.35 3.69 9.76
N GLY A 467 32.65 4.31 10.91
CA GLY A 467 34.00 4.76 11.16
C GLY A 467 34.85 3.73 11.88
N LYS A 468 34.19 2.76 12.50
CA LYS A 468 34.85 1.85 13.43
C LYS A 468 35.09 0.48 12.79
N ALA A 469 35.59 -0.45 13.60
CA ALA A 469 35.87 -1.79 13.15
C ALA A 469 34.59 -2.60 13.03
N LYS A 470 34.59 -3.54 12.09
CA LYS A 470 33.40 -4.34 11.83
C LYS A 470 33.13 -5.32 12.96
N GLY A 471 31.86 -5.71 13.09
CA GLY A 471 31.50 -6.77 14.00
C GLY A 471 32.15 -8.09 13.62
N SER A 472 32.15 -9.02 14.56
CA SER A 472 32.90 -10.25 14.43
C SER A 472 32.00 -11.43 14.11
N ARG A 473 32.50 -12.33 13.27
CA ARG A 473 31.83 -13.59 12.99
C ARG A 473 31.92 -14.50 14.20
N ALA A 474 30.96 -15.41 14.32
CA ALA A 474 30.90 -16.33 15.44
C ALA A 474 31.62 -17.63 15.13
N ILE A 475 32.42 -18.09 16.09
CA ILE A 475 33.03 -19.41 16.06
C ILE A 475 32.62 -20.15 17.33
N TRP A 476 32.28 -21.43 17.19
CA TRP A 476 31.85 -22.21 18.33
C TRP A 476 32.52 -23.57 18.32
N TYR A 477 33.04 -23.95 19.49
CA TYR A 477 33.70 -25.23 19.70
C TYR A 477 33.35 -25.73 21.10
N MET A 478 33.46 -27.04 21.29
CA MET A 478 33.19 -27.64 22.59
C MET A 478 34.49 -27.86 23.35
N TRP A 479 34.35 -28.26 24.62
CA TRP A 479 35.51 -28.47 25.47
C TRP A 479 36.33 -29.65 24.95
N LEU A 480 37.61 -29.68 25.36
CA LEU A 480 38.59 -30.56 24.72
C LEU A 480 38.18 -32.03 24.84
N GLY A 481 37.69 -32.44 26.02
CA GLY A 481 37.24 -33.80 26.19
C GLY A 481 36.06 -34.16 25.29
N ALA A 482 35.16 -33.20 25.05
CA ALA A 482 34.05 -33.44 24.13
C ALA A 482 34.52 -33.43 22.69
N ARG A 483 35.54 -32.62 22.38
CA ARG A 483 36.08 -32.59 21.03
C ARG A 483 36.84 -33.87 20.69
N PHE A 484 37.27 -34.65 21.70
CA PHE A 484 37.89 -35.93 21.43
C PHE A 484 36.84 -36.99 21.09
N LEU A 485 35.74 -37.03 21.86
CA LEU A 485 34.62 -37.90 21.51
C LEU A 485 34.16 -37.63 20.08
N GLU A 486 34.11 -36.36 19.70
CA GLU A 486 33.88 -36.00 18.30
C GLU A 486 34.92 -36.65 17.39
N PHE A 487 36.19 -36.66 17.82
CA PHE A 487 37.26 -37.09 16.96
C PHE A 487 37.29 -38.60 16.78
N GLU A 488 37.08 -39.36 17.87
CA GLU A 488 37.13 -40.81 17.76
C GLU A 488 35.90 -41.41 17.08
N ALA A 489 34.84 -40.63 16.87
CA ALA A 489 33.66 -41.11 16.19
C ALA A 489 33.60 -40.71 14.73
N LEU A 490 34.16 -39.54 14.37
CA LEU A 490 34.06 -39.02 13.01
C LEU A 490 35.38 -38.53 12.45
N GLY A 491 36.46 -38.52 13.24
CA GLY A 491 37.74 -38.03 12.76
C GLY A 491 38.31 -38.80 11.60
N PHE A 492 37.83 -40.04 11.37
CA PHE A 492 38.31 -40.82 10.25
C PHE A 492 38.10 -40.10 8.92
N LEU A 493 37.10 -39.21 8.86
CA LEU A 493 36.83 -38.47 7.63
C LEU A 493 37.99 -37.57 7.24
N ASN A 494 38.70 -37.03 8.24
CA ASN A 494 39.82 -36.13 7.98
C ASN A 494 41.15 -36.87 7.87
N GLU A 495 41.38 -37.85 8.75
CA GLU A 495 42.66 -38.55 8.78
C GLU A 495 42.80 -39.61 7.70
N ASP A 496 41.69 -40.02 7.06
CA ASP A 496 41.75 -40.94 5.93
C ASP A 496 41.44 -40.25 4.61
N HIS A 497 41.27 -38.92 4.61
CA HIS A 497 41.21 -38.12 3.38
C HIS A 497 40.04 -38.53 2.49
N TRP A 498 38.84 -38.55 3.08
CA TRP A 498 37.64 -38.90 2.33
C TRP A 498 37.30 -37.84 1.29
N MET A 499 37.58 -36.57 1.59
CA MET A 499 37.20 -35.47 0.72
C MET A 499 38.31 -35.07 -0.27
N GLY A 500 39.44 -35.77 -0.25
CA GLY A 500 40.46 -35.53 -1.25
C GLY A 500 39.95 -35.81 -2.65
N ARG A 501 40.65 -35.25 -3.64
CA ARG A 501 40.17 -35.33 -5.01
C ARG A 501 40.25 -36.76 -5.55
N GLU A 502 41.20 -37.55 -5.07
CA GLU A 502 41.31 -38.93 -5.53
C GLU A 502 40.07 -39.74 -5.15
N ASN A 503 39.46 -39.44 -4.01
CA ASN A 503 38.35 -40.24 -3.49
C ASN A 503 36.99 -39.68 -3.90
N SER A 504 36.84 -38.35 -3.92
CA SER A 504 35.55 -37.71 -4.16
C SER A 504 35.39 -37.17 -5.57
N GLY A 505 36.47 -37.02 -6.32
CA GLY A 505 36.39 -36.48 -7.66
C GLY A 505 36.14 -34.99 -7.72
N GLY A 506 35.40 -34.46 -6.74
CA GLY A 506 35.07 -33.05 -6.72
C GLY A 506 35.68 -32.30 -5.56
N GLY A 507 36.16 -33.03 -4.56
CA GLY A 507 36.81 -32.40 -3.43
C GLY A 507 38.19 -31.87 -3.77
N VAL A 508 38.77 -31.15 -2.81
CA VAL A 508 40.10 -30.57 -2.96
C VAL A 508 40.84 -30.63 -1.63
N GLU A 509 40.32 -31.41 -0.68
CA GLU A 509 40.85 -31.42 0.67
C GLU A 509 42.34 -31.79 0.68
N GLY A 510 43.10 -31.06 1.51
CA GLY A 510 44.52 -31.30 1.66
C GLY A 510 45.42 -30.48 0.76
N LEU A 511 44.89 -29.94 -0.33
CA LEU A 511 45.71 -29.19 -1.27
C LEU A 511 45.93 -27.77 -0.78
N GLY A 512 46.97 -27.14 -1.31
CA GLY A 512 47.29 -25.75 -1.04
C GLY A 512 46.97 -24.85 -2.22
N LEU A 513 47.16 -23.55 -1.98
CA LEU A 513 46.93 -22.56 -3.03
C LEU A 513 47.79 -22.80 -4.26
N GLN A 514 48.94 -23.44 -4.08
CA GLN A 514 49.89 -23.71 -5.14
C GLN A 514 49.46 -24.84 -6.07
N ARG A 515 48.21 -25.29 -6.03
CA ARG A 515 47.81 -26.45 -6.80
C ARG A 515 46.36 -26.34 -7.26
N LEU A 516 45.60 -25.39 -6.71
CA LEU A 516 44.19 -25.27 -7.05
C LEU A 516 44.00 -24.78 -8.48
N GLY A 517 44.92 -23.94 -8.98
CA GLY A 517 44.78 -23.43 -10.34
C GLY A 517 44.86 -24.50 -11.40
N TYR A 518 45.65 -25.55 -11.14
CA TYR A 518 45.74 -26.66 -12.09
C TYR A 518 44.45 -27.45 -12.17
N ILE A 519 43.60 -27.39 -11.14
CA ILE A 519 42.32 -28.08 -11.18
C ILE A 519 41.31 -27.32 -12.03
N LEU A 520 41.34 -25.98 -11.96
CA LEU A 520 40.45 -25.18 -12.80
C LEU A 520 40.86 -25.25 -14.27
N GLU A 521 42.17 -25.25 -14.53
CA GLU A 521 42.65 -25.37 -15.90
C GLU A 521 42.24 -26.71 -16.52
N GLU A 522 42.38 -27.79 -15.74
CA GLU A 522 41.92 -29.09 -16.22
C GLU A 522 40.41 -29.12 -16.42
N MET A 523 39.66 -28.47 -15.53
CA MET A 523 38.21 -28.45 -15.66
C MET A 523 37.76 -27.73 -16.91
N ASN A 524 38.56 -26.79 -17.42
CA ASN A 524 38.18 -26.06 -18.62
C ASN A 524 38.39 -26.88 -19.90
N ARG A 525 39.11 -28.00 -19.84
CA ARG A 525 39.33 -28.79 -21.04
C ARG A 525 38.12 -29.64 -21.41
N ALA A 526 37.35 -30.10 -20.43
CA ALA A 526 36.13 -30.82 -20.72
C ALA A 526 35.09 -29.88 -21.32
N PRO A 527 34.26 -30.35 -22.26
CA PRO A 527 33.27 -29.46 -22.88
C PRO A 527 32.16 -29.07 -21.93
N GLY A 528 31.26 -28.19 -22.39
CA GLY A 528 30.14 -27.75 -21.59
C GLY A 528 29.99 -26.25 -21.69
N GLY A 529 29.28 -25.68 -20.72
CA GLY A 529 29.01 -24.27 -20.67
C GLY A 529 30.02 -23.51 -19.83
N LYS A 530 29.62 -22.30 -19.45
CA LYS A 530 30.46 -21.43 -18.64
C LYS A 530 30.67 -22.04 -17.24
N MET A 531 31.65 -21.48 -16.52
CA MET A 531 31.91 -21.88 -15.15
C MET A 531 31.09 -21.02 -14.20
N TYR A 532 30.57 -21.65 -13.15
CA TYR A 532 29.71 -20.98 -12.19
C TYR A 532 30.27 -21.14 -10.79
N ALA A 533 30.38 -20.03 -10.05
CA ALA A 533 30.99 -20.00 -8.74
C ALA A 533 30.10 -19.29 -7.73
N ASP A 534 28.79 -19.61 -7.76
CA ASP A 534 27.87 -19.00 -6.80
C ASP A 534 28.23 -19.41 -5.38
N ASP A 535 27.97 -18.51 -4.44
CA ASP A 535 28.29 -18.73 -3.03
C ASP A 535 27.02 -18.62 -2.20
N THR A 536 26.83 -19.57 -1.27
CA THR A 536 25.72 -19.49 -0.35
C THR A 536 25.97 -18.39 0.68
N ALA A 537 24.95 -17.57 0.92
CA ALA A 537 25.05 -16.49 1.90
C ALA A 537 24.96 -17.08 3.30
N GLY A 538 26.08 -17.10 4.03
CA GLY A 538 26.11 -17.66 5.37
C GLY A 538 25.77 -19.14 5.38
N TRP A 539 26.71 -19.97 4.91
CA TRP A 539 26.44 -21.38 4.69
C TRP A 539 26.12 -22.11 5.99
N ASP A 540 26.94 -21.88 7.04
CA ASP A 540 26.79 -22.64 8.28
C ASP A 540 25.48 -22.38 8.99
N THR A 541 24.68 -21.40 8.54
CA THR A 541 23.37 -21.14 9.12
C THR A 541 22.23 -21.74 8.32
N ARG A 542 22.51 -22.35 7.16
CA ARG A 542 21.50 -22.96 6.33
C ARG A 542 21.51 -24.48 6.40
N ILE A 543 22.50 -25.08 7.06
CA ILE A 543 22.54 -26.52 7.28
C ILE A 543 21.33 -26.90 8.11
N SER A 544 20.28 -27.39 7.46
CA SER A 544 19.04 -27.70 8.12
C SER A 544 19.15 -29.00 8.90
N LYS A 545 18.10 -29.30 9.69
CA LYS A 545 18.04 -30.57 10.40
C LYS A 545 17.92 -31.76 9.45
N PHE A 546 17.51 -31.53 8.20
CA PHE A 546 17.51 -32.59 7.20
C PHE A 546 18.89 -32.77 6.60
N ASP A 547 19.62 -31.67 6.39
CA ASP A 547 21.02 -31.77 5.98
C ASP A 547 21.81 -32.60 6.98
N LEU A 548 21.53 -32.42 8.27
CA LEU A 548 22.23 -33.19 9.30
C LEU A 548 21.82 -34.66 9.27
N GLU A 549 20.54 -34.94 8.99
CA GLU A 549 20.09 -36.32 8.90
C GLU A 549 20.81 -37.06 7.77
N ASN A 550 21.05 -36.36 6.65
CA ASN A 550 21.71 -37.00 5.53
C ASN A 550 23.20 -37.22 5.80
N GLU A 551 23.83 -36.29 6.53
CA GLU A 551 25.23 -36.48 6.91
C GLU A 551 25.38 -37.67 7.85
N ALA A 552 24.37 -37.95 8.67
CA ALA A 552 24.41 -39.07 9.59
C ALA A 552 24.37 -40.42 8.89
N LEU A 553 24.12 -40.46 7.58
CA LEU A 553 24.06 -41.72 6.85
C LEU A 553 25.41 -42.39 6.70
N ILE A 554 26.51 -41.73 7.10
CA ILE A 554 27.81 -42.38 7.10
C ILE A 554 27.83 -43.52 8.11
N THR A 555 26.98 -43.46 9.14
CA THR A 555 26.96 -44.48 10.18
C THR A 555 26.40 -45.81 9.69
N ASN A 556 25.86 -45.87 8.47
CA ASN A 556 25.45 -47.16 7.92
C ASN A 556 26.66 -48.02 7.59
N GLN A 557 27.74 -47.41 7.09
CA GLN A 557 28.96 -48.13 6.73
C GLN A 557 29.89 -48.36 7.93
N MET A 558 29.37 -48.32 9.15
CA MET A 558 30.20 -48.45 10.34
C MET A 558 29.94 -49.78 11.03
N GLU A 559 30.99 -50.31 11.66
CA GLU A 559 30.82 -51.36 12.66
C GLU A 559 29.77 -50.92 13.67
N GLU A 560 28.96 -51.87 14.12
CA GLU A 560 27.77 -51.52 14.91
C GLU A 560 28.12 -50.62 16.09
N GLY A 561 29.18 -50.97 16.84
CA GLY A 561 29.56 -50.15 17.97
C GLY A 561 30.02 -48.77 17.57
N HIS A 562 30.75 -48.67 16.44
CA HIS A 562 31.15 -47.36 15.94
C HIS A 562 29.94 -46.53 15.55
N ARG A 563 28.92 -47.16 14.97
CA ARG A 563 27.68 -46.46 14.67
C ARG A 563 27.03 -45.92 15.93
N THR A 564 27.17 -46.63 17.05
CA THR A 564 26.56 -46.17 18.30
C THR A 564 27.23 -44.89 18.80
N LEU A 565 28.56 -44.85 18.77
CA LEU A 565 29.29 -43.67 19.26
C LEU A 565 29.01 -42.47 18.38
N ALA A 566 29.01 -42.66 17.05
CA ALA A 566 28.75 -41.55 16.15
C ALA A 566 27.35 -40.99 16.34
N LEU A 567 26.35 -41.85 16.54
CA LEU A 567 25.00 -41.37 16.73
C LEU A 567 24.84 -40.64 18.05
N ALA A 568 25.60 -41.02 19.08
CA ALA A 568 25.56 -40.26 20.32
C ALA A 568 26.18 -38.89 20.13
N VAL A 569 27.28 -38.80 19.39
CA VAL A 569 27.90 -37.52 19.08
C VAL A 569 27.05 -36.70 18.10
N ILE A 570 26.21 -37.35 17.30
CA ILE A 570 25.36 -36.63 16.36
C ILE A 570 24.02 -36.24 17.00
N LYS A 571 23.35 -37.20 17.65
CA LYS A 571 22.04 -36.93 18.23
C LYS A 571 22.11 -35.92 19.37
N TYR A 572 23.21 -35.90 20.13
CA TYR A 572 23.31 -35.08 21.32
C TYR A 572 24.13 -33.81 21.14
N THR A 573 24.85 -33.67 20.02
CA THR A 573 25.81 -32.58 19.90
C THR A 573 25.62 -31.80 18.59
N TYR A 574 25.26 -32.50 17.51
CA TYR A 574 25.05 -31.84 16.22
C TYR A 574 23.59 -31.50 15.96
N GLN A 575 22.67 -32.41 16.29
CA GLN A 575 21.24 -32.16 16.13
C GLN A 575 20.62 -31.48 17.34
N ASN A 576 21.32 -31.44 18.47
CA ASN A 576 20.93 -30.62 19.61
C ASN A 576 22.19 -29.93 20.12
N LYS A 577 22.15 -28.61 20.24
CA LYS A 577 23.30 -27.83 20.66
C LYS A 577 22.94 -27.02 21.91
N VAL A 578 23.82 -27.05 22.91
CA VAL A 578 23.74 -26.16 24.06
C VAL A 578 24.89 -25.17 23.94
N VAL A 579 24.57 -23.90 23.78
CA VAL A 579 25.55 -22.88 23.46
C VAL A 579 25.67 -21.89 24.62
N LYS A 580 26.92 -21.50 24.91
CA LYS A 580 27.23 -20.51 25.92
C LYS A 580 27.82 -19.28 25.23
N VAL A 581 27.28 -18.10 25.53
CA VAL A 581 27.71 -16.88 24.85
C VAL A 581 27.43 -15.69 25.75
N LEU A 582 28.23 -14.63 25.59
CA LEU A 582 28.09 -13.38 26.34
C LEU A 582 27.16 -12.42 25.61
N ARG A 583 26.58 -11.50 26.38
CA ARG A 583 25.71 -10.46 25.87
C ARG A 583 25.80 -9.24 26.76
N PRO A 584 25.84 -8.03 26.20
CA PRO A 584 25.75 -6.83 27.03
C PRO A 584 24.36 -6.67 27.63
N ALA A 585 24.32 -6.15 28.85
CA ALA A 585 23.09 -6.00 29.61
C ALA A 585 22.81 -4.51 29.83
N GLU A 586 21.73 -4.24 30.57
CA GLU A 586 21.37 -2.86 30.89
C GLU A 586 22.31 -2.32 31.95
N GLY A 587 23.09 -1.30 31.57
CA GLY A 587 23.96 -0.61 32.52
C GLY A 587 25.45 -0.80 32.30
N GLY A 588 25.85 -1.50 31.25
CA GLY A 588 27.25 -1.75 30.98
C GLY A 588 27.75 -3.09 31.46
N LYS A 589 27.07 -3.71 32.42
CA LYS A 589 27.42 -5.05 32.84
C LYS A 589 27.18 -6.03 31.69
N THR A 590 28.04 -7.05 31.62
CA THR A 590 27.91 -8.09 30.62
C THR A 590 27.46 -9.39 31.28
N VAL A 591 26.75 -10.21 30.52
CA VAL A 591 26.06 -11.37 31.06
C VAL A 591 26.23 -12.56 30.12
N MET A 592 26.12 -13.76 30.68
CA MET A 592 26.26 -14.99 29.91
C MET A 592 24.88 -15.58 29.65
N ASP A 593 24.58 -15.89 28.40
CA ASP A 593 23.31 -16.48 28.01
C ASP A 593 23.51 -17.95 27.66
N ILE A 594 22.57 -18.79 28.10
CA ILE A 594 22.53 -20.19 27.74
C ILE A 594 21.39 -20.37 26.75
N ILE A 595 21.73 -20.67 25.49
CA ILE A 595 20.75 -20.87 24.44
C ILE A 595 20.89 -22.29 23.90
N SER A 596 19.93 -22.68 23.07
CA SER A 596 19.97 -23.99 22.44
C SER A 596 19.32 -23.92 21.08
N ARG A 597 19.74 -24.85 20.20
CA ARG A 597 19.24 -24.88 18.83
C ARG A 597 19.34 -26.31 18.32
N GLN A 598 18.59 -26.58 17.23
CA GLN A 598 18.51 -27.93 16.69
C GLN A 598 18.86 -27.99 15.20
N ASP A 599 19.33 -26.91 14.61
CA ASP A 599 19.84 -26.94 13.24
C ASP A 599 21.13 -26.16 13.20
N GLN A 600 21.52 -25.70 12.00
CA GLN A 600 22.79 -25.01 11.76
C GLN A 600 23.99 -25.90 12.04
N ARG A 601 25.18 -25.40 11.71
CA ARG A 601 26.43 -26.12 11.92
C ARG A 601 27.37 -25.26 12.74
N GLY A 602 27.97 -25.85 13.78
CA GLY A 602 29.00 -25.17 14.53
C GLY A 602 30.29 -25.10 13.73
N SER A 603 30.98 -23.96 13.84
CA SER A 603 32.19 -23.74 13.05
C SER A 603 33.34 -24.62 13.51
N GLY A 604 33.41 -24.93 14.81
CA GLY A 604 34.54 -25.64 15.36
C GLY A 604 34.34 -27.12 15.60
N GLN A 605 33.33 -27.70 14.97
CA GLN A 605 33.19 -29.15 15.01
C GLN A 605 34.32 -29.79 14.22
N VAL A 606 34.73 -30.99 14.67
CA VAL A 606 35.92 -31.63 14.11
C VAL A 606 35.72 -31.94 12.63
N VAL A 607 34.49 -32.23 12.22
CA VAL A 607 34.19 -32.60 10.85
C VAL A 607 33.43 -31.49 10.11
N THR A 608 33.56 -30.23 10.55
CA THR A 608 32.86 -29.14 9.90
C THR A 608 33.26 -29.00 8.44
N TYR A 609 34.57 -28.95 8.17
CA TYR A 609 35.02 -28.80 6.79
C TYR A 609 34.60 -29.99 5.94
N ALA A 610 34.68 -31.20 6.49
CA ALA A 610 34.36 -32.39 5.71
C ALA A 610 32.88 -32.47 5.40
N LEU A 611 32.02 -32.21 6.39
CA LEU A 611 30.59 -32.32 6.17
C LEU A 611 30.07 -31.17 5.31
N ASN A 612 30.63 -29.97 5.47
CA ASN A 612 30.28 -28.87 4.58
C ASN A 612 30.64 -29.19 3.14
N THR A 613 31.79 -29.84 2.94
CA THR A 613 32.15 -30.30 1.60
C THR A 613 31.17 -31.33 1.09
N PHE A 614 30.76 -32.26 1.95
CA PHE A 614 29.82 -33.31 1.53
C PHE A 614 28.49 -32.72 1.11
N THR A 615 27.89 -31.87 1.96
CA THR A 615 26.59 -31.29 1.65
C THR A 615 26.65 -30.38 0.43
N ASN A 616 27.76 -29.66 0.25
CA ASN A 616 27.87 -28.77 -0.90
C ASN A 616 27.96 -29.57 -2.21
N LEU A 617 28.64 -30.72 -2.18
CA LEU A 617 28.64 -31.61 -3.33
C LEU A 617 27.22 -32.09 -3.64
N VAL A 618 26.50 -32.52 -2.61
CA VAL A 618 25.12 -32.97 -2.79
C VAL A 618 24.25 -31.86 -3.38
N VAL A 619 24.54 -30.62 -3.02
CA VAL A 619 23.75 -29.50 -3.53
C VAL A 619 23.99 -29.29 -5.02
N GLN A 620 25.28 -29.26 -5.43
CA GLN A 620 25.59 -29.02 -6.84
C GLN A 620 25.26 -30.23 -7.70
N LEU A 621 25.25 -31.43 -7.11
CA LEU A 621 24.82 -32.62 -7.83
C LEU A 621 23.32 -32.55 -8.14
N ILE A 622 22.54 -31.98 -7.23
CA ILE A 622 21.11 -31.82 -7.48
C ILE A 622 20.85 -30.70 -8.48
N ARG A 623 21.61 -29.61 -8.38
CA ARG A 623 21.40 -28.48 -9.29
C ARG A 623 21.71 -28.87 -10.73
N ASN A 624 22.63 -29.81 -10.94
CA ASN A 624 22.83 -30.35 -12.28
C ASN A 624 21.62 -31.13 -12.76
N MET A 625 20.94 -31.82 -11.84
CA MET A 625 19.75 -32.59 -12.23
C MET A 625 18.61 -31.68 -12.66
N GLU A 626 18.35 -30.61 -11.89
CA GLU A 626 17.30 -29.68 -12.27
C GLU A 626 17.62 -28.99 -13.60
N ALA A 627 18.91 -28.74 -13.87
CA ALA A 627 19.31 -28.08 -15.10
C ALA A 627 19.24 -29.00 -16.31
N GLU A 628 19.34 -30.32 -16.11
CA GLU A 628 19.28 -31.27 -17.21
C GLU A 628 17.89 -31.87 -17.39
N GLU A 629 16.87 -31.29 -16.74
CA GLU A 629 15.46 -31.67 -16.92
C GLU A 629 15.17 -33.07 -16.39
N VAL A 630 15.90 -33.51 -15.37
CA VAL A 630 15.52 -34.73 -14.67
C VAL A 630 14.44 -34.44 -13.64
N LEU A 631 14.58 -33.33 -12.91
CA LEU A 631 13.60 -32.90 -11.93
C LEU A 631 12.79 -31.73 -12.49
N GLU A 632 11.48 -31.78 -12.28
CA GLU A 632 10.55 -30.76 -12.74
C GLU A 632 10.09 -29.91 -11.57
N MET A 633 9.03 -29.14 -11.77
CA MET A 633 8.50 -28.30 -10.70
C MET A 633 7.51 -29.04 -9.82
N GLN A 634 6.83 -30.06 -10.34
CA GLN A 634 6.02 -30.93 -9.50
C GLN A 634 6.89 -31.76 -8.56
N ASP A 635 8.16 -31.96 -8.90
CA ASP A 635 9.03 -32.84 -8.12
C ASP A 635 9.36 -32.26 -6.75
N LEU A 636 9.34 -30.94 -6.60
CA LEU A 636 9.65 -30.34 -5.30
C LEU A 636 8.66 -30.80 -4.23
N TRP A 637 7.40 -30.97 -4.60
CA TRP A 637 6.38 -31.33 -3.62
C TRP A 637 6.38 -32.83 -3.32
N LEU A 638 6.34 -33.65 -4.35
CA LEU A 638 6.33 -35.11 -4.20
C LEU A 638 7.18 -35.71 -5.30
N LEU A 639 8.14 -36.56 -4.92
CA LEU A 639 9.07 -37.12 -5.88
C LEU A 639 8.35 -38.07 -6.83
N ARG A 640 8.31 -37.70 -8.11
CA ARG A 640 7.56 -38.42 -9.14
C ARG A 640 7.97 -39.88 -9.23
N LYS A 641 8.95 -40.18 -10.07
CA LYS A 641 9.50 -41.53 -10.19
C LYS A 641 10.91 -41.51 -9.64
N PRO A 642 11.14 -41.94 -8.39
CA PRO A 642 12.48 -41.81 -7.80
C PRO A 642 13.53 -42.62 -8.52
N GLU A 643 13.13 -43.65 -9.28
CA GLU A 643 14.10 -44.43 -10.04
C GLU A 643 14.84 -43.57 -11.06
N LYS A 644 14.23 -42.48 -11.52
CA LYS A 644 14.88 -41.62 -12.51
C LYS A 644 16.06 -40.85 -11.92
N VAL A 645 16.14 -40.75 -10.59
CA VAL A 645 17.29 -40.10 -9.96
C VAL A 645 18.44 -41.07 -9.81
N THR A 646 18.14 -42.28 -9.30
CA THR A 646 19.18 -43.29 -9.13
C THR A 646 19.86 -43.63 -10.46
N ARG A 647 19.13 -43.51 -11.57
CA ARG A 647 19.73 -43.82 -12.86
C ARG A 647 20.59 -42.68 -13.39
N TRP A 648 20.23 -41.43 -13.12
CA TRP A 648 21.06 -40.32 -13.54
C TRP A 648 22.40 -40.31 -12.81
N LEU A 649 22.42 -40.75 -11.55
CA LEU A 649 23.67 -40.82 -10.81
C LEU A 649 24.53 -41.99 -11.29
N GLN A 650 23.92 -43.16 -11.48
CA GLN A 650 24.66 -44.33 -11.93
C GLN A 650 25.28 -44.14 -13.30
N SER A 651 24.71 -43.25 -14.12
CA SER A 651 25.21 -43.01 -15.47
C SER A 651 26.15 -41.81 -15.56
N ASN A 652 25.86 -40.72 -14.86
CA ASN A 652 26.62 -39.49 -15.01
C ASN A 652 27.19 -38.94 -13.70
N GLY A 653 26.86 -39.55 -12.55
CA GLY A 653 27.18 -38.92 -11.29
C GLY A 653 28.66 -38.68 -11.08
N TRP A 654 29.49 -39.67 -11.42
CA TRP A 654 30.91 -39.54 -11.18
C TRP A 654 31.56 -38.51 -12.10
N ASP A 655 30.96 -38.27 -13.27
CA ASP A 655 31.52 -37.31 -14.21
C ASP A 655 31.19 -35.88 -13.80
N ARG A 656 29.96 -35.64 -13.33
CA ARG A 656 29.63 -34.32 -12.79
C ARG A 656 30.49 -34.00 -11.57
N LEU A 657 30.80 -35.02 -10.76
CA LEU A 657 31.70 -34.83 -9.63
C LEU A 657 33.09 -34.44 -10.11
N LYS A 658 33.57 -35.07 -11.18
CA LYS A 658 34.87 -34.69 -11.74
C LYS A 658 34.86 -33.27 -12.30
N ARG A 659 33.69 -32.71 -12.58
CA ARG A 659 33.56 -31.37 -13.12
C ARG A 659 33.46 -30.29 -12.04
N MET A 660 33.61 -30.65 -10.77
CA MET A 660 33.47 -29.71 -9.68
C MET A 660 34.79 -29.52 -8.93
N ALA A 661 34.78 -28.53 -8.03
CA ALA A 661 35.91 -28.27 -7.14
C ALA A 661 35.32 -27.59 -5.90
N VAL A 662 35.19 -28.34 -4.81
CA VAL A 662 34.46 -27.89 -3.63
C VAL A 662 35.38 -27.97 -2.43
N SER A 663 35.58 -26.83 -1.77
CA SER A 663 36.27 -26.73 -0.48
C SER A 663 35.28 -26.14 0.51
N GLY A 664 34.71 -26.97 1.37
CA GLY A 664 33.73 -26.49 2.33
C GLY A 664 32.54 -25.89 1.61
N ASP A 665 32.23 -24.64 1.94
CA ASP A 665 31.11 -23.95 1.32
C ASP A 665 31.46 -23.30 -0.01
N ASP A 666 32.75 -23.23 -0.36
CA ASP A 666 33.17 -22.63 -1.62
C ASP A 666 33.21 -23.68 -2.71
N CYS A 667 32.71 -23.34 -3.90
CA CYS A 667 32.57 -24.32 -4.97
C CYS A 667 32.67 -23.63 -6.33
N VAL A 668 33.11 -24.40 -7.31
CA VAL A 668 33.11 -24.01 -8.71
C VAL A 668 32.63 -25.20 -9.53
N VAL A 669 31.66 -24.98 -10.41
CA VAL A 669 31.03 -26.07 -11.15
C VAL A 669 31.09 -25.75 -12.64
N LYS A 670 31.55 -26.73 -13.44
CA LYS A 670 31.54 -26.66 -14.89
C LYS A 670 30.44 -27.59 -15.40
N PRO A 671 29.22 -27.09 -15.62
CA PRO A 671 28.13 -27.98 -16.04
C PRO A 671 28.26 -28.40 -17.51
N ILE A 672 27.24 -29.08 -18.03
CA ILE A 672 27.24 -29.49 -19.43
C ILE A 672 26.57 -28.46 -20.35
N ASP A 673 25.88 -27.48 -19.79
CA ASP A 673 25.29 -26.38 -20.56
C ASP A 673 24.90 -25.29 -19.58
N ASP A 674 24.43 -24.17 -20.13
CA ASP A 674 24.13 -22.98 -19.34
C ASP A 674 22.72 -23.00 -18.75
N ARG A 675 22.03 -24.13 -18.78
CA ARG A 675 20.79 -24.25 -18.03
C ARG A 675 21.05 -24.27 -16.53
N PHE A 676 22.26 -24.69 -16.14
CA PHE A 676 22.70 -24.62 -14.75
C PHE A 676 22.59 -23.22 -14.18
N ALA A 677 22.60 -22.20 -15.04
CA ALA A 677 22.51 -20.82 -14.58
C ALA A 677 21.13 -20.47 -14.01
N HIS A 678 20.10 -21.26 -14.32
CA HIS A 678 18.74 -20.94 -13.89
C HIS A 678 18.02 -22.18 -13.41
N ALA A 679 18.71 -23.05 -12.67
CA ALA A 679 18.11 -24.21 -12.01
C ALA A 679 18.13 -23.90 -10.51
N LEU A 680 17.09 -23.19 -10.05
CA LEU A 680 17.13 -22.55 -8.74
C LEU A 680 16.01 -22.98 -7.80
N ARG A 681 14.98 -23.68 -8.29
CA ARG A 681 13.88 -24.06 -7.41
C ARG A 681 14.35 -24.96 -6.28
N PHE A 682 15.20 -25.94 -6.60
CA PHE A 682 15.77 -26.80 -5.57
C PHE A 682 16.87 -26.08 -4.80
N LEU A 683 17.65 -25.24 -5.48
CA LEU A 683 18.70 -24.48 -4.82
C LEU A 683 18.13 -23.60 -3.71
N ASN A 684 16.99 -22.94 -3.98
CA ASN A 684 16.40 -22.07 -2.96
C ASN A 684 15.64 -22.89 -1.92
N ASP A 685 14.92 -23.93 -2.36
CA ASP A 685 14.06 -24.66 -1.43
C ASP A 685 14.87 -25.42 -0.39
N MET A 686 16.12 -25.77 -0.71
CA MET A 686 17.00 -26.38 0.28
C MET A 686 17.57 -25.38 1.27
N GLY A 687 17.23 -24.09 1.13
CA GLY A 687 17.74 -23.04 1.98
C GLY A 687 19.10 -22.51 1.59
N LYS A 688 19.68 -23.00 0.49
CA LYS A 688 21.02 -22.58 0.09
C LYS A 688 20.96 -21.33 -0.78
N VAL A 689 20.34 -20.26 -0.28
CA VAL A 689 20.19 -19.06 -1.07
C VAL A 689 21.56 -18.47 -1.40
N ARG A 690 21.66 -17.90 -2.59
CA ARG A 690 22.96 -17.41 -3.07
C ARG A 690 23.27 -16.03 -2.53
N LYS A 691 24.54 -15.64 -2.66
CA LYS A 691 25.04 -14.41 -2.06
C LYS A 691 25.01 -13.26 -3.05
N ASP A 692 24.67 -12.08 -2.54
CA ASP A 692 24.74 -10.81 -3.28
C ASP A 692 24.08 -10.93 -4.66
N THR A 693 22.82 -11.34 -4.63
CA THR A 693 22.01 -11.46 -5.84
C THR A 693 20.56 -11.63 -5.40
N GLN A 694 19.65 -11.42 -6.36
CA GLN A 694 18.24 -11.59 -6.10
C GLN A 694 17.87 -13.07 -6.17
N GLU A 695 16.87 -13.47 -5.38
CA GLU A 695 16.63 -14.87 -5.09
C GLU A 695 16.19 -15.68 -6.30
N TRP A 696 15.89 -15.05 -7.44
CA TRP A 696 15.50 -15.80 -8.62
C TRP A 696 16.12 -15.30 -9.91
N LYS A 697 16.97 -14.27 -9.87
CA LYS A 697 17.70 -13.87 -11.07
C LYS A 697 18.69 -14.96 -11.44
N PRO A 698 18.73 -15.38 -12.70
CA PRO A 698 19.71 -16.41 -13.10
C PRO A 698 21.13 -15.95 -12.82
N SER A 699 21.99 -16.91 -12.52
CA SER A 699 23.37 -16.61 -12.14
C SER A 699 24.22 -16.30 -13.36
N THR A 700 25.38 -15.70 -13.10
CA THR A 700 26.33 -15.31 -14.12
C THR A 700 27.57 -16.19 -14.03
N GLY A 701 28.08 -16.61 -15.20
CA GLY A 701 29.27 -17.42 -15.27
C GLY A 701 30.42 -16.70 -15.97
N TRP A 702 31.59 -17.32 -15.90
CA TRP A 702 32.80 -16.80 -16.53
C TRP A 702 33.17 -17.68 -17.72
N SER A 703 33.42 -17.05 -18.87
CA SER A 703 33.92 -17.77 -20.02
C SER A 703 35.41 -18.04 -19.92
N ASN A 704 36.13 -17.32 -19.05
CA ASN A 704 37.57 -17.42 -18.91
C ASN A 704 37.88 -18.02 -17.54
N TRP A 705 38.59 -19.14 -17.53
CA TRP A 705 38.87 -19.83 -16.26
C TRP A 705 39.89 -19.08 -15.42
N GLU A 706 40.71 -18.22 -16.02
CA GLU A 706 41.65 -17.40 -15.28
C GLU A 706 40.98 -16.22 -14.59
N GLU A 707 39.65 -16.20 -14.53
CA GLU A 707 38.91 -15.17 -13.82
C GLU A 707 37.97 -15.73 -12.76
N VAL A 708 37.71 -17.04 -12.74
CA VAL A 708 36.77 -17.65 -11.81
C VAL A 708 37.31 -17.53 -10.40
N PRO A 709 36.56 -16.92 -9.48
CA PRO A 709 36.99 -16.89 -8.08
C PRO A 709 36.77 -18.24 -7.40
N PHE A 710 37.77 -18.65 -6.63
CA PHE A 710 37.71 -19.91 -5.89
C PHE A 710 38.63 -19.79 -4.69
N CYS A 711 38.08 -19.97 -3.49
CA CYS A 711 38.82 -19.85 -2.24
C CYS A 711 39.47 -18.48 -2.12
N SER A 712 38.74 -17.45 -2.53
CA SER A 712 39.11 -16.03 -2.45
C SER A 712 40.20 -15.64 -3.42
N HIS A 713 40.58 -16.51 -4.35
CA HIS A 713 41.56 -16.19 -5.38
C HIS A 713 41.02 -16.57 -6.75
N HIS A 714 41.69 -16.04 -7.77
CA HIS A 714 41.66 -16.57 -9.12
C HIS A 714 43.07 -16.96 -9.50
N PHE A 715 43.22 -17.61 -10.65
CA PHE A 715 44.49 -18.24 -11.01
C PHE A 715 44.85 -17.92 -12.44
N ASN A 716 46.07 -17.44 -12.65
CA ASN A 716 46.59 -17.12 -13.97
C ASN A 716 47.68 -18.10 -14.36
N LYS A 717 47.80 -18.32 -15.66
CA LYS A 717 48.79 -19.24 -16.23
C LYS A 717 50.01 -18.43 -16.64
N LEU A 718 51.14 -18.69 -15.98
CA LEU A 718 52.39 -18.01 -16.27
C LEU A 718 53.39 -18.99 -16.87
N TYR A 719 54.38 -18.42 -17.59
CA TYR A 719 55.42 -19.19 -18.23
C TYR A 719 56.78 -18.73 -17.71
N LEU A 720 57.56 -19.67 -17.20
CA LEU A 720 58.90 -19.34 -16.73
C LEU A 720 59.77 -18.87 -17.90
N LYS A 721 60.80 -18.10 -17.57
CA LYS A 721 61.75 -17.65 -18.59
C LYS A 721 62.38 -18.86 -19.25
N ASP A 722 62.11 -19.04 -20.54
CA ASP A 722 62.50 -20.23 -21.30
C ASP A 722 61.83 -21.48 -20.78
N GLY A 723 60.70 -21.85 -21.38
CA GLY A 723 60.14 -23.18 -21.18
C GLY A 723 58.86 -23.32 -20.40
N ARG A 724 58.98 -23.73 -19.14
CA ARG A 724 57.89 -24.35 -18.39
C ARG A 724 56.82 -23.35 -18.01
N SER A 725 55.72 -23.88 -17.47
CA SER A 725 54.53 -23.10 -17.13
C SER A 725 54.04 -23.47 -15.74
N ILE A 726 53.64 -22.47 -14.97
CA ILE A 726 53.04 -22.66 -13.65
C ILE A 726 51.73 -21.91 -13.61
N VAL A 727 50.83 -22.37 -12.74
CA VAL A 727 49.52 -21.76 -12.56
C VAL A 727 49.47 -21.22 -11.13
N VAL A 728 49.53 -19.90 -10.98
CA VAL A 728 49.72 -19.26 -9.69
C VAL A 728 48.41 -18.65 -9.20
N PRO A 729 48.23 -18.46 -7.89
CA PRO A 729 47.05 -17.76 -7.39
C PRO A 729 47.25 -16.26 -7.32
N CYS A 730 46.14 -15.53 -7.44
CA CYS A 730 46.18 -14.07 -7.45
C CYS A 730 44.88 -13.52 -6.88
N ARG A 731 44.98 -12.38 -6.21
CA ARG A 731 43.82 -11.66 -5.72
C ARG A 731 44.14 -10.17 -5.74
N HIS A 732 43.19 -9.35 -5.28
CA HIS A 732 43.35 -7.91 -5.36
C HIS A 732 44.39 -7.44 -4.36
N GLN A 733 45.33 -6.64 -4.84
CA GLN A 733 46.54 -6.32 -4.07
C GLN A 733 46.22 -5.48 -2.84
N ASP A 734 45.11 -4.73 -2.86
CA ASP A 734 44.81 -3.80 -1.78
C ASP A 734 44.55 -4.52 -0.46
N GLU A 735 43.93 -5.70 -0.50
CA GLU A 735 43.68 -6.44 0.74
C GLU A 735 44.90 -7.24 1.18
N LEU A 736 45.78 -7.62 0.25
CA LEU A 736 47.03 -8.25 0.65
C LEU A 736 47.90 -7.26 1.43
N ILE A 737 48.10 -6.06 0.87
CA ILE A 737 48.85 -5.03 1.58
C ILE A 737 48.11 -4.61 2.84
N GLY A 738 46.81 -4.34 2.72
CA GLY A 738 46.04 -3.83 3.85
C GLY A 738 46.09 -4.72 5.06
N ARG A 739 45.97 -6.04 4.86
CA ARG A 739 46.09 -6.97 5.98
C ARG A 739 47.49 -6.95 6.58
N ALA A 740 48.51 -6.72 5.76
CA ALA A 740 49.88 -6.84 6.24
C ALA A 740 50.25 -5.72 7.20
N ARG A 741 49.64 -4.53 7.04
CA ARG A 741 50.00 -3.40 7.87
C ARG A 741 49.09 -3.21 9.09
N VAL A 742 48.23 -4.18 9.38
CA VAL A 742 47.47 -4.18 10.62
C VAL A 742 48.01 -5.30 11.50
N SER A 743 48.44 -4.96 12.71
CA SER A 743 49.00 -5.89 13.67
C SER A 743 47.96 -6.27 14.70
N PRO A 744 47.70 -7.56 14.91
CA PRO A 744 46.66 -7.96 15.87
C PRO A 744 47.03 -7.72 17.32
N GLY A 745 48.28 -7.39 17.61
CA GLY A 745 48.78 -7.43 18.97
C GLY A 745 48.09 -6.45 19.91
N ALA A 746 48.37 -6.66 21.20
CA ALA A 746 47.87 -5.78 22.25
C ALA A 746 49.04 -5.06 22.91
N GLY A 747 49.84 -4.36 22.11
CA GLY A 747 50.99 -3.64 22.63
C GLY A 747 52.30 -4.37 22.42
N TRP A 748 52.54 -4.82 21.19
CA TRP A 748 53.74 -5.59 20.88
C TRP A 748 54.97 -4.68 20.87
N SER A 749 56.14 -5.32 20.90
CA SER A 749 57.41 -4.63 20.79
C SER A 749 57.82 -4.53 19.33
N ILE A 750 58.87 -3.73 19.08
CA ILE A 750 59.32 -3.50 17.71
C ILE A 750 59.85 -4.80 17.10
N ARG A 751 60.60 -5.58 17.88
CA ARG A 751 61.13 -6.85 17.40
C ARG A 751 60.01 -7.81 17.00
N GLU A 752 58.88 -7.77 17.72
CA GLU A 752 57.84 -8.77 17.52
C GLU A 752 56.96 -8.43 16.32
N THR A 753 56.78 -7.14 16.00
CA THR A 753 56.03 -6.77 14.80
C THR A 753 56.88 -6.93 13.56
N ALA A 754 58.18 -6.62 13.66
CA ALA A 754 59.08 -6.84 12.53
C ALA A 754 59.12 -8.30 12.13
N CYS A 755 58.89 -9.21 13.08
CA CYS A 755 58.79 -10.63 12.74
C CYS A 755 57.49 -10.93 12.02
N LEU A 756 56.39 -10.31 12.46
CA LEU A 756 55.12 -10.48 11.77
C LEU A 756 55.19 -9.93 10.35
N ALA A 757 56.03 -8.93 10.11
CA ALA A 757 56.19 -8.38 8.77
C ALA A 757 57.03 -9.26 7.88
N LYS A 758 57.98 -10.00 8.46
CA LYS A 758 58.75 -10.97 7.68
C LYS A 758 57.88 -12.13 7.21
N SER A 759 56.78 -12.41 7.93
CA SER A 759 55.89 -13.49 7.52
C SER A 759 55.06 -13.09 6.31
N TYR A 760 54.44 -11.91 6.36
CA TYR A 760 53.69 -11.42 5.20
C TYR A 760 54.59 -11.19 4.00
N ALA A 761 55.85 -10.83 4.23
CA ALA A 761 56.78 -10.62 3.13
C ALA A 761 57.21 -11.95 2.49
N GLN A 762 57.50 -12.96 3.31
CA GLN A 762 57.94 -14.23 2.76
C GLN A 762 56.80 -15.02 2.14
N MET A 763 55.58 -14.89 2.68
CA MET A 763 54.42 -15.50 2.03
C MET A 763 54.21 -14.90 0.64
N TRP A 764 54.39 -13.58 0.51
CA TRP A 764 54.24 -12.93 -0.78
C TRP A 764 55.24 -13.48 -1.79
N GLN A 765 56.49 -13.68 -1.36
CA GLN A 765 57.51 -14.22 -2.26
C GLN A 765 57.16 -15.62 -2.73
N LEU A 766 56.39 -16.37 -1.93
CA LEU A 766 56.04 -17.75 -2.23
C LEU A 766 54.82 -17.87 -3.13
N LEU A 767 53.75 -17.12 -2.83
CA LEU A 767 52.50 -17.26 -3.56
C LEU A 767 52.19 -16.09 -4.49
N TYR A 768 52.59 -14.88 -4.13
CA TYR A 768 52.31 -13.70 -4.95
C TYR A 768 53.59 -13.07 -5.48
N PHE A 769 54.60 -13.90 -5.78
CA PHE A 769 55.84 -13.43 -6.39
C PHE A 769 55.60 -12.71 -7.71
N HIS A 770 54.42 -12.90 -8.31
CA HIS A 770 54.10 -12.41 -9.65
C HIS A 770 53.40 -11.05 -9.62
N ARG A 771 53.40 -10.36 -8.48
CA ARG A 771 52.84 -9.03 -8.35
C ARG A 771 53.99 -8.04 -8.15
N ARG A 772 54.15 -7.13 -9.11
CA ARG A 772 55.33 -6.26 -9.14
C ARG A 772 55.48 -5.46 -7.85
N ASP A 773 54.35 -5.00 -7.28
CA ASP A 773 54.44 -4.24 -6.04
C ASP A 773 54.83 -5.13 -4.87
N LEU A 774 54.30 -6.35 -4.81
CA LEU A 774 54.57 -7.23 -3.68
C LEU A 774 55.95 -7.87 -3.78
N ARG A 775 56.38 -8.23 -5.00
CA ARG A 775 57.74 -8.74 -5.19
C ARG A 775 58.77 -7.73 -4.71
N LEU A 776 58.55 -6.45 -5.02
CA LEU A 776 59.46 -5.39 -4.56
C LEU A 776 59.31 -5.16 -3.06
N MET A 777 58.07 -5.10 -2.57
CA MET A 777 57.83 -4.78 -1.17
C MET A 777 58.25 -5.91 -0.24
N ALA A 778 58.25 -7.15 -0.73
CA ALA A 778 58.71 -8.26 0.11
C ALA A 778 60.23 -8.25 0.27
N ASN A 779 60.95 -7.92 -0.81
CA ASN A 779 62.39 -7.75 -0.69
C ASN A 779 62.74 -6.57 0.20
N ALA A 780 61.91 -5.52 0.20
CA ALA A 780 62.17 -4.37 1.04
C ALA A 780 62.00 -4.71 2.52
N ILE A 781 60.95 -5.48 2.85
CA ILE A 781 60.74 -5.88 4.24
C ILE A 781 61.84 -6.82 4.70
N CYS A 782 62.14 -7.85 3.90
CA CYS A 782 63.16 -8.82 4.27
C CYS A 782 64.55 -8.22 4.37
N SER A 783 64.75 -7.02 3.78
CA SER A 783 66.01 -6.31 3.94
C SER A 783 66.03 -5.44 5.19
N ALA A 784 64.86 -4.99 5.65
CA ALA A 784 64.77 -4.16 6.84
C ALA A 784 64.67 -4.95 8.12
N VAL A 785 64.32 -6.24 8.04
CA VAL A 785 64.23 -7.11 9.21
C VAL A 785 65.52 -7.92 9.28
N PRO A 786 66.09 -8.13 10.47
CA PRO A 786 67.29 -8.98 10.58
C PRO A 786 67.06 -10.35 9.97
N VAL A 787 68.15 -10.94 9.47
CA VAL A 787 68.03 -12.19 8.73
C VAL A 787 67.73 -13.36 9.66
N ASP A 788 68.41 -13.42 10.80
CA ASP A 788 68.28 -14.56 11.69
C ASP A 788 67.02 -14.51 12.56
N TRP A 789 66.15 -13.52 12.35
CA TRP A 789 64.89 -13.46 13.08
C TRP A 789 63.86 -14.34 12.40
N VAL A 790 63.17 -15.15 13.20
CA VAL A 790 62.24 -16.15 12.70
C VAL A 790 60.84 -15.55 12.65
N PRO A 791 60.10 -15.76 11.56
CA PRO A 791 58.77 -15.16 11.43
C PRO A 791 57.78 -15.73 12.44
N THR A 792 56.88 -14.88 12.92
CA THR A 792 55.82 -15.25 13.83
C THR A 792 54.47 -14.84 13.25
N GLY A 793 53.41 -15.28 13.92
CA GLY A 793 52.07 -14.86 13.57
C GLY A 793 51.36 -15.80 12.61
N ARG A 794 50.26 -15.29 12.06
CA ARG A 794 49.42 -16.03 11.12
C ARG A 794 48.98 -15.06 10.04
N THR A 795 49.47 -15.26 8.82
CA THR A 795 49.18 -14.36 7.72
C THR A 795 47.91 -14.73 6.96
N THR A 796 47.32 -15.89 7.24
CA THR A 796 46.08 -16.28 6.58
C THR A 796 45.34 -17.29 7.46
N TRP A 797 44.02 -17.28 7.37
CA TRP A 797 43.17 -18.27 7.99
C TRP A 797 42.77 -19.38 7.03
N SER A 798 43.18 -19.28 5.76
CA SER A 798 42.73 -20.21 4.74
C SER A 798 43.28 -21.61 5.01
N ILE A 799 42.41 -22.61 4.91
CA ILE A 799 42.83 -24.00 5.02
C ILE A 799 43.75 -24.41 3.88
N HIS A 800 43.84 -23.59 2.83
CA HIS A 800 44.72 -23.85 1.71
C HIS A 800 46.03 -23.08 1.79
N GLY A 801 46.16 -22.14 2.72
CA GLY A 801 47.45 -21.54 3.01
C GLY A 801 48.21 -22.41 4.00
N LYS A 802 49.15 -23.21 3.50
CA LYS A 802 49.75 -24.25 4.32
C LYS A 802 50.87 -23.72 5.20
N GLY A 803 51.57 -22.68 4.76
CA GLY A 803 52.57 -22.04 5.57
C GLY A 803 54.02 -22.44 5.32
N GLU A 804 54.39 -22.74 4.07
CA GLU A 804 55.80 -23.02 3.77
C GLU A 804 56.69 -21.81 3.97
N TRP A 805 56.12 -20.65 4.28
CA TRP A 805 56.88 -19.42 4.45
C TRP A 805 57.27 -19.16 5.90
N MET A 806 56.68 -19.87 6.86
CA MET A 806 57.04 -19.72 8.27
C MET A 806 58.34 -20.46 8.56
N THR A 807 59.39 -20.05 7.88
CA THR A 807 60.71 -20.66 8.03
C THR A 807 61.78 -19.59 7.91
N THR A 808 62.96 -19.89 8.43
CA THR A 808 64.14 -19.06 8.22
C THR A 808 64.91 -19.44 6.98
N GLU A 809 64.58 -20.57 6.35
CA GLU A 809 65.29 -21.05 5.18
C GLU A 809 65.20 -20.05 4.04
N ASP A 810 66.20 -20.11 3.15
CA ASP A 810 66.22 -19.27 1.95
C ASP A 810 64.92 -19.43 1.17
N MET A 811 64.33 -18.30 0.78
CA MET A 811 63.02 -18.33 0.15
C MET A 811 63.09 -18.89 -1.27
N LEU A 812 64.22 -18.75 -1.94
CA LEU A 812 64.36 -19.36 -3.25
C LEU A 812 64.42 -20.88 -3.16
N MET A 813 64.92 -21.42 -2.04
CA MET A 813 65.00 -22.87 -1.89
C MET A 813 63.65 -23.48 -1.53
N VAL A 814 62.82 -22.75 -0.76
CA VAL A 814 61.46 -23.23 -0.50
C VAL A 814 60.53 -22.92 -1.67
N TRP A 815 60.90 -21.96 -2.53
CA TRP A 815 60.13 -21.73 -3.74
C TRP A 815 60.26 -22.91 -4.70
N ASN A 816 61.50 -23.36 -4.95
CA ASN A 816 61.71 -24.48 -5.86
C ASN A 816 61.05 -25.76 -5.35
N ARG A 817 61.03 -25.96 -4.04
CA ARG A 817 60.39 -27.16 -3.49
C ARG A 817 58.90 -27.15 -3.76
N VAL A 818 58.27 -25.98 -3.69
CA VAL A 818 56.82 -25.90 -3.81
C VAL A 818 56.38 -25.93 -5.27
N TRP A 819 57.06 -25.17 -6.12
CA TRP A 819 56.58 -24.97 -7.48
C TRP A 819 57.23 -25.89 -8.51
N ILE A 820 58.35 -26.53 -8.18
CA ILE A 820 59.05 -27.36 -9.15
C ILE A 820 59.21 -28.77 -8.61
N GLU A 821 60.07 -28.92 -7.60
CA GLU A 821 60.53 -30.25 -7.20
C GLU A 821 59.39 -31.12 -6.67
N GLU A 822 58.45 -30.52 -5.94
CA GLU A 822 57.32 -31.26 -5.39
C GLU A 822 55.99 -30.88 -6.03
N ASN A 823 56.03 -30.34 -7.25
CA ASN A 823 54.81 -30.04 -8.00
C ASN A 823 54.60 -31.14 -9.03
N ASP A 824 53.57 -31.95 -8.82
CA ASP A 824 53.31 -33.06 -9.73
C ASP A 824 52.86 -32.61 -11.10
N HIS A 825 52.47 -31.34 -11.24
CA HIS A 825 52.20 -30.75 -12.55
C HIS A 825 53.46 -30.18 -13.18
N MET A 826 54.59 -30.84 -12.95
CA MET A 826 55.89 -30.40 -13.47
C MET A 826 56.66 -31.64 -13.91
N GLU A 827 56.65 -31.91 -15.22
CA GLU A 827 57.39 -33.04 -15.75
C GLU A 827 58.89 -32.81 -15.63
N ASP A 828 59.37 -31.66 -16.10
CA ASP A 828 60.77 -31.32 -16.01
C ASP A 828 61.06 -30.70 -14.64
N LYS A 829 62.05 -31.25 -13.95
CA LYS A 829 62.38 -30.85 -12.58
C LYS A 829 63.68 -30.04 -12.51
N THR A 830 63.99 -29.27 -13.54
CA THR A 830 65.19 -28.45 -13.52
C THR A 830 65.01 -27.31 -12.52
N PRO A 831 65.97 -27.10 -11.62
CA PRO A 831 65.82 -26.04 -10.61
C PRO A 831 65.84 -24.64 -11.24
N VAL A 832 65.35 -23.68 -10.46
CA VAL A 832 65.37 -22.27 -10.82
C VAL A 832 66.29 -21.56 -9.83
N THR A 833 67.32 -20.89 -10.35
CA THR A 833 68.42 -20.42 -9.52
C THR A 833 68.52 -18.91 -9.41
N LYS A 834 67.65 -18.15 -10.08
CA LYS A 834 67.68 -16.70 -9.98
C LYS A 834 66.27 -16.15 -10.04
N TRP A 835 65.94 -15.28 -9.08
CA TRP A 835 64.60 -14.71 -9.00
C TRP A 835 64.21 -13.99 -10.29
N THR A 836 65.19 -13.41 -10.99
CA THR A 836 64.91 -12.69 -12.22
C THR A 836 64.30 -13.59 -13.29
N ASP A 837 64.42 -14.90 -13.15
CA ASP A 837 63.82 -15.83 -14.10
C ASP A 837 62.39 -16.22 -13.78
N ILE A 838 61.89 -15.84 -12.60
CA ILE A 838 60.51 -16.10 -12.22
C ILE A 838 59.67 -14.92 -12.71
N PRO A 839 58.65 -15.15 -13.53
CA PRO A 839 58.03 -14.05 -14.28
C PRO A 839 57.01 -13.28 -13.44
N TYR A 840 56.46 -12.24 -14.05
CA TYR A 840 55.39 -11.43 -13.49
C TYR A 840 54.10 -11.70 -14.24
N LEU A 841 53.00 -11.26 -13.64
CA LEU A 841 51.77 -11.12 -14.40
C LEU A 841 51.94 -10.07 -15.49
N GLY A 842 51.09 -10.16 -16.51
CA GLY A 842 51.06 -9.10 -17.50
C GLY A 842 50.75 -7.77 -16.86
N LYS A 843 51.31 -6.70 -17.44
CA LYS A 843 51.08 -5.37 -16.91
C LYS A 843 49.60 -4.99 -16.87
N ARG A 844 48.77 -5.65 -17.68
CA ARG A 844 47.34 -5.41 -17.63
C ARG A 844 46.72 -6.01 -16.37
N GLU A 845 47.00 -7.28 -16.09
CA GLU A 845 46.37 -7.93 -14.93
C GLU A 845 46.89 -7.38 -13.61
N ASP A 846 48.15 -6.95 -13.57
CA ASP A 846 48.68 -6.29 -12.38
C ASP A 846 47.82 -5.10 -12.00
N LEU A 847 47.66 -4.17 -12.94
CA LEU A 847 46.81 -2.99 -12.71
C LEU A 847 45.39 -3.39 -12.36
N TRP A 848 44.83 -4.37 -13.09
CA TRP A 848 43.45 -4.80 -12.86
C TRP A 848 43.26 -5.34 -11.46
N CYS A 849 44.27 -5.98 -10.89
CA CYS A 849 44.20 -6.53 -9.54
C CYS A 849 44.89 -5.66 -8.50
N GLY A 850 45.03 -4.35 -8.77
CA GLY A 850 45.42 -3.40 -7.75
C GLY A 850 46.80 -2.80 -7.87
N SER A 851 47.58 -3.10 -8.91
CA SER A 851 48.93 -2.57 -8.98
C SER A 851 48.91 -1.08 -9.34
N LEU A 852 50.01 -0.40 -9.01
CA LEU A 852 50.17 1.04 -9.19
C LEU A 852 51.48 1.35 -9.90
N ILE A 853 51.74 0.65 -11.01
CA ILE A 853 53.06 0.74 -11.65
C ILE A 853 53.28 2.14 -12.23
N GLY A 854 52.38 2.59 -13.10
CA GLY A 854 52.57 3.83 -13.83
C GLY A 854 52.37 5.11 -13.04
N HIS A 855 51.78 5.02 -11.84
CA HIS A 855 51.49 6.23 -11.08
C HIS A 855 52.78 6.84 -10.53
N ARG A 856 52.85 8.17 -10.55
CA ARG A 856 54.03 8.89 -10.06
C ARG A 856 54.41 8.53 -8.63
N PRO A 857 53.49 8.48 -7.65
CA PRO A 857 53.93 8.20 -6.27
C PRO A 857 54.56 6.83 -6.07
N ARG A 858 54.30 5.86 -6.95
CA ARG A 858 54.93 4.56 -6.82
C ARG A 858 56.29 4.51 -7.51
N THR A 859 56.44 5.22 -8.63
CA THR A 859 57.75 5.30 -9.28
C THR A 859 58.78 5.91 -8.34
N THR A 860 58.38 6.90 -7.54
CA THR A 860 59.29 7.50 -6.57
C THR A 860 59.59 6.55 -5.43
N TRP A 861 58.57 5.82 -4.97
CA TRP A 861 58.76 4.87 -3.87
C TRP A 861 59.72 3.76 -4.26
N ALA A 862 59.79 3.40 -5.53
CA ALA A 862 60.71 2.38 -5.99
C ALA A 862 62.15 2.87 -5.90
N GLU A 863 62.48 3.94 -6.61
CA GLU A 863 63.85 4.43 -6.67
C GLU A 863 64.36 5.01 -5.35
N ASN A 864 63.51 5.08 -4.32
CA ASN A 864 63.93 5.50 -2.98
C ASN A 864 63.89 4.35 -1.98
N ILE A 865 63.72 3.11 -2.45
CA ILE A 865 63.48 2.02 -1.51
C ILE A 865 64.75 1.65 -0.75
N LYS A 866 65.93 1.83 -1.36
CA LYS A 866 67.17 1.55 -0.64
C LYS A 866 67.37 2.52 0.51
N ASP A 867 67.12 3.81 0.27
CA ASP A 867 67.18 4.79 1.35
C ASP A 867 66.04 4.58 2.33
N THR A 868 64.87 4.18 1.83
CA THR A 868 63.75 3.86 2.72
C THR A 868 64.10 2.69 3.62
N VAL A 869 64.73 1.65 3.06
CA VAL A 869 65.06 0.46 3.84
C VAL A 869 66.11 0.77 4.90
N ASN A 870 67.14 1.55 4.54
CA ASN A 870 68.15 1.95 5.51
C ASN A 870 67.55 2.76 6.65
N MET A 871 66.48 3.52 6.37
CA MET A 871 65.79 4.25 7.43
C MET A 871 65.01 3.31 8.34
N VAL A 872 64.49 2.21 7.81
CA VAL A 872 63.77 1.26 8.63
C VAL A 872 64.73 0.42 9.48
N ARG A 873 65.97 0.23 9.01
CA ARG A 873 66.93 -0.55 9.79
C ARG A 873 67.32 0.15 11.08
N ARG A 874 67.42 1.49 11.04
CA ARG A 874 67.71 2.22 12.27
C ARG A 874 66.55 2.12 13.25
N ILE A 875 65.34 1.86 12.76
CA ILE A 875 64.17 1.79 13.62
C ILE A 875 64.06 0.42 14.27
N ILE A 876 64.41 -0.64 13.54
CA ILE A 876 64.57 -1.93 14.18
C ILE A 876 65.86 -1.96 15.01
N GLY A 877 66.89 -1.28 14.54
CA GLY A 877 68.18 -1.27 15.22
C GLY A 877 69.31 -1.63 14.28
N ASP A 878 70.21 -0.68 14.01
CA ASP A 878 71.27 -0.91 13.05
C ASP A 878 72.45 -1.68 13.61
N GLU A 879 72.34 -2.25 14.81
CA GLU A 879 73.34 -3.20 15.29
C GLU A 879 72.96 -4.64 14.98
N GLU A 880 71.74 -4.88 14.50
CA GLU A 880 71.36 -6.19 14.02
C GLU A 880 72.04 -6.49 12.69
N LYS A 881 72.04 -7.76 12.32
CA LYS A 881 72.66 -8.20 11.07
C LYS A 881 71.59 -8.29 9.99
N TYR A 882 71.79 -7.57 8.89
CA TYR A 882 70.85 -7.52 7.79
C TYR A 882 71.51 -8.02 6.51
N MET A 883 70.69 -8.53 5.59
CA MET A 883 71.12 -8.87 4.25
C MET A 883 70.37 -8.02 3.25
N ASP A 884 70.92 -7.94 2.03
CA ASP A 884 70.37 -7.09 0.98
C ASP A 884 69.68 -7.98 -0.04
N TYR A 885 68.40 -8.29 0.23
CA TYR A 885 67.59 -9.04 -0.71
C TYR A 885 67.12 -8.22 -1.90
N LEU A 886 67.34 -6.90 -1.88
CA LEU A 886 66.85 -6.03 -2.93
C LEU A 886 67.60 -6.14 -4.24
N SER A 887 68.73 -6.85 -4.28
CA SER A 887 69.51 -6.98 -5.50
C SER A 887 69.53 -8.42 -5.99
N GLY B 5 5.23 -32.15 -18.42
CA GLY B 5 4.82 -32.82 -17.20
C GLY B 5 3.35 -32.62 -16.86
N GLU B 6 2.50 -33.48 -17.41
CA GLU B 6 1.06 -33.42 -17.17
C GLU B 6 0.77 -33.41 -15.67
N THR B 7 0.32 -32.27 -15.16
CA THR B 7 0.10 -32.12 -13.74
C THR B 7 -1.15 -32.87 -13.31
N LEU B 8 -1.30 -33.03 -11.99
CA LEU B 8 -2.45 -33.75 -11.45
C LEU B 8 -3.75 -33.05 -11.81
N GLY B 9 -3.75 -31.72 -11.82
CA GLY B 9 -4.96 -31.00 -12.20
C GLY B 9 -5.32 -31.20 -13.66
N GLU B 10 -4.32 -31.16 -14.54
CA GLU B 10 -4.57 -31.42 -15.96
C GLU B 10 -5.10 -32.83 -16.17
N LYS B 11 -4.69 -33.79 -15.32
CA LYS B 11 -5.24 -35.13 -15.41
C LYS B 11 -6.70 -35.17 -14.99
N TRP B 12 -7.06 -34.40 -13.96
CA TRP B 12 -8.45 -34.33 -13.52
C TRP B 12 -9.35 -33.68 -14.56
N LYS B 13 -8.80 -32.75 -15.35
CA LYS B 13 -9.61 -32.06 -16.35
C LYS B 13 -9.85 -32.92 -17.59
N ALA B 14 -8.85 -33.69 -18.00
CA ALA B 14 -9.04 -34.62 -19.12
C ALA B 14 -10.06 -35.69 -18.76
N ARG B 15 -9.98 -36.23 -17.54
CA ARG B 15 -10.97 -37.19 -17.08
C ARG B 15 -12.36 -36.58 -17.05
N LEU B 16 -12.47 -35.34 -16.57
CA LEU B 16 -13.77 -34.69 -16.47
C LEU B 16 -14.41 -34.48 -17.84
N ASN B 17 -13.59 -34.22 -18.86
CA ASN B 17 -14.10 -33.95 -20.20
C ASN B 17 -14.46 -35.23 -20.96
N GLN B 18 -13.85 -36.36 -20.63
CA GLN B 18 -14.19 -37.63 -21.25
C GLN B 18 -15.19 -38.42 -20.43
N MET B 19 -15.94 -37.76 -19.54
CA MET B 19 -17.06 -38.35 -18.86
C MET B 19 -18.32 -38.22 -19.71
N SER B 20 -19.17 -39.24 -19.65
CA SER B 20 -20.46 -39.14 -20.31
C SER B 20 -21.38 -38.21 -19.52
N ALA B 21 -22.55 -37.93 -20.09
CA ALA B 21 -23.51 -37.08 -19.40
C ALA B 21 -23.91 -37.68 -18.05
N LEU B 22 -24.07 -38.99 -18.00
CA LEU B 22 -24.46 -39.65 -16.75
C LEU B 22 -23.30 -39.65 -15.75
N GLU B 23 -22.08 -39.93 -16.22
CA GLU B 23 -20.93 -39.90 -15.32
C GLU B 23 -20.79 -38.54 -14.66
N PHE B 24 -20.88 -37.47 -15.46
CA PHE B 24 -20.72 -36.12 -14.92
C PHE B 24 -21.79 -35.79 -13.88
N TYR B 25 -23.03 -36.21 -14.14
CA TYR B 25 -24.11 -35.89 -13.21
C TYR B 25 -23.91 -36.55 -11.86
N SER B 26 -23.47 -37.81 -11.84
CA SER B 26 -23.26 -38.50 -10.58
C SER B 26 -22.08 -37.93 -9.81
N TYR B 27 -21.11 -37.35 -10.51
CA TYR B 27 -19.83 -36.96 -9.92
C TYR B 27 -19.83 -35.57 -9.30
N LYS B 28 -20.61 -34.64 -9.84
CA LYS B 28 -20.44 -33.23 -9.47
C LYS B 28 -20.79 -32.95 -8.03
N LYS B 29 -21.71 -33.72 -7.43
CA LYS B 29 -22.15 -33.46 -6.06
C LYS B 29 -21.75 -34.58 -5.10
N SER B 30 -20.87 -35.49 -5.51
CA SER B 30 -20.53 -36.64 -4.69
C SER B 30 -19.69 -36.21 -3.50
N GLY B 31 -20.25 -36.33 -2.29
CA GLY B 31 -19.50 -36.06 -1.08
C GLY B 31 -19.20 -34.61 -0.79
N ILE B 32 -19.77 -33.68 -1.54
CA ILE B 32 -19.52 -32.26 -1.32
C ILE B 32 -20.37 -31.78 -0.15
N THR B 33 -20.23 -30.51 0.20
CA THR B 33 -21.04 -29.89 1.23
C THR B 33 -21.94 -28.84 0.62
N GLU B 34 -23.22 -28.85 1.02
CA GLU B 34 -24.19 -27.87 0.57
C GLU B 34 -24.86 -27.22 1.77
N VAL B 35 -25.43 -26.04 1.53
CA VAL B 35 -26.28 -25.35 2.50
C VAL B 35 -27.71 -25.40 1.99
N CYS B 36 -28.64 -25.71 2.88
CA CYS B 36 -30.05 -25.73 2.51
C CYS B 36 -30.51 -24.32 2.20
N ARG B 37 -30.91 -24.09 0.95
CA ARG B 37 -31.32 -22.77 0.51
C ARG B 37 -32.79 -22.68 0.13
N GLU B 38 -33.56 -23.75 0.38
CA GLU B 38 -34.99 -23.71 0.06
C GLU B 38 -35.68 -22.56 0.77
N GLU B 39 -35.32 -22.30 2.03
CA GLU B 39 -35.86 -21.18 2.78
C GLU B 39 -35.61 -19.86 2.08
N ALA B 40 -34.34 -19.55 1.82
CA ALA B 40 -33.99 -18.24 1.28
C ALA B 40 -34.56 -18.04 -0.12
N ARG B 41 -34.60 -19.10 -0.93
CA ARG B 41 -35.13 -18.99 -2.28
C ARG B 41 -36.61 -18.61 -2.27
N ARG B 42 -37.41 -19.27 -1.41
CA ARG B 42 -38.83 -18.99 -1.35
C ARG B 42 -39.12 -17.59 -0.84
N ALA B 43 -38.26 -17.08 0.06
CA ALA B 43 -38.46 -15.73 0.59
C ALA B 43 -37.98 -14.67 -0.39
N LEU B 44 -36.82 -14.88 -1.00
CA LEU B 44 -36.36 -13.98 -2.04
C LEU B 44 -37.30 -13.98 -3.25
N LYS B 45 -38.11 -15.03 -3.39
CA LYS B 45 -39.13 -15.06 -4.43
C LYS B 45 -40.31 -14.16 -4.06
N ASP B 46 -40.71 -14.16 -2.79
CA ASP B 46 -41.77 -13.28 -2.31
C ASP B 46 -41.30 -11.87 -2.04
N GLY B 47 -40.00 -11.60 -2.18
CA GLY B 47 -39.47 -10.26 -2.04
C GLY B 47 -39.16 -9.83 -0.63
N VAL B 48 -39.50 -10.63 0.38
CA VAL B 48 -39.26 -10.27 1.77
C VAL B 48 -37.77 -10.09 2.00
N ALA B 49 -37.33 -8.84 2.09
CA ALA B 49 -35.95 -8.49 2.38
C ALA B 49 -35.68 -8.33 3.87
N THR B 50 -36.72 -8.43 4.70
CA THR B 50 -36.61 -8.30 6.15
C THR B 50 -36.46 -9.64 6.85
N GLY B 51 -35.99 -10.67 6.14
CA GLY B 51 -35.95 -12.01 6.69
C GLY B 51 -34.58 -12.51 7.09
N GLY B 52 -33.54 -11.75 6.80
CA GLY B 52 -32.19 -12.14 7.15
C GLY B 52 -31.57 -13.21 6.28
N HIS B 53 -32.25 -13.63 5.22
CA HIS B 53 -31.73 -14.70 4.37
C HIS B 53 -30.60 -14.17 3.50
N ALA B 54 -29.59 -15.01 3.31
CA ALA B 54 -28.52 -14.68 2.38
C ALA B 54 -29.08 -14.64 0.95
N VAL B 55 -28.49 -13.77 0.12
CA VAL B 55 -28.96 -13.59 -1.24
C VAL B 55 -28.33 -14.57 -2.22
N SER B 56 -27.32 -15.33 -1.79
CA SER B 56 -26.63 -16.24 -2.69
C SER B 56 -25.98 -17.35 -1.87
N ARG B 57 -25.60 -18.43 -2.57
CA ARG B 57 -24.81 -19.47 -1.93
C ARG B 57 -23.46 -18.93 -1.46
N GLY B 58 -22.85 -18.05 -2.24
CA GLY B 58 -21.51 -17.56 -1.94
C GLY B 58 -21.41 -16.86 -0.60
N SER B 59 -22.52 -16.40 -0.04
CA SER B 59 -22.49 -15.83 1.30
C SER B 59 -22.04 -16.85 2.32
N ALA B 60 -22.44 -18.12 2.13
CA ALA B 60 -22.02 -19.16 3.05
C ALA B 60 -20.57 -19.57 2.81
N LYS B 61 -20.06 -19.35 1.60
CA LYS B 61 -18.64 -19.58 1.33
C LYS B 61 -17.76 -18.72 2.21
N LEU B 62 -18.12 -17.44 2.38
CA LEU B 62 -17.26 -16.50 3.08
C LEU B 62 -17.21 -16.79 4.57
N ARG B 63 -18.35 -17.07 5.18
CA ARG B 63 -18.36 -17.41 6.60
C ARG B 63 -17.45 -18.60 6.89
N TRP B 64 -17.34 -19.52 5.95
CA TRP B 64 -16.38 -20.62 6.10
C TRP B 64 -14.96 -20.08 6.19
N LEU B 65 -14.60 -19.16 5.29
CA LEU B 65 -13.27 -18.56 5.35
C LEU B 65 -13.09 -17.71 6.60
N GLU B 66 -14.14 -16.99 7.00
CA GLU B 66 -14.04 -16.11 8.17
C GLU B 66 -13.83 -16.93 9.44
N GLU B 67 -14.67 -17.94 9.67
CA GLU B 67 -14.63 -18.67 10.93
C GLU B 67 -13.50 -19.69 11.01
N ARG B 68 -12.65 -19.80 10.00
CA ARG B 68 -11.45 -20.63 10.07
C ARG B 68 -10.18 -19.81 10.28
N GLY B 69 -10.27 -18.48 10.23
CA GLY B 69 -9.09 -17.65 10.33
C GLY B 69 -8.39 -17.35 9.02
N TYR B 70 -8.96 -17.78 7.88
CA TYR B 70 -8.38 -17.48 6.59
C TYR B 70 -8.62 -16.01 6.20
N LEU B 71 -9.88 -15.58 6.20
CA LEU B 71 -10.21 -14.20 5.88
C LEU B 71 -10.69 -13.48 7.14
N GLN B 72 -10.21 -12.25 7.33
CA GLN B 72 -10.60 -11.41 8.45
C GLN B 72 -10.88 -10.01 7.91
N PRO B 73 -12.09 -9.77 7.43
CA PRO B 73 -12.42 -8.47 6.84
C PRO B 73 -12.45 -7.37 7.89
N TYR B 74 -12.24 -6.14 7.41
CA TYR B 74 -12.27 -4.95 8.25
C TYR B 74 -12.19 -3.72 7.35
N GLY B 75 -12.48 -2.57 7.93
CA GLY B 75 -12.24 -1.31 7.24
C GLY B 75 -13.12 -1.14 6.02
N LYS B 76 -12.49 -0.74 4.91
CA LYS B 76 -13.19 -0.58 3.64
C LYS B 76 -13.09 -1.87 2.84
N VAL B 77 -14.23 -2.43 2.47
CA VAL B 77 -14.30 -3.68 1.73
C VAL B 77 -14.70 -3.38 0.29
N VAL B 78 -13.94 -3.93 -0.65
CA VAL B 78 -14.24 -3.83 -2.08
C VAL B 78 -14.54 -5.23 -2.60
N ASP B 79 -15.68 -5.38 -3.26
CA ASP B 79 -16.16 -6.68 -3.75
C ASP B 79 -16.31 -6.59 -5.26
N LEU B 80 -15.25 -6.95 -5.98
CA LEU B 80 -15.29 -6.95 -7.44
C LEU B 80 -16.11 -8.13 -7.94
N GLY B 81 -17.01 -7.87 -8.89
CA GLY B 81 -17.90 -8.91 -9.35
C GLY B 81 -18.80 -9.41 -8.24
N CYS B 82 -19.48 -8.47 -7.57
CA CYS B 82 -20.28 -8.81 -6.41
C CYS B 82 -21.52 -9.63 -6.75
N GLY B 83 -21.94 -9.63 -8.01
CA GLY B 83 -23.15 -10.36 -8.38
C GLY B 83 -24.35 -9.81 -7.64
N ARG B 84 -25.17 -10.72 -7.09
CA ARG B 84 -26.29 -10.29 -6.26
C ARG B 84 -25.80 -9.62 -4.98
N GLY B 85 -24.60 -9.97 -4.52
CA GLY B 85 -24.02 -9.33 -3.36
C GLY B 85 -23.86 -10.25 -2.18
N GLY B 86 -23.80 -11.56 -2.42
CA GLY B 86 -23.66 -12.52 -1.33
C GLY B 86 -22.44 -12.27 -0.47
N TRP B 87 -21.36 -11.77 -1.08
CA TRP B 87 -20.16 -11.45 -0.31
C TRP B 87 -20.28 -10.08 0.36
N SER B 88 -20.87 -9.11 -0.33
CA SER B 88 -20.94 -7.75 0.21
C SER B 88 -21.85 -7.69 1.43
N TYR B 89 -23.02 -8.32 1.36
CA TYR B 89 -23.95 -8.28 2.47
C TYR B 89 -23.41 -9.01 3.70
N TYR B 90 -22.63 -10.06 3.50
CA TYR B 90 -22.02 -10.74 4.64
C TYR B 90 -20.90 -9.90 5.23
N ALA B 91 -20.16 -9.17 4.40
CA ALA B 91 -19.07 -8.35 4.89
C ALA B 91 -19.58 -7.24 5.80
N ALA B 92 -20.70 -6.62 5.43
CA ALA B 92 -21.30 -5.55 6.23
C ALA B 92 -21.79 -6.01 7.60
N THR B 93 -21.69 -7.31 7.91
CA THR B 93 -22.12 -7.83 9.19
C THR B 93 -20.96 -8.02 10.16
N ILE B 94 -19.72 -7.88 9.69
CA ILE B 94 -18.55 -8.11 10.53
C ILE B 94 -18.32 -6.89 11.41
N ARG B 95 -18.00 -7.14 12.68
CA ARG B 95 -17.88 -6.07 13.67
C ARG B 95 -16.87 -5.00 13.24
N LYS B 96 -15.74 -5.42 12.66
CA LYS B 96 -14.68 -4.48 12.31
C LYS B 96 -14.86 -3.83 10.94
N VAL B 97 -15.89 -4.23 10.18
CA VAL B 97 -16.12 -3.66 8.85
C VAL B 97 -16.92 -2.37 8.99
N GLN B 98 -16.55 -1.37 8.19
CA GLN B 98 -17.15 -0.05 8.26
C GLN B 98 -17.79 0.42 6.96
N GLU B 99 -17.28 0.00 5.80
CA GLU B 99 -17.85 0.41 4.53
C GLU B 99 -17.63 -0.70 3.51
N VAL B 100 -18.62 -0.92 2.66
CA VAL B 100 -18.58 -1.98 1.64
C VAL B 100 -18.97 -1.38 0.30
N ARG B 101 -18.08 -1.47 -0.68
CA ARG B 101 -18.34 -1.04 -2.05
C ARG B 101 -18.21 -2.23 -2.98
N GLY B 102 -19.29 -2.56 -3.68
CA GLY B 102 -19.31 -3.69 -4.59
C GLY B 102 -19.61 -3.25 -6.01
N TYR B 103 -18.88 -3.82 -6.97
CA TYR B 103 -19.03 -3.49 -8.37
C TYR B 103 -19.21 -4.77 -9.17
N THR B 104 -20.06 -4.71 -10.19
CA THR B 104 -20.36 -5.89 -10.99
C THR B 104 -20.93 -5.47 -12.34
N LYS B 105 -20.82 -6.38 -13.30
CA LYS B 105 -21.42 -6.18 -14.61
C LYS B 105 -22.87 -6.62 -14.58
N GLY B 106 -23.73 -5.83 -15.21
CA GLY B 106 -25.15 -6.13 -15.20
C GLY B 106 -25.67 -6.57 -16.56
N GLY B 107 -26.88 -6.13 -16.90
CA GLY B 107 -27.44 -6.39 -18.20
C GLY B 107 -27.87 -7.83 -18.39
N PRO B 108 -28.00 -8.23 -19.66
CA PRO B 108 -28.52 -9.58 -19.96
C PRO B 108 -27.56 -10.67 -19.50
N GLY B 109 -28.15 -11.79 -19.07
CA GLY B 109 -27.39 -12.99 -18.77
C GLY B 109 -26.56 -12.92 -17.52
N HIS B 110 -26.35 -11.72 -16.99
CA HIS B 110 -25.51 -11.51 -15.83
C HIS B 110 -26.38 -11.06 -14.65
N GLU B 111 -26.09 -11.62 -13.48
CA GLU B 111 -26.84 -11.27 -12.28
C GLU B 111 -26.57 -9.83 -11.87
N GLU B 112 -27.64 -9.12 -11.49
CA GLU B 112 -27.52 -7.75 -11.04
C GLU B 112 -27.73 -7.65 -9.53
N PRO B 113 -27.20 -6.61 -8.88
CA PRO B 113 -27.25 -6.54 -7.42
C PRO B 113 -28.67 -6.66 -6.87
N MET B 114 -28.78 -7.32 -5.72
CA MET B 114 -30.04 -7.55 -5.05
C MET B 114 -30.20 -6.57 -3.89
N LEU B 115 -31.41 -6.04 -3.73
CA LEU B 115 -31.71 -5.04 -2.70
C LEU B 115 -32.37 -5.72 -1.51
N VAL B 116 -31.63 -5.84 -0.40
CA VAL B 116 -32.10 -6.52 0.79
C VAL B 116 -31.80 -5.64 2.00
N GLN B 117 -32.46 -5.96 3.11
CA GLN B 117 -32.27 -5.26 4.39
C GLN B 117 -31.59 -6.16 5.42
N SER B 118 -30.62 -6.96 4.99
CA SER B 118 -29.80 -7.70 5.94
C SER B 118 -29.04 -6.73 6.82
N TYR B 119 -28.66 -7.20 8.01
CA TYR B 119 -28.02 -6.34 9.01
C TYR B 119 -26.79 -5.65 8.43
N GLY B 120 -26.73 -4.34 8.63
CA GLY B 120 -25.62 -3.56 8.11
C GLY B 120 -25.77 -3.11 6.68
N TRP B 121 -26.99 -3.19 6.11
CA TRP B 121 -27.20 -2.78 4.73
C TRP B 121 -26.94 -1.30 4.50
N ASN B 122 -26.91 -0.49 5.56
CA ASN B 122 -26.70 0.95 5.42
C ASN B 122 -25.26 1.30 5.08
N ILE B 123 -24.32 0.37 5.25
CA ILE B 123 -22.93 0.60 4.85
C ILE B 123 -22.60 -0.12 3.54
N VAL B 124 -23.61 -0.67 2.86
CA VAL B 124 -23.45 -1.36 1.59
C VAL B 124 -23.84 -0.40 0.47
N ARG B 125 -22.98 -0.29 -0.54
CA ARG B 125 -23.27 0.45 -1.76
C ARG B 125 -22.83 -0.40 -2.94
N LEU B 126 -23.78 -0.69 -3.83
CA LEU B 126 -23.52 -1.54 -4.99
C LEU B 126 -23.78 -0.76 -6.27
N LYS B 127 -22.89 -0.92 -7.24
CA LYS B 127 -23.04 -0.29 -8.55
C LYS B 127 -23.01 -1.37 -9.62
N SER B 128 -23.98 -1.31 -10.53
CA SER B 128 -24.08 -2.26 -11.63
C SER B 128 -23.58 -1.60 -12.92
N GLY B 129 -23.63 -2.36 -14.01
CA GLY B 129 -23.16 -1.86 -15.29
C GLY B 129 -21.69 -1.51 -15.32
N VAL B 130 -20.90 -2.05 -14.40
CA VAL B 130 -19.49 -1.71 -14.26
C VAL B 130 -18.65 -2.85 -14.84
N ASP B 131 -17.60 -2.50 -15.57
CA ASP B 131 -16.58 -3.44 -16.04
C ASP B 131 -15.31 -3.18 -15.24
N VAL B 132 -14.97 -4.13 -14.36
CA VAL B 132 -13.87 -3.90 -13.43
C VAL B 132 -12.50 -3.89 -14.11
N PHE B 133 -12.40 -4.43 -15.33
CA PHE B 133 -11.12 -4.42 -16.02
C PHE B 133 -10.77 -3.04 -16.55
N HIS B 134 -11.77 -2.21 -16.85
CA HIS B 134 -11.56 -0.82 -17.25
C HIS B 134 -11.80 0.14 -16.10
N MET B 135 -11.62 -0.33 -14.87
CA MET B 135 -11.87 0.43 -13.65
C MET B 135 -10.57 0.56 -12.88
N ALA B 136 -10.02 1.79 -12.85
CA ALA B 136 -8.77 2.02 -12.14
C ALA B 136 -8.93 1.70 -10.66
N ALA B 137 -7.84 1.19 -10.08
CA ALA B 137 -7.89 0.70 -8.71
C ALA B 137 -7.94 1.85 -7.71
N GLU B 138 -8.50 1.56 -6.53
CA GLU B 138 -8.57 2.47 -5.41
C GLU B 138 -7.90 1.84 -4.19
N PRO B 139 -7.52 2.64 -3.20
CA PRO B 139 -7.04 2.06 -1.94
C PRO B 139 -8.19 1.43 -1.19
N CYS B 140 -7.87 0.44 -0.37
CA CYS B 140 -8.87 -0.23 0.46
C CYS B 140 -8.17 -0.99 1.56
N ASP B 141 -8.96 -1.61 2.43
CA ASP B 141 -8.46 -2.46 3.49
C ASP B 141 -8.74 -3.93 3.28
N THR B 142 -9.84 -4.27 2.59
CA THR B 142 -10.18 -5.63 2.24
C THR B 142 -10.55 -5.69 0.77
N LEU B 143 -9.92 -6.60 0.03
CA LEU B 143 -10.14 -6.74 -1.40
C LEU B 143 -10.70 -8.12 -1.69
N LEU B 144 -11.93 -8.17 -2.20
CA LEU B 144 -12.57 -9.41 -2.60
C LEU B 144 -12.74 -9.44 -4.11
N CYS B 145 -12.71 -10.64 -4.68
CA CYS B 145 -12.88 -10.81 -6.12
C CYS B 145 -13.33 -12.23 -6.39
N ASP B 146 -14.56 -12.38 -6.88
CA ASP B 146 -15.09 -13.69 -7.26
C ASP B 146 -15.40 -13.71 -8.74
N ILE B 147 -14.38 -13.49 -9.57
CA ILE B 147 -14.54 -13.45 -11.02
C ILE B 147 -13.77 -14.62 -11.63
N GLY B 148 -14.47 -15.43 -12.42
CA GLY B 148 -13.87 -16.59 -13.07
C GLY B 148 -14.92 -17.50 -13.67
N GLU B 149 -15.19 -17.32 -14.96
CA GLU B 149 -16.22 -18.08 -15.65
C GLU B 149 -15.69 -19.44 -16.10
N SER B 150 -16.38 -20.50 -15.70
CA SER B 150 -15.92 -21.85 -16.00
C SER B 150 -16.00 -22.14 -17.49
N SER B 151 -15.19 -23.12 -17.92
CA SER B 151 -15.14 -23.52 -19.31
C SER B 151 -14.68 -24.96 -19.40
N SER B 152 -14.98 -25.60 -20.53
CA SER B 152 -14.53 -26.97 -20.77
C SER B 152 -13.07 -27.03 -21.17
N SER B 153 -12.56 -25.98 -21.81
CA SER B 153 -11.18 -25.96 -22.28
C SER B 153 -10.27 -25.45 -21.18
N PRO B 154 -9.24 -26.20 -20.77
CA PRO B 154 -8.29 -25.67 -19.78
C PRO B 154 -7.40 -24.58 -20.33
N GLU B 155 -7.22 -24.51 -21.65
CA GLU B 155 -6.52 -23.39 -22.25
C GLU B 155 -7.33 -22.10 -22.13
N VAL B 156 -8.66 -22.22 -22.04
CA VAL B 156 -9.52 -21.05 -21.92
C VAL B 156 -9.62 -20.60 -20.46
N GLU B 157 -9.87 -21.56 -19.55
CA GLU B 157 -9.90 -21.23 -18.13
C GLU B 157 -8.59 -20.58 -17.69
N GLU B 158 -7.47 -21.04 -18.25
CA GLU B 158 -6.18 -20.47 -17.90
C GLU B 158 -6.06 -19.03 -18.36
N THR B 159 -6.65 -18.70 -19.51
CA THR B 159 -6.62 -17.32 -20.00
C THR B 159 -7.45 -16.42 -19.10
N ARG B 160 -8.65 -16.86 -18.72
CA ARG B 160 -9.51 -16.05 -17.87
C ARG B 160 -8.88 -15.82 -16.50
N THR B 161 -8.25 -16.84 -15.93
CA THR B 161 -7.60 -16.68 -14.63
C THR B 161 -6.39 -15.77 -14.73
N LEU B 162 -5.59 -15.92 -15.78
CA LEU B 162 -4.43 -15.05 -15.96
C LEU B 162 -4.85 -13.61 -16.20
N ARG B 163 -5.91 -13.39 -16.97
CA ARG B 163 -6.43 -12.04 -17.16
C ARG B 163 -6.85 -11.42 -15.83
N VAL B 164 -7.56 -12.21 -15.00
CA VAL B 164 -8.00 -11.70 -13.70
C VAL B 164 -6.80 -11.35 -12.84
N LEU B 165 -5.82 -12.25 -12.77
CA LEU B 165 -4.66 -12.03 -11.89
C LEU B 165 -3.83 -10.82 -12.29
N SER B 166 -3.88 -10.39 -13.55
CA SER B 166 -3.20 -9.17 -13.93
C SER B 166 -3.95 -7.92 -13.46
N MET B 167 -5.27 -8.01 -13.34
CA MET B 167 -6.06 -6.88 -12.88
C MET B 167 -5.98 -6.70 -11.38
N VAL B 168 -6.04 -7.79 -10.61
CA VAL B 168 -5.96 -7.70 -9.16
C VAL B 168 -4.58 -7.27 -8.70
N GLY B 169 -3.56 -7.43 -9.55
CA GLY B 169 -2.23 -6.97 -9.20
C GLY B 169 -2.18 -5.48 -8.94
N ASP B 170 -2.91 -4.70 -9.75
CA ASP B 170 -2.96 -3.25 -9.54
C ASP B 170 -3.54 -2.91 -8.17
N TRP B 171 -4.65 -3.56 -7.80
CA TRP B 171 -5.27 -3.30 -6.50
C TRP B 171 -4.37 -3.74 -5.36
N LEU B 172 -3.77 -4.92 -5.47
CA LEU B 172 -2.88 -5.43 -4.42
C LEU B 172 -1.64 -4.58 -4.25
N GLU B 173 -1.30 -3.73 -5.23
CA GLU B 173 -0.17 -2.82 -5.08
C GLU B 173 -0.40 -1.83 -3.94
N LYS B 174 -1.66 -1.52 -3.63
CA LYS B 174 -2.01 -0.57 -2.60
C LYS B 174 -2.19 -1.24 -1.23
N ARG B 175 -1.46 -2.34 -0.99
CA ARG B 175 -1.31 -3.13 0.23
C ARG B 175 -2.56 -3.15 1.11
N PRO B 176 -3.59 -3.92 0.73
CA PRO B 176 -4.68 -4.20 1.67
C PRO B 176 -4.20 -5.16 2.76
N GLY B 177 -4.93 -5.16 3.87
CA GLY B 177 -4.60 -6.04 4.98
C GLY B 177 -5.20 -7.42 4.82
N ALA B 178 -6.42 -7.47 4.29
CA ALA B 178 -7.11 -8.72 4.00
C ALA B 178 -7.49 -8.75 2.53
N PHE B 179 -7.41 -9.94 1.92
CA PHE B 179 -7.91 -10.11 0.57
C PHE B 179 -8.34 -11.55 0.36
N CYS B 180 -9.18 -11.75 -0.65
CA CYS B 180 -9.71 -13.07 -0.97
C CYS B 180 -10.22 -13.03 -2.42
N ILE B 181 -9.33 -13.37 -3.35
CA ILE B 181 -9.66 -13.38 -4.76
C ILE B 181 -9.78 -14.81 -5.24
N LYS B 182 -10.66 -15.02 -6.22
CA LYS B 182 -10.98 -16.34 -6.73
C LYS B 182 -10.02 -16.71 -7.85
N VAL B 183 -9.32 -17.83 -7.68
CA VAL B 183 -8.47 -18.40 -8.73
C VAL B 183 -9.25 -19.55 -9.35
N LEU B 184 -9.66 -19.37 -10.61
CA LEU B 184 -10.50 -20.37 -11.25
C LEU B 184 -9.70 -21.60 -11.68
N CYS B 185 -8.62 -21.40 -12.44
CA CYS B 185 -7.79 -22.51 -12.91
C CYS B 185 -6.40 -22.39 -12.31
N PRO B 186 -6.12 -23.09 -11.22
CA PRO B 186 -4.78 -23.00 -10.61
C PRO B 186 -3.96 -24.26 -10.79
N TYR B 187 -4.36 -25.15 -11.69
CA TYR B 187 -3.79 -26.49 -11.74
C TYR B 187 -2.80 -26.73 -12.87
N THR B 188 -2.75 -25.85 -13.88
CA THR B 188 -1.74 -26.02 -14.92
C THR B 188 -0.38 -25.52 -14.43
N SER B 189 0.67 -26.01 -15.09
CA SER B 189 2.03 -25.63 -14.69
C SER B 189 2.25 -24.13 -14.81
N THR B 190 1.73 -23.52 -15.88
CA THR B 190 1.89 -22.09 -16.08
C THR B 190 1.24 -21.29 -14.95
N MET B 191 0.15 -21.81 -14.38
CA MET B 191 -0.52 -21.10 -13.30
C MET B 191 0.20 -21.26 -11.97
N MET B 192 0.82 -22.41 -11.73
CA MET B 192 1.58 -22.59 -10.50
C MET B 192 2.83 -21.73 -10.50
N GLU B 193 3.52 -21.64 -11.64
CA GLU B 193 4.66 -20.73 -11.75
C GLU B 193 4.24 -19.27 -11.66
N THR B 194 2.96 -18.97 -11.92
CA THR B 194 2.44 -17.62 -11.74
C THR B 194 2.00 -17.37 -10.30
N MET B 195 1.27 -18.31 -9.69
CA MET B 195 0.82 -18.13 -8.31
C MET B 195 1.97 -18.18 -7.31
N GLU B 196 3.10 -18.78 -7.68
CA GLU B 196 4.29 -18.68 -6.83
C GLU B 196 4.92 -17.29 -6.92
N ARG B 197 4.98 -16.74 -8.14
CA ARG B 197 5.46 -15.37 -8.31
C ARG B 197 4.60 -14.39 -7.50
N LEU B 198 3.27 -14.55 -7.56
CA LEU B 198 2.39 -13.64 -6.85
C LEU B 198 2.42 -13.89 -5.35
N GLN B 199 2.79 -15.09 -4.93
CA GLN B 199 2.86 -15.39 -3.50
C GLN B 199 4.02 -14.67 -2.82
N ARG B 200 5.14 -14.49 -3.53
CA ARG B 200 6.23 -13.69 -3.00
C ARG B 200 5.82 -12.23 -2.87
N ARG B 201 5.20 -11.69 -3.92
CA ARG B 201 4.89 -10.26 -3.97
C ARG B 201 3.94 -9.86 -2.86
N HIS B 202 2.74 -10.45 -2.86
CA HIS B 202 1.65 -9.99 -1.99
C HIS B 202 1.29 -10.98 -0.89
N GLY B 203 1.96 -12.12 -0.81
CA GLY B 203 1.72 -13.05 0.27
C GLY B 203 0.48 -13.92 0.05
N GLY B 204 0.04 -14.54 1.14
CA GLY B 204 -1.17 -15.34 1.12
C GLY B 204 -0.94 -16.76 0.63
N GLY B 205 -2.04 -17.50 0.54
CA GLY B 205 -2.02 -18.87 0.09
C GLY B 205 -3.30 -19.23 -0.62
N LEU B 206 -3.38 -20.50 -1.05
CA LEU B 206 -4.53 -21.01 -1.78
C LEU B 206 -5.28 -22.02 -0.93
N VAL B 207 -6.62 -21.90 -0.94
CA VAL B 207 -7.48 -22.67 -0.05
C VAL B 207 -8.65 -23.22 -0.85
N ARG B 208 -9.03 -24.47 -0.57
CA ARG B 208 -10.19 -25.11 -1.17
C ARG B 208 -11.36 -25.05 -0.22
N VAL B 209 -12.50 -24.57 -0.71
CA VAL B 209 -13.71 -24.44 0.09
C VAL B 209 -14.56 -25.70 -0.13
N PRO B 210 -14.92 -26.43 0.93
CA PRO B 210 -15.69 -27.67 0.74
C PRO B 210 -17.10 -27.45 0.19
N LEU B 211 -17.57 -26.21 0.15
CA LEU B 211 -18.88 -25.89 -0.43
C LEU B 211 -18.78 -25.65 -1.94
N SER B 212 -18.11 -26.56 -2.64
CA SER B 212 -17.90 -26.40 -4.07
C SER B 212 -18.15 -27.73 -4.77
N ARG B 213 -18.86 -27.67 -5.89
CA ARG B 213 -19.09 -28.86 -6.69
C ARG B 213 -17.78 -29.37 -7.27
N ASN B 214 -17.70 -30.69 -7.45
CA ASN B 214 -16.50 -31.31 -7.98
C ASN B 214 -16.26 -31.01 -9.46
N SER B 215 -17.06 -30.13 -10.06
CA SER B 215 -16.86 -29.76 -11.46
C SER B 215 -15.79 -28.68 -11.64
N THR B 216 -15.51 -27.90 -10.60
CA THR B 216 -14.48 -26.89 -10.63
C THR B 216 -13.28 -27.33 -9.79
N HIS B 217 -12.10 -26.88 -10.21
CA HIS B 217 -10.90 -26.96 -9.39
C HIS B 217 -10.63 -25.64 -8.68
N GLU B 218 -11.62 -24.76 -8.64
CA GLU B 218 -11.40 -23.38 -8.20
C GLU B 218 -10.97 -23.33 -6.74
N MET B 219 -9.93 -22.54 -6.47
CA MET B 219 -9.45 -22.29 -5.12
C MET B 219 -9.42 -20.78 -4.89
N TYR B 220 -9.33 -20.39 -3.63
CA TYR B 220 -9.40 -18.99 -3.25
C TYR B 220 -8.05 -18.54 -2.68
N TRP B 221 -7.41 -17.61 -3.38
CA TRP B 221 -6.20 -16.96 -2.88
C TRP B 221 -6.57 -16.04 -1.72
N VAL B 222 -6.17 -16.41 -0.51
CA VAL B 222 -6.66 -15.79 0.71
C VAL B 222 -5.49 -15.28 1.54
N SER B 223 -5.68 -14.14 2.20
CA SER B 223 -4.57 -13.45 2.89
C SER B 223 -4.12 -14.18 4.15
N GLY B 224 -5.03 -14.85 4.85
CA GLY B 224 -4.68 -15.49 6.11
C GLY B 224 -4.11 -16.89 6.00
N ALA B 225 -3.78 -17.34 4.79
CA ALA B 225 -3.20 -18.66 4.58
C ALA B 225 -1.74 -18.53 4.19
N LYS B 226 -0.94 -19.50 4.59
CA LYS B 226 0.46 -19.61 4.16
C LYS B 226 0.76 -21.09 3.96
N SER B 227 0.55 -21.56 2.75
CA SER B 227 0.82 -22.94 2.38
C SER B 227 1.48 -22.97 1.01
N ASN B 228 2.24 -24.03 0.76
CA ASN B 228 2.95 -24.15 -0.51
C ASN B 228 1.95 -24.25 -1.65
N ILE B 229 2.17 -23.43 -2.69
CA ILE B 229 1.21 -23.34 -3.79
C ILE B 229 1.03 -24.69 -4.46
N ILE B 230 2.14 -25.36 -4.77
CA ILE B 230 2.05 -26.64 -5.45
C ILE B 230 1.45 -27.71 -4.55
N LYS B 231 1.72 -27.64 -3.24
CA LYS B 231 1.14 -28.62 -2.33
C LYS B 231 -0.34 -28.33 -2.06
N SER B 232 -0.71 -27.05 -2.00
CA SER B 232 -2.13 -26.72 -1.81
C SER B 232 -2.96 -27.09 -3.01
N VAL B 233 -2.44 -26.85 -4.22
CA VAL B 233 -3.17 -27.19 -5.43
C VAL B 233 -3.29 -28.71 -5.59
N SER B 234 -2.23 -29.44 -5.26
CA SER B 234 -2.20 -30.87 -5.57
C SER B 234 -2.90 -31.72 -4.52
N THR B 235 -2.87 -31.32 -3.24
CA THR B 235 -3.69 -32.02 -2.25
C THR B 235 -5.16 -31.95 -2.62
N THR B 236 -5.59 -30.82 -3.18
CA THR B 236 -6.94 -30.70 -3.70
C THR B 236 -7.14 -31.59 -4.92
N SER B 237 -6.18 -31.55 -5.86
CA SER B 237 -6.27 -32.41 -7.04
C SER B 237 -6.35 -33.88 -6.66
N GLN B 238 -5.68 -34.28 -5.59
CA GLN B 238 -5.80 -35.67 -5.12
C GLN B 238 -7.19 -35.95 -4.58
N LEU B 239 -7.82 -34.96 -3.94
CA LEU B 239 -9.18 -35.14 -3.46
C LEU B 239 -10.16 -35.31 -4.63
N LEU B 240 -10.07 -34.42 -5.62
CA LEU B 240 -10.99 -34.47 -6.75
C LEU B 240 -10.81 -35.76 -7.54
N LEU B 241 -9.56 -36.14 -7.81
CA LEU B 241 -9.31 -37.38 -8.55
C LEU B 241 -9.78 -38.60 -7.77
N GLY B 242 -9.62 -38.57 -6.45
CA GLY B 242 -10.10 -39.67 -5.64
C GLY B 242 -11.61 -39.81 -5.66
N ARG B 243 -12.32 -38.68 -5.60
CA ARG B 243 -13.77 -38.70 -5.59
C ARG B 243 -14.38 -39.26 -6.88
N MET B 244 -13.59 -39.43 -7.93
CA MET B 244 -14.12 -39.96 -9.19
C MET B 244 -14.44 -41.45 -9.11
N ASP B 245 -14.10 -42.11 -7.99
CA ASP B 245 -14.35 -43.54 -7.80
C ASP B 245 -14.07 -43.94 -6.35
N GLY B 246 -14.81 -44.91 -5.84
CA GLY B 246 -15.84 -45.59 -6.59
C GLY B 246 -17.25 -45.09 -6.35
N PRO B 247 -17.87 -45.52 -5.25
CA PRO B 247 -19.29 -45.26 -5.05
C PRO B 247 -19.55 -43.78 -4.80
N ARG B 248 -20.69 -43.31 -5.31
CA ARG B 248 -21.13 -41.95 -5.02
C ARG B 248 -21.48 -41.83 -3.55
N ARG B 249 -20.96 -40.80 -2.91
CA ARG B 249 -21.14 -40.57 -1.48
C ARG B 249 -22.16 -39.47 -1.25
N PRO B 250 -22.85 -39.50 -0.11
CA PRO B 250 -23.88 -38.49 0.14
C PRO B 250 -23.28 -37.11 0.34
N VAL B 251 -24.03 -36.10 -0.10
CA VAL B 251 -23.65 -34.71 0.14
C VAL B 251 -24.03 -34.35 1.58
N LYS B 252 -23.09 -33.76 2.30
CA LYS B 252 -23.35 -33.30 3.66
C LYS B 252 -23.96 -31.91 3.62
N TYR B 253 -24.97 -31.70 4.46
CA TYR B 253 -25.72 -30.45 4.46
C TYR B 253 -25.36 -29.60 5.67
N GLU B 254 -25.39 -28.29 5.48
CA GLU B 254 -25.14 -27.33 6.53
C GLU B 254 -26.33 -26.37 6.65
N GLU B 255 -26.45 -25.79 7.84
CA GLU B 255 -27.41 -24.72 8.05
C GLU B 255 -26.90 -23.44 7.39
N ASP B 256 -27.78 -22.78 6.63
CA ASP B 256 -27.37 -21.55 5.98
C ASP B 256 -27.29 -20.42 7.01
N VAL B 257 -26.55 -19.39 6.65
CA VAL B 257 -26.29 -18.28 7.59
C VAL B 257 -27.47 -17.33 7.57
N ASN B 258 -27.71 -16.69 8.72
CA ASN B 258 -28.76 -15.68 8.86
C ASN B 258 -28.09 -14.36 9.22
N LEU B 259 -28.08 -13.43 8.26
CA LEU B 259 -27.34 -12.19 8.43
C LEU B 259 -28.02 -11.25 9.43
N GLY B 260 -29.35 -11.30 9.49
CA GLY B 260 -30.10 -10.44 10.37
C GLY B 260 -30.88 -9.39 9.60
N SER B 261 -31.20 -8.30 10.29
CA SER B 261 -31.95 -7.21 9.69
C SER B 261 -31.71 -5.94 10.48
N GLY B 262 -32.16 -4.82 9.93
CA GLY B 262 -31.95 -3.54 10.54
C GLY B 262 -30.62 -2.92 10.15
N THR B 263 -30.43 -1.67 10.57
CA THR B 263 -29.25 -0.91 10.21
C THR B 263 -28.13 -1.10 11.24
N ARG B 264 -26.96 -0.65 10.85
CA ARG B 264 -25.74 -0.77 11.64
C ARG B 264 -25.43 0.57 12.29
N ALA B 265 -25.08 0.53 13.58
CA ALA B 265 -24.56 1.72 14.23
C ALA B 265 -23.29 2.17 13.51
N VAL B 266 -23.02 3.48 13.56
CA VAL B 266 -21.94 4.06 12.78
C VAL B 266 -21.36 5.25 13.52
N ALA B 267 -20.09 5.53 13.23
CA ALA B 267 -19.35 6.59 13.91
C ALA B 267 -19.91 7.96 13.51
N SER B 268 -20.20 8.78 14.51
CA SER B 268 -20.85 10.07 14.30
C SER B 268 -19.81 11.18 14.26
N CYS B 269 -19.87 11.99 13.20
CA CYS B 269 -19.14 13.24 13.12
C CYS B 269 -20.09 14.42 13.03
N ALA B 270 -21.25 14.31 13.68
CA ALA B 270 -22.30 15.31 13.56
C ALA B 270 -22.04 16.49 14.49
N GLU B 271 -22.26 17.69 13.98
CA GLU B 271 -22.11 18.90 14.76
C GLU B 271 -23.06 18.87 15.96
N ALA B 272 -22.56 19.28 17.12
CA ALA B 272 -23.37 19.27 18.33
C ALA B 272 -24.57 20.17 18.15
N PRO B 273 -25.75 19.75 18.61
CA PRO B 273 -26.94 20.56 18.40
C PRO B 273 -27.03 21.72 19.38
N ASN B 274 -27.62 22.82 18.90
CA ASN B 274 -27.94 23.96 19.76
C ASN B 274 -29.27 23.66 20.43
N MET B 275 -29.22 22.93 21.55
CA MET B 275 -30.42 22.47 22.22
C MET B 275 -31.27 23.62 22.75
N LYS B 276 -30.68 24.81 22.95
CA LYS B 276 -31.45 25.96 23.38
C LYS B 276 -32.40 26.47 22.29
N ILE B 277 -32.26 26.00 21.06
CA ILE B 277 -33.11 26.40 19.95
C ILE B 277 -34.07 25.29 19.55
N ILE B 278 -33.55 24.07 19.38
CA ILE B 278 -34.36 22.94 18.94
C ILE B 278 -34.95 22.14 20.10
N GLY B 279 -34.63 22.50 21.34
CA GLY B 279 -35.00 21.66 22.46
C GLY B 279 -36.50 21.57 22.69
N ARG B 280 -37.24 22.62 22.34
CA ARG B 280 -38.68 22.62 22.59
C ARG B 280 -39.41 21.71 21.61
N ARG B 281 -38.98 21.70 20.34
CA ARG B 281 -39.64 20.89 19.33
C ARG B 281 -39.37 19.41 19.56
N ILE B 282 -38.11 19.05 19.82
CA ILE B 282 -37.76 17.66 20.11
C ILE B 282 -38.51 17.17 21.33
N GLU B 283 -38.53 17.99 22.39
CA GLU B 283 -39.29 17.63 23.59
C GLU B 283 -40.77 17.48 23.30
N ARG B 284 -41.29 18.26 22.33
CA ARG B 284 -42.71 18.17 22.00
C ARG B 284 -43.01 16.89 21.22
N ILE B 285 -42.23 16.61 20.17
CA ILE B 285 -42.47 15.41 19.37
C ILE B 285 -42.36 14.17 20.24
N ARG B 286 -41.40 14.15 21.17
CA ARG B 286 -41.21 13.01 22.05
C ARG B 286 -42.42 12.80 22.95
N ASN B 287 -42.93 13.89 23.54
CA ASN B 287 -44.03 13.76 24.50
C ASN B 287 -45.32 13.30 23.82
N GLU B 288 -45.57 13.74 22.58
CA GLU B 288 -46.79 13.30 21.89
C GLU B 288 -46.72 11.83 21.52
N HIS B 289 -45.52 11.28 21.35
CA HIS B 289 -45.33 9.87 21.03
C HIS B 289 -44.58 9.14 22.14
N ALA B 290 -44.76 9.58 23.38
CA ALA B 290 -44.05 9.01 24.51
C ALA B 290 -44.40 7.55 24.79
N GLU B 291 -45.49 7.05 24.22
CA GLU B 291 -45.86 5.66 24.45
C GLU B 291 -44.83 4.71 23.85
N THR B 292 -44.33 5.02 22.65
CA THR B 292 -43.40 4.14 21.95
C THR B 292 -42.07 4.83 21.64
N TRP B 293 -41.81 6.00 22.22
CA TRP B 293 -40.53 6.67 22.02
C TRP B 293 -39.38 5.84 22.57
N PHE B 294 -38.28 5.83 21.84
CA PHE B 294 -37.09 5.10 22.28
C PHE B 294 -35.88 5.60 21.51
N LEU B 295 -34.71 5.41 22.11
CA LEU B 295 -33.43 5.66 21.46
C LEU B 295 -32.91 4.36 20.86
N ASP B 296 -32.61 4.39 19.57
CA ASP B 296 -32.15 3.21 18.84
C ASP B 296 -30.63 3.30 18.71
N GLU B 297 -29.92 2.38 19.37
CA GLU B 297 -28.47 2.35 19.27
C GLU B 297 -27.97 1.80 17.91
N ASN B 298 -28.85 1.68 16.91
CA ASN B 298 -28.47 1.20 15.58
C ASN B 298 -28.80 2.20 14.48
N HIS B 299 -29.03 3.46 14.84
CA HIS B 299 -29.39 4.46 13.84
C HIS B 299 -28.22 4.71 12.88
N PRO B 300 -28.51 4.97 11.61
CA PRO B 300 -27.45 5.05 10.60
C PRO B 300 -27.09 6.48 10.20
N TYR B 301 -27.13 7.41 11.15
CA TYR B 301 -26.93 8.83 10.86
C TYR B 301 -25.53 9.24 11.27
N ARG B 302 -24.71 9.62 10.28
CA ARG B 302 -23.33 10.05 10.51
C ARG B 302 -23.27 11.54 10.85
N THR B 303 -23.70 12.40 9.92
CA THR B 303 -23.54 13.84 10.05
C THR B 303 -24.77 14.53 10.62
N TRP B 304 -25.91 13.85 10.70
CA TRP B 304 -27.07 14.37 11.38
C TRP B 304 -27.05 13.93 12.85
N ALA B 305 -27.55 14.80 13.71
CA ALA B 305 -27.69 14.48 15.13
C ALA B 305 -28.99 13.73 15.35
N TYR B 306 -28.92 12.63 16.10
CA TYR B 306 -30.05 11.74 16.33
C TYR B 306 -30.64 12.00 17.71
N HIS B 307 -31.98 12.09 17.78
CA HIS B 307 -32.66 12.42 19.02
C HIS B 307 -33.64 11.37 19.49
N GLY B 308 -34.01 10.40 18.67
CA GLY B 308 -34.88 9.33 19.10
C GLY B 308 -35.71 8.80 17.95
N SER B 309 -36.54 7.81 18.28
CA SER B 309 -37.39 7.16 17.29
C SER B 309 -38.69 6.73 17.95
N TYR B 310 -39.73 6.61 17.14
CA TYR B 310 -40.99 6.01 17.57
C TYR B 310 -41.57 5.22 16.41
N GLU B 311 -42.42 4.24 16.75
CA GLU B 311 -43.05 3.41 15.73
C GLU B 311 -44.12 4.19 14.98
N ALA B 312 -44.24 3.91 13.69
CA ALA B 312 -45.14 4.63 12.81
C ALA B 312 -45.42 3.77 11.59
N PRO B 313 -46.51 4.02 10.88
CA PRO B 313 -46.77 3.28 9.64
C PRO B 313 -45.82 3.71 8.54
N THR B 314 -45.73 2.85 7.52
CA THR B 314 -44.94 3.16 6.34
C THR B 314 -45.78 3.90 5.31
N GLN B 315 -45.09 4.61 4.42
CA GLN B 315 -45.72 5.37 3.35
C GLN B 315 -45.03 5.05 2.04
N GLY B 316 -45.56 5.62 0.95
CA GLY B 316 -44.94 5.47 -0.35
C GLY B 316 -45.07 4.07 -0.92
N SER B 317 -44.56 3.92 -2.14
CA SER B 317 -44.57 2.63 -2.83
C SER B 317 -43.52 2.65 -3.92
N ALA B 318 -43.28 1.48 -4.49
CA ALA B 318 -42.41 1.32 -5.65
C ALA B 318 -43.17 0.94 -6.91
N SER B 319 -44.50 0.87 -6.83
CA SER B 319 -45.31 0.36 -7.93
C SER B 319 -45.36 1.37 -9.06
N SER B 320 -44.91 0.95 -10.25
CA SER B 320 -44.89 1.79 -11.45
C SER B 320 -45.73 1.12 -12.52
N LEU B 321 -46.85 1.73 -12.88
CA LEU B 321 -47.72 1.19 -13.91
C LEU B 321 -47.31 1.72 -15.28
N VAL B 322 -48.02 1.27 -16.31
CA VAL B 322 -47.70 1.61 -17.69
C VAL B 322 -48.95 2.17 -18.35
N ASN B 323 -48.83 3.39 -18.89
CA ASN B 323 -49.93 4.02 -19.62
C ASN B 323 -50.24 3.22 -20.88
N GLY B 324 -51.35 2.48 -20.86
CA GLY B 324 -51.67 1.58 -21.96
C GLY B 324 -51.83 2.25 -23.31
N VAL B 325 -52.54 3.38 -23.35
CA VAL B 325 -52.81 4.02 -24.63
C VAL B 325 -51.55 4.62 -25.25
N VAL B 326 -50.53 4.93 -24.44
CA VAL B 326 -49.28 5.44 -24.99
C VAL B 326 -48.41 4.29 -25.51
N ARG B 327 -48.44 3.14 -24.84
CA ARG B 327 -47.65 2.00 -25.29
C ARG B 327 -48.11 1.51 -26.66
N LEU B 328 -49.43 1.50 -26.89
CA LEU B 328 -49.95 1.01 -28.16
C LEU B 328 -49.63 1.96 -29.31
N LEU B 329 -49.53 3.25 -29.03
CA LEU B 329 -49.20 4.24 -30.05
C LEU B 329 -47.69 4.51 -30.14
N SER B 330 -46.89 3.89 -29.28
CA SER B 330 -45.44 4.02 -29.36
C SER B 330 -44.79 2.64 -29.48
N LYS B 331 -45.22 1.87 -30.47
CA LYS B 331 -44.76 0.49 -30.65
C LYS B 331 -43.28 0.37 -31.01
N PRO B 332 -42.75 1.15 -31.95
CA PRO B 332 -41.32 1.00 -32.29
C PRO B 332 -40.37 1.34 -31.15
N TRP B 333 -40.87 1.77 -30.00
CA TRP B 333 -40.05 2.02 -28.83
C TRP B 333 -40.21 0.94 -27.77
N ASP B 334 -40.96 -0.13 -28.08
CA ASP B 334 -41.05 -1.28 -27.18
C ASP B 334 -39.69 -1.95 -26.96
N VAL B 335 -38.74 -1.73 -27.87
CA VAL B 335 -37.45 -2.39 -27.80
C VAL B 335 -36.32 -1.46 -27.34
N VAL B 336 -36.46 -0.15 -27.52
CA VAL B 336 -35.40 0.78 -27.14
C VAL B 336 -35.34 0.85 -25.62
N THR B 337 -34.21 0.42 -25.05
CA THR B 337 -34.05 0.43 -23.60
C THR B 337 -34.03 1.84 -23.03
N GLY B 338 -33.73 2.84 -23.85
CA GLY B 338 -33.71 4.22 -23.39
C GLY B 338 -35.07 4.77 -22.97
N VAL B 339 -36.15 4.03 -23.23
CA VAL B 339 -37.49 4.46 -22.89
C VAL B 339 -38.20 3.44 -22.00
N THR B 340 -38.02 2.15 -22.26
CA THR B 340 -38.71 1.13 -21.48
C THR B 340 -38.14 0.98 -20.08
N GLY B 341 -36.95 1.50 -19.83
CA GLY B 341 -36.32 1.44 -18.53
C GLY B 341 -36.64 2.58 -17.59
N ILE B 342 -37.57 3.46 -17.96
CA ILE B 342 -37.98 4.58 -17.13
C ILE B 342 -39.27 4.21 -16.41
N ALA B 343 -39.23 4.23 -15.08
CA ALA B 343 -40.37 3.86 -14.25
C ALA B 343 -40.47 4.80 -13.06
N MET B 344 -41.56 4.66 -12.32
CA MET B 344 -41.73 5.44 -11.09
C MET B 344 -40.64 5.09 -10.08
N THR B 345 -40.46 5.99 -9.13
CA THR B 345 -39.40 5.89 -8.15
C THR B 345 -39.93 5.26 -6.85
N ASP B 346 -39.03 4.59 -6.13
CA ASP B 346 -39.37 3.94 -4.87
C ASP B 346 -39.36 4.99 -3.76
N THR B 347 -40.53 5.30 -3.24
CA THR B 347 -40.67 6.29 -2.17
C THR B 347 -40.97 5.68 -0.82
N THR B 348 -40.85 4.35 -0.69
CA THR B 348 -40.99 3.66 0.59
C THR B 348 -39.87 4.11 1.52
N PRO B 349 -39.96 3.84 2.83
CA PRO B 349 -38.83 4.14 3.72
C PRO B 349 -37.48 3.64 3.19
N TYR B 350 -37.39 2.35 2.88
CA TYR B 350 -36.14 1.80 2.36
C TYR B 350 -35.77 2.44 1.03
N GLY B 351 -36.78 2.76 0.21
CA GLY B 351 -36.49 3.37 -1.08
C GLY B 351 -35.84 4.73 -0.98
N GLN B 352 -36.17 5.49 0.07
CA GLN B 352 -35.60 6.82 0.25
C GLN B 352 -34.33 6.80 1.11
N GLN B 353 -34.32 6.00 2.18
CA GLN B 353 -33.12 5.87 3.00
C GLN B 353 -31.94 5.33 2.22
N ARG B 354 -32.21 4.60 1.13
CA ARG B 354 -31.14 4.18 0.22
C ARG B 354 -30.36 5.39 -0.30
N VAL B 355 -31.08 6.38 -0.82
CA VAL B 355 -30.43 7.57 -1.36
C VAL B 355 -29.91 8.45 -0.24
N PHE B 356 -30.67 8.55 0.86
CA PHE B 356 -30.34 9.45 1.96
C PHE B 356 -28.94 9.17 2.51
N LYS B 357 -28.63 7.89 2.75
CA LYS B 357 -27.36 7.54 3.38
C LYS B 357 -26.16 7.85 2.49
N GLU B 358 -26.34 7.96 1.18
CA GLU B 358 -25.25 8.26 0.27
C GLU B 358 -25.17 9.73 -0.11
N LYS B 359 -26.29 10.44 -0.18
CA LYS B 359 -26.32 11.77 -0.77
C LYS B 359 -26.79 12.88 0.15
N VAL B 360 -27.32 12.57 1.33
CA VAL B 360 -27.77 13.61 2.24
C VAL B 360 -27.02 13.52 3.56
N ASP B 361 -26.67 12.30 3.97
CA ASP B 361 -25.91 12.10 5.21
C ASP B 361 -24.43 12.38 4.93
N THR B 362 -24.15 13.65 4.65
CA THR B 362 -22.80 14.11 4.36
C THR B 362 -22.54 15.41 5.11
N ARG B 363 -21.26 15.69 5.34
CA ARG B 363 -20.82 16.99 5.81
C ARG B 363 -19.69 17.48 4.92
N VAL B 364 -19.72 18.77 4.60
CA VAL B 364 -18.68 19.39 3.80
C VAL B 364 -17.81 20.23 4.73
N PRO B 365 -16.49 20.15 4.63
CA PRO B 365 -15.63 20.95 5.52
C PRO B 365 -15.90 22.44 5.35
N ASP B 366 -15.82 23.17 6.45
CA ASP B 366 -15.97 24.61 6.41
C ASP B 366 -14.95 25.21 5.45
N PRO B 367 -15.34 26.14 4.59
CA PRO B 367 -14.36 26.80 3.73
C PRO B 367 -13.36 27.60 4.56
N GLN B 368 -12.20 27.85 3.96
CA GLN B 368 -11.16 28.58 4.66
C GLN B 368 -11.63 30.02 4.92
N GLU B 369 -10.82 30.76 5.66
CA GLU B 369 -11.25 32.06 6.17
C GLU B 369 -11.05 33.18 5.16
N GLY B 370 -10.12 33.04 4.22
CA GLY B 370 -10.07 33.97 3.11
C GLY B 370 -11.21 33.73 2.12
N THR B 371 -11.58 32.47 1.95
CA THR B 371 -12.73 32.13 1.11
C THR B 371 -14.02 32.69 1.71
N ARG B 372 -14.23 32.47 3.01
CA ARG B 372 -15.43 32.97 3.67
C ARG B 372 -15.57 34.48 3.53
N GLN B 373 -14.45 35.21 3.52
CA GLN B 373 -14.53 36.67 3.42
C GLN B 373 -14.87 37.11 2.01
N VAL B 374 -14.24 36.48 1.00
CA VAL B 374 -14.58 36.79 -0.40
C VAL B 374 -16.07 36.58 -0.63
N MET B 375 -16.65 35.53 -0.05
CA MET B 375 -18.07 35.28 -0.20
C MET B 375 -18.91 36.37 0.47
N ASN B 376 -18.50 36.81 1.66
CA ASN B 376 -19.28 37.82 2.38
C ASN B 376 -19.28 39.15 1.65
N ILE B 377 -18.23 39.46 0.91
CA ILE B 377 -18.18 40.71 0.15
C ILE B 377 -19.10 40.62 -1.06
N VAL B 378 -18.98 39.54 -1.85
CA VAL B 378 -19.79 39.40 -3.05
C VAL B 378 -21.25 39.21 -2.70
N SER B 379 -21.55 38.58 -1.56
CA SER B 379 -22.94 38.42 -1.14
C SER B 379 -23.55 39.75 -0.75
N SER B 380 -22.81 40.56 0.02
CA SER B 380 -23.32 41.87 0.40
C SER B 380 -23.46 42.78 -0.80
N TRP B 381 -22.60 42.63 -1.80
CA TRP B 381 -22.69 43.44 -3.01
C TRP B 381 -23.85 43.00 -3.88
N LEU B 382 -24.13 41.70 -3.93
CA LEU B 382 -25.23 41.22 -4.76
C LEU B 382 -26.58 41.57 -4.14
N TRP B 383 -26.69 41.46 -2.81
CA TRP B 383 -27.92 41.88 -2.13
C TRP B 383 -28.19 43.36 -2.36
N LYS B 384 -27.17 44.20 -2.22
CA LYS B 384 -27.35 45.64 -2.44
C LYS B 384 -27.72 45.96 -3.87
N GLU B 385 -27.20 45.19 -4.83
CA GLU B 385 -27.57 45.41 -6.23
C GLU B 385 -29.04 45.04 -6.47
N LEU B 386 -29.46 43.89 -5.94
CA LEU B 386 -30.84 43.45 -6.12
C LEU B 386 -31.82 44.42 -5.48
N GLY B 387 -31.51 44.93 -4.30
CA GLY B 387 -32.43 45.77 -3.56
C GLY B 387 -32.35 47.24 -3.91
N LYS B 388 -31.94 47.56 -5.13
CA LYS B 388 -31.82 48.96 -5.55
C LYS B 388 -33.17 49.52 -5.97
N ARG B 389 -33.88 48.81 -6.85
CA ARG B 389 -35.19 49.22 -7.30
C ARG B 389 -36.32 48.49 -6.60
N LYS B 390 -36.03 47.77 -5.52
CA LYS B 390 -37.02 47.01 -4.79
C LYS B 390 -36.69 47.05 -3.30
N ARG B 391 -37.74 47.14 -2.48
CA ARG B 391 -37.55 47.11 -1.04
C ARG B 391 -38.28 45.91 -0.44
N PRO B 392 -37.69 45.25 0.56
CA PRO B 392 -38.39 44.16 1.23
C PRO B 392 -39.67 44.64 1.88
N ARG B 393 -40.57 43.69 2.11
CA ARG B 393 -41.85 43.99 2.73
C ARG B 393 -42.43 42.70 3.29
N VAL B 394 -43.20 42.84 4.37
CA VAL B 394 -43.90 41.69 4.92
C VAL B 394 -45.06 41.34 4.00
N CYS B 395 -45.19 40.06 3.68
CA CYS B 395 -46.33 39.58 2.91
C CYS B 395 -47.48 39.22 3.84
N THR B 396 -48.70 39.29 3.29
CA THR B 396 -49.91 39.28 4.09
C THR B 396 -50.62 37.94 4.00
N LYS B 397 -51.50 37.71 4.99
CA LYS B 397 -52.34 36.53 4.98
C LYS B 397 -53.27 36.50 3.77
N GLU B 398 -53.81 37.67 3.40
CA GLU B 398 -54.67 37.77 2.24
C GLU B 398 -53.92 37.43 0.96
N GLU B 399 -52.62 37.78 0.91
CA GLU B 399 -51.77 37.37 -0.20
C GLU B 399 -51.53 35.86 -0.19
N PHE B 400 -51.48 35.27 1.00
CA PHE B 400 -51.18 33.85 1.13
C PHE B 400 -52.35 32.98 0.66
N ILE B 401 -53.57 33.41 0.96
CA ILE B 401 -54.76 32.65 0.58
C ILE B 401 -54.85 32.55 -0.94
N ASN B 402 -54.49 33.63 -1.64
CA ASN B 402 -54.50 33.62 -3.11
C ASN B 402 -53.43 32.69 -3.70
N LYS B 403 -52.47 32.25 -2.91
CA LYS B 403 -51.31 31.52 -3.41
C LYS B 403 -51.31 30.04 -3.05
N VAL B 404 -52.28 29.57 -2.29
CA VAL B 404 -52.31 28.18 -1.81
C VAL B 404 -53.24 27.38 -2.73
N ARG B 405 -52.64 26.67 -3.69
CA ARG B 405 -53.40 25.89 -4.67
C ARG B 405 -54.13 24.74 -3.98
N SER B 406 -54.91 24.00 -4.79
CA SER B 406 -55.66 22.88 -4.25
C SER B 406 -54.73 21.77 -3.78
N ASN B 407 -53.63 21.54 -4.50
CA ASN B 407 -52.68 20.49 -4.15
C ASN B 407 -51.55 20.98 -3.27
N ALA B 408 -51.84 21.83 -2.29
CA ALA B 408 -50.87 22.21 -1.27
C ALA B 408 -51.01 21.28 -0.08
N ALA B 409 -49.87 20.89 0.50
CA ALA B 409 -49.86 19.92 1.58
C ALA B 409 -50.03 20.60 2.92
N LEU B 410 -50.80 19.95 3.81
CA LEU B 410 -50.92 20.44 5.18
C LEU B 410 -49.60 20.23 5.93
N GLY B 411 -49.04 19.03 5.84
CA GLY B 411 -47.80 18.73 6.53
C GLY B 411 -47.91 18.74 8.04
N ALA B 412 -49.12 18.55 8.57
CA ALA B 412 -49.33 18.62 10.01
C ALA B 412 -48.44 17.62 10.73
N ILE B 413 -47.93 18.04 11.89
CA ILE B 413 -46.99 17.26 12.68
C ILE B 413 -47.48 17.04 14.10
N PHE B 414 -48.02 18.08 14.73
CA PHE B 414 -48.53 17.97 16.09
C PHE B 414 -50.03 17.73 16.09
N GLU B 415 -50.56 17.40 17.27
CA GLU B 415 -51.98 17.07 17.40
C GLU B 415 -52.86 18.24 16.96
N GLU B 416 -52.57 19.44 17.46
CA GLU B 416 -53.43 20.59 17.18
C GLU B 416 -53.33 21.07 15.74
N GLU B 417 -52.29 20.65 15.01
CA GLU B 417 -52.22 20.93 13.58
C GLU B 417 -53.00 19.93 12.75
N LYS B 418 -53.39 18.80 13.33
CA LYS B 418 -54.22 17.80 12.64
C LYS B 418 -55.69 18.10 12.93
N GLU B 419 -56.29 18.94 12.09
CA GLU B 419 -57.71 19.28 12.19
C GLU B 419 -58.43 19.35 10.87
N TRP B 420 -57.74 19.55 9.75
CA TRP B 420 -58.37 19.83 8.47
C TRP B 420 -57.97 18.77 7.44
N LYS B 421 -58.80 18.64 6.41
CA LYS B 421 -58.55 17.69 5.34
C LYS B 421 -57.62 18.27 4.28
N THR B 422 -58.00 19.40 3.69
CA THR B 422 -57.26 20.02 2.61
C THR B 422 -56.75 21.39 3.04
N ALA B 423 -55.75 21.89 2.31
CA ALA B 423 -55.10 23.14 2.69
C ALA B 423 -56.04 24.34 2.53
N VAL B 424 -56.90 24.32 1.50
CA VAL B 424 -57.82 25.42 1.29
C VAL B 424 -58.83 25.49 2.43
N GLU B 425 -59.19 24.35 3.01
CA GLU B 425 -60.10 24.36 4.16
C GLU B 425 -59.44 24.99 5.38
N ALA B 426 -58.17 24.69 5.61
CA ALA B 426 -57.49 25.18 6.81
C ALA B 426 -57.37 26.69 6.80
N VAL B 427 -57.04 27.29 5.65
CA VAL B 427 -56.87 28.73 5.58
C VAL B 427 -58.17 29.50 5.67
N ASN B 428 -59.30 28.79 5.64
CA ASN B 428 -60.62 29.39 5.87
C ASN B 428 -61.08 29.25 7.31
N ASP B 429 -60.27 28.68 8.19
CA ASP B 429 -60.63 28.43 9.57
C ASP B 429 -59.85 29.36 10.49
N PRO B 430 -60.51 30.16 11.33
CA PRO B 430 -59.78 31.04 12.24
C PRO B 430 -58.94 30.30 13.28
N ARG B 431 -59.28 29.05 13.61
CA ARG B 431 -58.42 28.26 14.50
C ARG B 431 -57.04 28.06 13.89
N PHE B 432 -56.95 28.05 12.57
CA PHE B 432 -55.65 27.86 11.91
C PHE B 432 -54.77 29.09 12.07
N TRP B 433 -55.32 30.27 11.80
CA TRP B 433 -54.55 31.50 11.97
C TRP B 433 -54.28 31.82 13.43
N ALA B 434 -54.97 31.17 14.37
CA ALA B 434 -54.61 31.30 15.77
C ALA B 434 -53.31 30.56 16.07
N LEU B 435 -53.16 29.34 15.53
CA LEU B 435 -51.89 28.62 15.68
C LEU B 435 -50.75 29.38 15.02
N VAL B 436 -51.01 29.97 13.85
CA VAL B 436 -50.01 30.80 13.20
C VAL B 436 -49.66 32.00 14.08
N ASP B 437 -50.68 32.74 14.51
CA ASP B 437 -50.45 33.89 15.36
C ASP B 437 -49.87 33.50 16.71
N ARG B 438 -50.03 32.25 17.13
CA ARG B 438 -49.47 31.83 18.41
C ARG B 438 -47.99 31.45 18.29
N GLU B 439 -47.54 31.04 17.10
CA GLU B 439 -46.13 30.74 16.90
C GLU B 439 -45.31 32.02 16.72
N ARG B 440 -45.89 33.03 16.05
CA ARG B 440 -45.19 34.30 15.88
C ARG B 440 -44.86 34.92 17.22
N GLU B 441 -45.77 34.80 18.19
CA GLU B 441 -45.48 35.30 19.53
C GLU B 441 -44.29 34.56 20.14
N HIS B 442 -44.25 33.24 19.98
CA HIS B 442 -43.07 32.48 20.40
C HIS B 442 -41.82 32.99 19.70
N HIS B 443 -41.89 33.14 18.37
CA HIS B 443 -40.78 33.68 17.60
C HIS B 443 -40.33 35.03 18.16
N LEU B 444 -41.29 35.91 18.45
CA LEU B 444 -40.97 37.24 18.96
C LEU B 444 -40.29 37.22 20.32
N ARG B 445 -40.31 36.09 21.03
CA ARG B 445 -39.60 35.94 22.29
C ARG B 445 -38.40 34.98 22.17
N GLY B 446 -37.95 34.72 20.95
CA GLY B 446 -36.79 33.89 20.76
C GLY B 446 -37.00 32.41 20.98
N GLU B 447 -38.25 31.94 20.92
CA GLU B 447 -38.55 30.52 21.04
C GLU B 447 -39.24 30.03 19.77
N CYS B 448 -39.10 28.73 19.52
CA CYS B 448 -39.73 28.09 18.37
C CYS B 448 -40.36 26.79 18.84
N HIS B 449 -41.65 26.59 18.55
CA HIS B 449 -42.42 25.52 19.16
C HIS B 449 -43.01 24.52 18.17
N SER B 450 -43.10 24.84 16.88
CA SER B 450 -43.76 23.91 15.97
C SER B 450 -43.18 23.87 14.56
N CYS B 451 -42.10 24.59 14.27
CA CYS B 451 -41.53 24.60 12.92
C CYS B 451 -40.63 23.38 12.75
N VAL B 452 -41.21 22.29 12.23
CA VAL B 452 -40.53 21.02 12.07
C VAL B 452 -40.72 20.54 10.64
N TYR B 453 -39.72 19.82 10.12
CA TYR B 453 -39.70 19.38 8.73
C TYR B 453 -40.22 17.96 8.59
N ASN B 454 -41.07 17.74 7.58
CA ASN B 454 -41.43 16.41 7.13
C ASN B 454 -40.54 16.02 5.96
N MET B 455 -39.96 14.83 6.02
CA MET B 455 -39.10 14.34 4.95
C MET B 455 -39.67 13.06 4.37
N MET B 456 -39.46 12.88 3.06
CA MET B 456 -40.07 11.78 2.31
C MET B 456 -39.41 11.71 0.95
N GLY B 457 -39.81 10.72 0.16
CA GLY B 457 -39.27 10.55 -1.18
C GLY B 457 -40.15 11.23 -2.22
N LYS B 458 -39.50 11.80 -3.23
CA LYS B 458 -40.18 12.47 -4.32
C LYS B 458 -40.47 11.45 -5.42
N ARG B 459 -41.73 11.40 -5.85
CA ARG B 459 -42.18 10.42 -6.84
C ARG B 459 -41.89 10.97 -8.23
N GLU B 460 -40.79 10.52 -8.82
CA GLU B 460 -40.33 10.98 -10.13
C GLU B 460 -40.47 9.87 -11.16
N LYS B 461 -40.17 10.22 -12.41
CA LYS B 461 -40.01 9.25 -13.50
C LYS B 461 -38.54 9.26 -13.90
N LYS B 462 -37.78 8.27 -13.43
CA LYS B 462 -36.35 8.20 -13.71
C LYS B 462 -35.99 6.84 -14.27
N GLN B 463 -34.77 6.75 -14.79
CA GLN B 463 -34.26 5.48 -15.29
C GLN B 463 -33.91 4.56 -14.12
N GLY B 464 -34.22 3.27 -14.29
CA GLY B 464 -34.14 2.33 -13.19
C GLY B 464 -32.71 1.96 -12.84
N GLU B 465 -32.57 1.37 -11.66
CA GLU B 465 -31.29 0.87 -11.16
C GLU B 465 -31.40 -0.63 -10.95
N PHE B 466 -30.39 -1.36 -11.41
CA PHE B 466 -30.44 -2.83 -11.45
C PHE B 466 -31.67 -3.20 -12.29
N GLY B 467 -32.46 -4.19 -11.88
CA GLY B 467 -33.66 -4.52 -12.62
C GLY B 467 -34.91 -3.94 -11.96
N LYS B 468 -34.74 -2.90 -11.15
CA LYS B 468 -35.79 -2.41 -10.28
C LYS B 468 -35.91 -0.89 -10.40
N ALA B 469 -36.79 -0.31 -9.59
CA ALA B 469 -36.98 1.12 -9.54
C ALA B 469 -35.83 1.79 -8.79
N LYS B 470 -35.54 3.03 -9.15
CA LYS B 470 -34.49 3.77 -8.48
C LYS B 470 -34.97 4.27 -7.12
N GLY B 471 -34.01 4.60 -6.25
CA GLY B 471 -34.34 5.21 -4.99
C GLY B 471 -34.77 6.66 -5.17
N SER B 472 -35.48 7.17 -4.17
CA SER B 472 -36.14 8.46 -4.27
C SER B 472 -35.29 9.58 -3.68
N ARG B 473 -35.35 10.75 -4.32
CA ARG B 473 -34.74 11.96 -3.80
C ARG B 473 -35.62 12.55 -2.70
N ALA B 474 -34.99 13.06 -1.66
CA ALA B 474 -35.71 13.55 -0.49
C ALA B 474 -36.23 14.97 -0.71
N ILE B 475 -37.47 15.19 -0.29
CA ILE B 475 -38.07 16.52 -0.23
C ILE B 475 -38.50 16.77 1.21
N TRP B 476 -38.33 18.01 1.67
CA TRP B 476 -38.72 18.35 3.03
C TRP B 476 -39.41 19.71 3.06
N TYR B 477 -40.58 19.74 3.68
CA TYR B 477 -41.36 20.96 3.87
C TYR B 477 -41.89 20.97 5.29
N MET B 478 -42.18 22.16 5.79
CA MET B 478 -42.81 22.29 7.09
C MET B 478 -44.32 22.38 6.94
N TRP B 479 -45.02 22.32 8.07
CA TRP B 479 -46.46 22.34 8.04
C TRP B 479 -46.97 23.70 7.57
N LEU B 480 -48.24 23.73 7.16
CA LEU B 480 -48.79 24.89 6.46
C LEU B 480 -48.60 26.18 7.27
N GLY B 481 -48.85 26.11 8.57
CA GLY B 481 -48.74 27.30 9.40
C GLY B 481 -47.32 27.84 9.45
N ALA B 482 -46.35 26.97 9.74
CA ALA B 482 -44.96 27.39 9.74
C ALA B 482 -44.52 27.85 8.36
N ARG B 483 -45.03 27.22 7.31
CA ARG B 483 -44.70 27.65 5.95
C ARG B 483 -45.21 29.05 5.66
N PHE B 484 -46.27 29.47 6.35
CA PHE B 484 -46.77 30.83 6.14
C PHE B 484 -45.87 31.86 6.80
N LEU B 485 -45.43 31.59 8.03
CA LEU B 485 -44.46 32.47 8.69
C LEU B 485 -43.23 32.66 7.83
N GLU B 486 -42.80 31.60 7.14
CA GLU B 486 -41.78 31.71 6.12
C GLU B 486 -42.18 32.73 5.05
N PHE B 487 -43.40 32.59 4.52
CA PHE B 487 -43.87 33.48 3.47
C PHE B 487 -44.03 34.92 3.96
N GLU B 488 -44.35 35.08 5.24
CA GLU B 488 -44.50 36.42 5.82
C GLU B 488 -43.18 37.18 5.81
N ALA B 489 -42.09 36.49 6.16
CA ALA B 489 -40.80 37.14 6.35
C ALA B 489 -39.97 37.24 5.07
N LEU B 490 -39.97 36.18 4.25
CA LEU B 490 -39.08 36.12 3.10
C LEU B 490 -39.82 35.99 1.76
N GLY B 491 -41.14 35.85 1.77
CA GLY B 491 -41.90 35.65 0.55
C GLY B 491 -41.77 36.76 -0.47
N PHE B 492 -41.37 37.97 -0.04
CA PHE B 492 -41.25 39.08 -0.96
C PHE B 492 -40.26 38.79 -2.08
N LEU B 493 -39.31 37.88 -1.86
CA LEU B 493 -38.31 37.58 -2.86
C LEU B 493 -38.94 36.97 -4.13
N ASN B 494 -39.91 36.09 -3.95
CA ASN B 494 -40.58 35.48 -5.09
C ASN B 494 -41.71 36.34 -5.65
N GLU B 495 -42.43 37.05 -4.77
CA GLU B 495 -43.60 37.79 -5.21
C GLU B 495 -43.24 39.11 -5.88
N ASP B 496 -42.10 39.69 -5.52
CA ASP B 496 -41.62 40.91 -6.17
C ASP B 496 -40.61 40.62 -7.28
N HIS B 497 -40.34 39.35 -7.56
CA HIS B 497 -39.51 38.94 -8.69
C HIS B 497 -38.09 39.49 -8.58
N TRP B 498 -37.48 39.26 -7.41
CA TRP B 498 -36.10 39.73 -7.19
C TRP B 498 -35.11 39.00 -8.07
N MET B 499 -35.39 37.75 -8.43
CA MET B 499 -34.47 36.95 -9.24
C MET B 499 -34.82 36.99 -10.72
N GLY B 500 -35.83 37.77 -11.12
CA GLY B 500 -36.08 38.00 -12.52
C GLY B 500 -34.89 38.67 -13.20
N ARG B 501 -34.85 38.54 -14.52
CA ARG B 501 -33.66 38.96 -15.26
C ARG B 501 -33.49 40.47 -15.26
N GLU B 502 -34.59 41.22 -15.26
CA GLU B 502 -34.48 42.68 -15.27
C GLU B 502 -33.86 43.21 -13.99
N ASN B 503 -34.02 42.49 -12.88
CA ASN B 503 -33.51 42.95 -11.59
C ASN B 503 -32.13 42.41 -11.26
N SER B 504 -31.90 41.12 -11.51
CA SER B 504 -30.65 40.47 -11.13
C SER B 504 -29.63 40.41 -12.26
N GLY B 505 -30.02 40.74 -13.49
CA GLY B 505 -29.10 40.69 -14.60
C GLY B 505 -28.80 39.29 -15.11
N GLY B 506 -28.60 38.35 -14.19
CA GLY B 506 -28.25 37.00 -14.57
C GLY B 506 -29.30 35.96 -14.26
N GLY B 507 -30.36 36.36 -13.54
CA GLY B 507 -31.45 35.45 -13.23
C GLY B 507 -32.35 35.20 -14.42
N VAL B 508 -33.21 34.19 -14.27
CA VAL B 508 -34.16 33.83 -15.32
C VAL B 508 -35.52 33.52 -14.71
N GLU B 509 -35.72 33.93 -13.46
CA GLU B 509 -36.95 33.61 -12.75
C GLU B 509 -38.17 34.14 -13.50
N GLY B 510 -39.22 33.33 -13.54
CA GLY B 510 -40.49 33.69 -14.16
C GLY B 510 -40.66 33.19 -15.58
N LEU B 511 -39.57 33.01 -16.32
CA LEU B 511 -39.65 32.62 -17.72
C LEU B 511 -39.83 31.11 -17.85
N GLY B 512 -40.54 30.71 -18.90
CA GLY B 512 -40.71 29.31 -19.23
C GLY B 512 -39.78 28.88 -20.36
N LEU B 513 -39.88 27.59 -20.68
CA LEU B 513 -39.04 27.02 -21.74
C LEU B 513 -39.24 27.72 -23.09
N GLN B 514 -40.38 28.39 -23.28
CA GLN B 514 -40.64 29.13 -24.50
C GLN B 514 -39.79 30.38 -24.65
N ARG B 515 -38.91 30.66 -23.68
CA ARG B 515 -38.12 31.89 -23.68
C ARG B 515 -36.65 31.71 -23.34
N LEU B 516 -36.27 30.63 -22.65
CA LEU B 516 -34.90 30.51 -22.16
C LEU B 516 -33.89 30.39 -23.29
N GLY B 517 -34.31 29.85 -24.44
CA GLY B 517 -33.41 29.77 -25.59
C GLY B 517 -32.99 31.14 -26.09
N TYR B 518 -33.88 32.13 -25.99
CA TYR B 518 -33.53 33.50 -26.39
C TYR B 518 -32.50 34.12 -25.47
N ILE B 519 -32.39 33.65 -24.23
CA ILE B 519 -31.38 34.18 -23.32
C ILE B 519 -30.00 33.65 -23.67
N LEU B 520 -29.90 32.39 -24.12
CA LEU B 520 -28.62 31.85 -24.53
C LEU B 520 -28.14 32.48 -25.84
N GLU B 521 -29.05 32.65 -26.81
CA GLU B 521 -28.67 33.26 -28.08
C GLU B 521 -28.14 34.67 -27.89
N GLU B 522 -28.64 35.39 -26.88
CA GLU B 522 -28.15 36.73 -26.58
C GLU B 522 -26.78 36.70 -25.92
N MET B 523 -26.54 35.70 -25.05
CA MET B 523 -25.23 35.58 -24.42
C MET B 523 -24.15 35.27 -25.44
N ASN B 524 -24.47 34.42 -26.43
CA ASN B 524 -23.51 34.10 -27.48
C ASN B 524 -23.17 35.31 -28.34
N ARG B 525 -24.03 36.34 -28.34
CA ARG B 525 -23.77 37.53 -29.13
C ARG B 525 -22.66 38.40 -28.55
N ALA B 526 -22.25 38.16 -27.29
CA ALA B 526 -21.18 38.91 -26.65
C ALA B 526 -19.83 38.25 -26.92
N PRO B 527 -18.75 39.03 -26.94
CA PRO B 527 -17.42 38.44 -27.10
C PRO B 527 -16.94 37.79 -25.81
N GLY B 528 -15.98 36.90 -25.96
CA GLY B 528 -15.40 36.21 -24.83
C GLY B 528 -14.94 34.81 -25.24
N GLY B 529 -15.10 33.87 -24.31
CA GLY B 529 -14.72 32.49 -24.53
C GLY B 529 -15.90 31.59 -24.81
N LYS B 530 -15.76 30.32 -24.46
CA LYS B 530 -16.84 29.35 -24.64
C LYS B 530 -17.88 29.54 -23.54
N MET B 531 -18.96 28.78 -23.65
CA MET B 531 -20.01 28.77 -22.64
C MET B 531 -19.87 27.53 -21.77
N TYR B 532 -20.00 27.72 -20.47
CA TYR B 532 -19.75 26.69 -19.47
C TYR B 532 -21.00 26.43 -18.65
N ALA B 533 -21.31 25.16 -18.43
CA ALA B 533 -22.55 24.76 -17.78
C ALA B 533 -22.28 23.64 -16.78
N ASP B 534 -21.25 23.81 -15.96
CA ASP B 534 -20.94 22.83 -14.93
C ASP B 534 -22.03 22.80 -13.87
N ASP B 535 -22.50 21.61 -13.53
CA ASP B 535 -23.50 21.42 -12.49
C ASP B 535 -22.84 20.98 -11.20
N THR B 536 -23.32 21.50 -10.08
CA THR B 536 -22.87 21.05 -8.77
C THR B 536 -23.59 19.76 -8.40
N ALA B 537 -22.82 18.79 -7.91
CA ALA B 537 -23.35 17.47 -7.57
C ALA B 537 -24.13 17.56 -6.26
N GLY B 538 -25.45 17.48 -6.35
CA GLY B 538 -26.29 17.60 -5.18
C GLY B 538 -26.17 18.95 -4.51
N TRP B 539 -26.66 19.99 -5.19
CA TRP B 539 -26.44 21.36 -4.74
C TRP B 539 -27.00 21.60 -3.34
N ASP B 540 -28.23 21.14 -3.10
CA ASP B 540 -28.91 21.44 -1.84
C ASP B 540 -28.11 20.96 -0.63
N THR B 541 -27.32 19.90 -0.79
CA THR B 541 -26.57 19.35 0.33
C THR B 541 -25.28 20.10 0.63
N ARG B 542 -24.82 20.97 -0.27
CA ARG B 542 -23.57 21.71 -0.06
C ARG B 542 -23.81 23.19 0.24
N ILE B 543 -25.02 23.56 0.66
CA ILE B 543 -25.24 24.90 1.18
C ILE B 543 -24.63 24.97 2.57
N SER B 544 -23.48 25.63 2.68
CA SER B 544 -22.68 25.58 3.89
C SER B 544 -23.29 26.47 4.98
N LYS B 545 -22.79 26.30 6.20
CA LYS B 545 -23.20 27.14 7.32
C LYS B 545 -23.01 28.62 7.00
N PHE B 546 -21.93 28.94 6.27
CA PHE B 546 -21.64 30.32 5.92
C PHE B 546 -22.45 30.83 4.74
N ASP B 547 -22.92 29.93 3.88
CA ASP B 547 -23.84 30.34 2.82
C ASP B 547 -25.14 30.89 3.39
N LEU B 548 -25.59 30.33 4.52
CA LEU B 548 -26.80 30.84 5.18
C LEU B 548 -26.55 32.15 5.90
N GLU B 549 -25.33 32.36 6.42
CA GLU B 549 -24.98 33.67 6.95
C GLU B 549 -25.08 34.73 5.86
N ASN B 550 -24.59 34.43 4.66
CA ASN B 550 -24.59 35.41 3.58
C ASN B 550 -25.99 35.68 3.07
N GLU B 551 -26.83 34.64 2.95
CA GLU B 551 -28.20 34.84 2.51
C GLU B 551 -29.04 35.62 3.51
N ALA B 552 -28.66 35.61 4.79
CA ALA B 552 -29.38 36.37 5.80
C ALA B 552 -29.14 37.86 5.70
N LEU B 553 -28.15 38.29 4.92
CA LEU B 553 -27.83 39.71 4.81
C LEU B 553 -28.93 40.54 4.16
N ILE B 554 -29.95 39.90 3.57
CA ILE B 554 -31.07 40.65 3.03
C ILE B 554 -31.85 41.36 4.12
N THR B 555 -31.77 40.86 5.37
CA THR B 555 -32.50 41.48 6.47
C THR B 555 -31.94 42.85 6.83
N ASN B 556 -30.71 43.17 6.41
CA ASN B 556 -30.16 44.50 6.66
C ASN B 556 -30.98 45.58 5.97
N GLN B 557 -31.62 45.24 4.86
CA GLN B 557 -32.46 46.18 4.11
C GLN B 557 -33.90 46.18 4.58
N MET B 558 -34.17 45.73 5.79
CA MET B 558 -35.53 45.61 6.31
C MET B 558 -35.75 46.56 7.46
N GLU B 559 -37.01 46.93 7.66
CA GLU B 559 -37.41 47.64 8.87
C GLU B 559 -37.10 46.77 10.09
N GLU B 560 -36.89 47.42 11.24
CA GLU B 560 -36.41 46.71 12.41
C GLU B 560 -37.36 45.59 12.83
N GLY B 561 -38.66 45.78 12.65
CA GLY B 561 -39.61 44.72 12.97
C GLY B 561 -39.57 43.58 11.98
N HIS B 562 -39.49 43.90 10.69
CA HIS B 562 -39.42 42.84 9.67
C HIS B 562 -38.13 42.04 9.81
N ARG B 563 -37.02 42.71 10.09
CA ARG B 563 -35.75 42.01 10.31
C ARG B 563 -35.85 41.04 11.48
N THR B 564 -36.70 41.34 12.45
CA THR B 564 -36.86 40.44 13.59
C THR B 564 -37.58 39.16 13.20
N LEU B 565 -38.68 39.30 12.44
CA LEU B 565 -39.41 38.11 12.00
C LEU B 565 -38.55 37.25 11.09
N ALA B 566 -37.81 37.88 10.17
CA ALA B 566 -36.96 37.12 9.25
C ALA B 566 -35.83 36.42 9.97
N LEU B 567 -35.21 37.09 10.95
CA LEU B 567 -34.09 36.48 11.66
C LEU B 567 -34.54 35.31 12.53
N ALA B 568 -35.76 35.36 13.07
CA ALA B 568 -36.28 34.22 13.82
C ALA B 568 -36.55 33.05 12.89
N VAL B 569 -37.10 33.32 11.70
CA VAL B 569 -37.36 32.26 10.74
C VAL B 569 -36.06 31.66 10.22
N ILE B 570 -34.99 32.45 10.18
CA ILE B 570 -33.71 31.96 9.68
C ILE B 570 -32.91 31.25 10.78
N LYS B 571 -32.83 31.86 11.96
CA LYS B 571 -32.03 31.28 13.04
C LYS B 571 -32.66 30.01 13.60
N TYR B 572 -33.99 29.94 13.64
CA TYR B 572 -34.69 28.82 14.27
C TYR B 572 -35.14 27.75 13.28
N THR B 573 -35.01 28.00 11.98
CA THR B 573 -35.56 27.09 10.98
C THR B 573 -34.62 26.81 9.81
N TYR B 574 -33.81 27.78 9.36
CA TYR B 574 -32.87 27.54 8.28
C TYR B 574 -31.48 27.17 8.76
N GLN B 575 -31.06 27.69 9.92
CA GLN B 575 -29.76 27.39 10.49
C GLN B 575 -29.86 26.39 11.64
N ASN B 576 -31.07 25.98 11.99
CA ASN B 576 -31.30 24.87 12.92
C ASN B 576 -32.56 24.16 12.46
N LYS B 577 -32.44 22.87 12.14
CA LYS B 577 -33.52 22.13 11.52
C LYS B 577 -33.86 20.88 12.35
N VAL B 578 -35.15 20.62 12.50
CA VAL B 578 -35.66 19.40 13.10
C VAL B 578 -36.42 18.66 12.02
N VAL B 579 -35.92 17.47 11.65
CA VAL B 579 -36.47 16.70 10.54
C VAL B 579 -37.13 15.45 11.09
N LYS B 580 -38.31 15.13 10.57
CA LYS B 580 -39.03 13.90 10.89
C LYS B 580 -38.98 13.01 9.66
N VAL B 581 -38.37 11.82 9.81
CA VAL B 581 -38.16 10.92 8.68
C VAL B 581 -38.43 9.49 9.12
N LEU B 582 -38.83 8.66 8.15
CA LEU B 582 -39.11 7.26 8.37
C LEU B 582 -37.89 6.42 8.00
N ARG B 583 -37.79 5.25 8.63
CA ARG B 583 -36.67 4.33 8.42
C ARG B 583 -37.14 2.90 8.67
N PRO B 584 -36.78 1.96 7.81
CA PRO B 584 -37.10 0.55 8.07
C PRO B 584 -36.21 -0.01 9.17
N ALA B 585 -36.83 -0.55 10.22
CA ALA B 585 -36.12 -1.11 11.35
C ALA B 585 -36.07 -2.63 11.23
N GLU B 586 -35.72 -3.30 12.32
CA GLU B 586 -35.64 -4.76 12.32
C GLU B 586 -37.02 -5.38 12.10
N GLY B 587 -37.01 -6.61 11.60
CA GLY B 587 -38.22 -7.42 11.56
C GLY B 587 -39.35 -6.91 10.71
N GLY B 588 -39.07 -5.98 9.78
CA GLY B 588 -40.07 -5.48 8.88
C GLY B 588 -40.89 -4.31 9.40
N LYS B 589 -40.87 -4.05 10.70
CA LYS B 589 -41.51 -2.86 11.23
C LYS B 589 -40.74 -1.62 10.78
N THR B 590 -41.45 -0.50 10.72
CA THR B 590 -40.88 0.77 10.31
C THR B 590 -40.98 1.77 11.46
N VAL B 591 -40.08 2.76 11.44
CA VAL B 591 -39.87 3.65 12.57
C VAL B 591 -39.71 5.08 12.06
N MET B 592 -40.13 6.04 12.87
CA MET B 592 -39.94 7.46 12.60
C MET B 592 -38.76 7.97 13.41
N ASP B 593 -37.83 8.64 12.75
CA ASP B 593 -36.63 9.18 13.39
C ASP B 593 -36.71 10.69 13.49
N ILE B 594 -36.12 11.24 14.55
CA ILE B 594 -36.02 12.68 14.75
C ILE B 594 -34.53 13.04 14.66
N ILE B 595 -34.18 13.80 13.63
CA ILE B 595 -32.79 14.17 13.39
C ILE B 595 -32.68 15.69 13.27
N SER B 596 -31.43 16.19 13.30
CA SER B 596 -31.17 17.60 13.55
C SER B 596 -30.43 18.21 12.38
N ARG B 597 -29.11 18.41 12.46
CA ARG B 597 -28.28 19.09 11.47
C ARG B 597 -28.57 20.59 11.42
N GLN B 598 -27.54 21.39 11.10
CA GLN B 598 -27.66 22.84 11.08
C GLN B 598 -27.00 23.45 9.85
N ASP B 599 -27.07 22.74 8.73
CA ASP B 599 -26.76 23.35 7.42
C ASP B 599 -27.54 22.59 6.35
N GLN B 600 -27.15 22.76 5.09
CA GLN B 600 -27.88 22.29 3.91
C GLN B 600 -29.16 23.10 3.71
N ARG B 601 -29.72 23.05 2.51
CA ARG B 601 -30.93 23.78 2.17
C ARG B 601 -32.10 22.79 2.07
N GLY B 602 -33.23 23.15 2.69
CA GLY B 602 -34.43 22.37 2.51
C GLY B 602 -35.05 22.62 1.14
N SER B 603 -35.51 21.53 0.52
CA SER B 603 -36.06 21.64 -0.83
C SER B 603 -37.42 22.34 -0.84
N GLY B 604 -38.18 22.21 0.25
CA GLY B 604 -39.52 22.76 0.28
C GLY B 604 -39.64 24.06 1.04
N GLN B 605 -38.51 24.74 1.25
CA GLN B 605 -38.57 26.06 1.86
C GLN B 605 -39.18 27.06 0.88
N VAL B 606 -39.84 28.08 1.44
CA VAL B 606 -40.62 29.01 0.63
C VAL B 606 -39.75 29.83 -0.31
N VAL B 607 -38.46 29.99 0.00
CA VAL B 607 -37.57 30.82 -0.81
C VAL B 607 -36.38 30.02 -1.34
N THR B 608 -36.52 28.70 -1.46
CA THR B 608 -35.39 27.87 -1.88
C THR B 608 -34.91 28.25 -3.28
N TYR B 609 -35.84 28.41 -4.22
CA TYR B 609 -35.45 28.75 -5.59
C TYR B 609 -34.71 30.07 -5.65
N ALA B 610 -35.24 31.10 -4.97
CA ALA B 610 -34.60 32.40 -4.99
C ALA B 610 -33.23 32.35 -4.32
N LEU B 611 -33.12 31.64 -3.20
CA LEU B 611 -31.87 31.62 -2.46
C LEU B 611 -30.82 30.75 -3.16
N ASN B 612 -31.26 29.64 -3.77
CA ASN B 612 -30.33 28.86 -4.58
C ASN B 612 -29.78 29.70 -5.74
N THR B 613 -30.63 30.51 -6.36
CA THR B 613 -30.18 31.36 -7.46
C THR B 613 -29.22 32.43 -6.97
N PHE B 614 -29.52 33.04 -5.82
CA PHE B 614 -28.64 34.07 -5.27
C PHE B 614 -27.25 33.53 -5.01
N THR B 615 -27.17 32.38 -4.33
CA THR B 615 -25.87 31.80 -3.98
C THR B 615 -25.13 31.32 -5.23
N ASN B 616 -25.85 30.75 -6.19
CA ASN B 616 -25.21 30.30 -7.43
C ASN B 616 -24.64 31.47 -8.21
N LEU B 617 -25.29 32.64 -8.13
CA LEU B 617 -24.73 33.84 -8.75
C LEU B 617 -23.47 34.30 -8.03
N VAL B 618 -23.49 34.28 -6.68
CA VAL B 618 -22.30 34.61 -5.91
C VAL B 618 -21.15 33.68 -6.28
N VAL B 619 -21.46 32.41 -6.52
CA VAL B 619 -20.42 31.43 -6.85
C VAL B 619 -19.82 31.72 -8.22
N GLN B 620 -20.66 31.99 -9.22
CA GLN B 620 -20.13 32.29 -10.55
C GLN B 620 -19.42 33.63 -10.58
N LEU B 621 -19.91 34.60 -9.82
CA LEU B 621 -19.21 35.88 -9.70
C LEU B 621 -17.82 35.69 -9.14
N ILE B 622 -17.64 34.72 -8.23
CA ILE B 622 -16.33 34.47 -7.63
C ILE B 622 -15.44 33.69 -8.60
N ARG B 623 -16.01 32.73 -9.33
CA ARG B 623 -15.21 31.95 -10.27
C ARG B 623 -14.67 32.82 -11.41
N ASN B 624 -15.43 33.84 -11.81
CA ASN B 624 -14.91 34.80 -12.78
C ASN B 624 -13.70 35.55 -12.21
N MET B 625 -13.67 35.78 -10.90
CA MET B 625 -12.57 36.54 -10.31
C MET B 625 -11.30 35.72 -10.22
N GLU B 626 -11.40 34.43 -9.90
CA GLU B 626 -10.20 33.58 -9.91
C GLU B 626 -9.67 33.40 -11.31
N ALA B 627 -10.55 33.39 -12.32
CA ALA B 627 -10.10 33.26 -13.70
C ALA B 627 -9.40 34.52 -14.18
N GLU B 628 -9.97 35.69 -13.88
CA GLU B 628 -9.40 36.96 -14.31
C GLU B 628 -8.19 37.37 -13.48
N GLU B 629 -7.65 36.47 -12.67
CA GLU B 629 -6.41 36.68 -11.92
C GLU B 629 -6.51 37.82 -10.91
N VAL B 630 -7.72 38.07 -10.40
CA VAL B 630 -7.87 38.99 -9.27
C VAL B 630 -7.54 38.29 -7.97
N LEU B 631 -8.17 37.15 -7.72
CA LEU B 631 -7.87 36.32 -6.56
C LEU B 631 -6.70 35.40 -6.87
N GLU B 632 -5.72 35.38 -5.99
CA GLU B 632 -4.53 34.55 -6.13
C GLU B 632 -4.72 33.25 -5.35
N MET B 633 -3.67 32.43 -5.29
CA MET B 633 -3.76 31.15 -4.61
C MET B 633 -3.59 31.24 -3.10
N GLN B 634 -3.14 32.38 -2.58
CA GLN B 634 -3.05 32.60 -1.14
C GLN B 634 -4.26 33.32 -0.57
N ASP B 635 -5.17 33.81 -1.42
CA ASP B 635 -6.34 34.52 -0.94
C ASP B 635 -7.34 33.61 -0.26
N LEU B 636 -7.32 32.30 -0.57
CA LEU B 636 -8.19 31.37 0.15
C LEU B 636 -7.90 31.36 1.63
N TRP B 637 -6.64 31.61 2.03
CA TRP B 637 -6.27 31.54 3.43
C TRP B 637 -6.59 32.83 4.17
N LEU B 638 -6.20 33.98 3.62
CA LEU B 638 -6.33 35.21 4.37
C LEU B 638 -7.09 36.30 3.63
N LEU B 639 -6.96 36.37 2.30
CA LEU B 639 -7.51 37.46 1.49
C LEU B 639 -6.87 38.78 1.86
N ARG B 640 -5.64 39.00 1.40
CA ARG B 640 -4.96 40.28 1.58
C ARG B 640 -5.46 41.29 0.55
N LYS B 641 -5.54 42.55 0.97
CA LYS B 641 -6.04 43.65 0.16
C LYS B 641 -7.45 43.35 -0.34
N PRO B 642 -8.46 43.40 0.54
CA PRO B 642 -9.84 43.15 0.09
C PRO B 642 -10.38 44.23 -0.84
N GLU B 643 -9.73 45.40 -0.90
CA GLU B 643 -10.21 46.48 -1.76
C GLU B 643 -10.25 46.08 -3.22
N LYS B 644 -9.37 45.16 -3.64
CA LYS B 644 -9.35 44.72 -5.02
C LYS B 644 -10.60 43.94 -5.40
N VAL B 645 -11.28 43.33 -4.43
CA VAL B 645 -12.52 42.62 -4.73
C VAL B 645 -13.66 43.60 -4.93
N THR B 646 -13.76 44.62 -4.07
CA THR B 646 -14.83 45.61 -4.21
C THR B 646 -14.70 46.38 -5.51
N ARG B 647 -13.47 46.72 -5.91
CA ARG B 647 -13.26 47.47 -7.14
C ARG B 647 -13.60 46.67 -8.38
N TRP B 648 -13.39 45.34 -8.34
CA TRP B 648 -13.72 44.52 -9.50
C TRP B 648 -15.22 44.45 -9.72
N LEU B 649 -16.01 44.46 -8.66
CA LEU B 649 -17.46 44.42 -8.80
C LEU B 649 -18.00 45.75 -9.33
N GLN B 650 -17.46 46.87 -8.82
CA GLN B 650 -17.88 48.18 -9.31
C GLN B 650 -17.66 48.31 -10.80
N SER B 651 -16.53 47.82 -11.30
CA SER B 651 -16.21 47.94 -12.71
C SER B 651 -16.93 46.91 -13.57
N ASN B 652 -16.99 45.65 -13.11
CA ASN B 652 -17.40 44.56 -13.97
C ASN B 652 -18.49 43.66 -13.41
N GLY B 653 -18.86 43.82 -12.12
CA GLY B 653 -19.80 42.88 -11.52
C GLY B 653 -21.11 42.77 -12.27
N TRP B 654 -21.68 43.91 -12.66
CA TRP B 654 -22.93 43.90 -13.39
C TRP B 654 -22.75 43.33 -14.79
N ASP B 655 -21.62 43.61 -15.43
CA ASP B 655 -21.39 43.13 -16.79
C ASP B 655 -21.15 41.63 -16.82
N ARG B 656 -20.54 41.08 -15.77
CA ARG B 656 -20.43 39.62 -15.66
C ARG B 656 -21.78 38.99 -15.43
N LEU B 657 -22.70 39.69 -14.76
CA LEU B 657 -24.02 39.13 -14.49
C LEU B 657 -24.84 39.00 -15.77
N LYS B 658 -24.74 39.97 -16.67
CA LYS B 658 -25.45 39.90 -17.94
C LYS B 658 -24.90 38.82 -18.87
N ARG B 659 -23.86 38.10 -18.45
CA ARG B 659 -23.34 36.96 -19.19
C ARG B 659 -23.70 35.63 -18.55
N MET B 660 -24.66 35.63 -17.62
CA MET B 660 -25.06 34.43 -16.91
C MET B 660 -26.55 34.17 -17.08
N ALA B 661 -26.90 32.89 -17.11
CA ALA B 661 -28.28 32.43 -17.02
C ALA B 661 -28.33 31.40 -15.89
N VAL B 662 -28.93 31.76 -14.77
CA VAL B 662 -28.90 30.94 -13.56
C VAL B 662 -30.33 30.74 -13.07
N SER B 663 -30.73 29.48 -12.94
CA SER B 663 -32.01 29.10 -12.35
C SER B 663 -31.73 28.10 -11.23
N GLY B 664 -31.96 28.53 -9.99
CA GLY B 664 -31.65 27.66 -8.86
C GLY B 664 -30.21 27.23 -8.89
N ASP B 665 -29.98 25.92 -8.91
CA ASP B 665 -28.62 25.40 -9.01
C ASP B 665 -28.12 25.39 -10.44
N ASP B 666 -29.02 25.21 -11.41
CA ASP B 666 -28.61 25.16 -12.82
C ASP B 666 -28.08 26.52 -13.26
N CYS B 667 -27.01 26.50 -14.05
CA CYS B 667 -26.34 27.72 -14.45
C CYS B 667 -25.65 27.55 -15.80
N VAL B 668 -25.51 28.66 -16.51
CA VAL B 668 -24.69 28.76 -17.72
C VAL B 668 -23.97 30.10 -17.66
N VAL B 669 -22.67 30.09 -17.96
CA VAL B 669 -21.83 31.28 -17.84
C VAL B 669 -20.98 31.42 -19.09
N LYS B 670 -20.95 32.62 -19.67
CA LYS B 670 -20.05 32.96 -20.75
C LYS B 670 -18.99 33.92 -20.23
N PRO B 671 -17.81 33.44 -19.85
CA PRO B 671 -16.77 34.33 -19.33
C PRO B 671 -16.03 35.04 -20.46
N ILE B 672 -15.23 36.03 -20.07
CA ILE B 672 -14.49 36.84 -21.03
C ILE B 672 -13.34 36.08 -21.69
N ASP B 673 -12.99 34.91 -21.17
CA ASP B 673 -11.92 34.09 -21.73
C ASP B 673 -12.05 32.70 -21.13
N ASP B 674 -11.23 31.77 -21.66
CA ASP B 674 -11.28 30.38 -21.25
C ASP B 674 -10.40 30.08 -20.04
N ARG B 675 -9.87 31.11 -19.37
CA ARG B 675 -9.24 30.91 -18.07
C ARG B 675 -10.25 30.40 -17.04
N PHE B 676 -11.54 30.69 -17.25
CA PHE B 676 -12.62 30.16 -16.44
C PHE B 676 -12.60 28.64 -16.35
N ALA B 677 -12.00 27.96 -17.34
CA ALA B 677 -12.01 26.51 -17.35
C ALA B 677 -11.18 25.92 -16.21
N HIS B 678 -10.08 26.56 -15.82
CA HIS B 678 -9.19 26.04 -14.79
C HIS B 678 -9.10 26.98 -13.59
N ALA B 679 -10.15 27.76 -13.34
CA ALA B 679 -10.26 28.59 -12.15
C ALA B 679 -11.26 27.90 -11.22
N LEU B 680 -10.76 27.02 -10.35
CA LEU B 680 -11.68 26.18 -9.60
C LEU B 680 -11.16 25.74 -8.24
N ARG B 681 -10.19 26.42 -7.64
CA ARG B 681 -9.83 26.13 -6.26
C ARG B 681 -10.66 26.95 -5.27
N PHE B 682 -11.17 28.11 -5.69
CA PHE B 682 -12.22 28.76 -4.92
C PHE B 682 -13.55 28.02 -5.06
N LEU B 683 -13.80 27.44 -6.23
CA LEU B 683 -15.04 26.69 -6.44
C LEU B 683 -15.07 25.43 -5.58
N ASN B 684 -13.96 24.69 -5.54
CA ASN B 684 -13.92 23.48 -4.72
C ASN B 684 -13.87 23.81 -3.24
N ASP B 685 -13.20 24.90 -2.86
CA ASP B 685 -13.11 25.25 -1.45
C ASP B 685 -14.46 25.70 -0.89
N MET B 686 -15.34 26.22 -1.74
CA MET B 686 -16.70 26.55 -1.33
C MET B 686 -17.60 25.33 -1.24
N GLY B 687 -17.10 24.14 -1.56
CA GLY B 687 -17.88 22.92 -1.50
C GLY B 687 -18.75 22.66 -2.71
N LYS B 688 -18.67 23.48 -3.75
CA LYS B 688 -19.50 23.32 -4.95
C LYS B 688 -18.77 22.41 -5.95
N VAL B 689 -18.65 21.14 -5.57
CA VAL B 689 -17.95 20.17 -6.41
C VAL B 689 -18.76 19.91 -7.66
N ARG B 690 -18.11 20.01 -8.82
CA ARG B 690 -18.79 19.83 -10.09
C ARG B 690 -19.19 18.38 -10.29
N LYS B 691 -20.32 18.18 -10.95
CA LYS B 691 -20.89 16.85 -11.13
C LYS B 691 -20.16 16.10 -12.23
N ASP B 692 -19.78 14.85 -11.93
CA ASP B 692 -19.28 13.90 -12.92
C ASP B 692 -18.04 14.44 -13.63
N THR B 693 -17.00 14.66 -12.84
CA THR B 693 -15.68 15.06 -13.31
C THR B 693 -14.72 14.89 -12.14
N GLN B 694 -13.43 14.95 -12.43
CA GLN B 694 -12.44 14.89 -11.39
C GLN B 694 -12.24 16.28 -10.80
N GLU B 695 -12.03 16.33 -9.48
CA GLU B 695 -12.17 17.58 -8.72
C GLU B 695 -11.20 18.67 -9.19
N TRP B 696 -10.11 18.30 -9.86
CA TRP B 696 -9.13 19.29 -10.29
C TRP B 696 -8.82 19.19 -11.79
N LYS B 697 -9.75 18.64 -12.55
CA LYS B 697 -9.68 18.59 -14.01
C LYS B 697 -10.34 19.84 -14.58
N PRO B 698 -9.73 20.49 -15.58
CA PRO B 698 -10.36 21.68 -16.16
C PRO B 698 -11.74 21.36 -16.71
N SER B 699 -12.61 22.37 -16.68
CA SER B 699 -13.98 22.20 -17.14
C SER B 699 -14.07 22.23 -18.67
N THR B 700 -15.09 21.57 -19.19
CA THR B 700 -15.32 21.47 -20.62
C THR B 700 -16.47 22.39 -21.00
N GLY B 701 -16.20 23.33 -21.91
CA GLY B 701 -17.21 24.26 -22.37
C GLY B 701 -17.63 24.00 -23.80
N TRP B 702 -18.83 24.45 -24.16
CA TRP B 702 -19.33 24.31 -25.52
C TRP B 702 -19.01 25.55 -26.33
N SER B 703 -18.62 25.34 -27.59
CA SER B 703 -18.43 26.44 -28.53
C SER B 703 -19.68 26.71 -29.36
N ASN B 704 -20.62 25.78 -29.38
CA ASN B 704 -21.90 25.92 -30.08
C ASN B 704 -22.99 26.11 -29.03
N TRP B 705 -23.60 27.30 -29.02
CA TRP B 705 -24.58 27.61 -27.98
C TRP B 705 -25.83 26.76 -28.07
N GLU B 706 -26.14 26.21 -29.25
CA GLU B 706 -27.29 25.32 -29.40
C GLU B 706 -27.04 23.94 -28.82
N GLU B 707 -25.83 23.67 -28.33
CA GLU B 707 -25.51 22.41 -27.66
C GLU B 707 -25.36 22.56 -26.16
N VAL B 708 -25.44 23.78 -25.63
CA VAL B 708 -25.26 24.00 -24.19
C VAL B 708 -26.46 23.45 -23.43
N PRO B 709 -26.24 22.60 -22.42
CA PRO B 709 -27.37 22.16 -21.58
C PRO B 709 -27.73 23.22 -20.56
N PHE B 710 -29.00 23.61 -20.53
CA PHE B 710 -29.53 24.53 -19.53
C PHE B 710 -30.93 24.06 -19.16
N CYS B 711 -31.13 23.75 -17.88
CA CYS B 711 -32.42 23.29 -17.36
C CYS B 711 -32.90 22.04 -18.11
N SER B 712 -32.05 21.01 -18.10
CA SER B 712 -32.35 19.69 -18.65
C SER B 712 -32.52 19.70 -20.17
N HIS B 713 -32.51 20.87 -20.80
CA HIS B 713 -32.71 20.98 -22.23
C HIS B 713 -31.51 21.66 -22.88
N HIS B 714 -31.53 21.64 -24.21
CA HIS B 714 -30.77 22.57 -25.04
C HIS B 714 -31.74 23.22 -26.02
N PHE B 715 -31.28 24.24 -26.73
CA PHE B 715 -32.18 25.07 -27.51
C PHE B 715 -31.65 25.26 -28.92
N ASN B 716 -32.50 24.98 -29.90
CA ASN B 716 -32.20 25.20 -31.31
C ASN B 716 -33.04 26.35 -31.86
N LYS B 717 -32.61 26.89 -33.00
CA LYS B 717 -33.23 28.04 -33.63
C LYS B 717 -33.79 27.62 -34.97
N LEU B 718 -35.12 27.59 -35.10
CA LEU B 718 -35.78 27.20 -36.33
C LEU B 718 -36.39 28.41 -37.01
N TYR B 719 -36.62 28.28 -38.31
CA TYR B 719 -37.15 29.36 -39.13
C TYR B 719 -38.47 28.94 -39.75
N LEU B 720 -39.48 29.80 -39.63
CA LEU B 720 -40.79 29.50 -40.16
C LEU B 720 -40.77 29.54 -41.69
N LYS B 721 -41.92 29.20 -42.29
CA LYS B 721 -42.02 29.18 -43.75
C LYS B 721 -41.73 30.55 -44.34
N ASP B 722 -42.35 31.60 -43.80
CA ASP B 722 -42.14 32.94 -44.34
C ASP B 722 -40.70 33.39 -44.16
N GLY B 723 -40.16 33.25 -42.95
CA GLY B 723 -38.80 33.68 -42.70
C GLY B 723 -38.54 34.07 -41.26
N ARG B 724 -39.59 34.13 -40.45
CA ARG B 724 -39.42 34.43 -39.03
C ARG B 724 -38.70 33.29 -38.34
N SER B 725 -38.26 33.54 -37.11
CA SER B 725 -37.46 32.57 -36.38
C SER B 725 -37.95 32.44 -34.94
N ILE B 726 -37.90 31.22 -34.43
CA ILE B 726 -38.12 30.93 -33.01
C ILE B 726 -36.92 30.15 -32.51
N VAL B 727 -36.76 30.13 -31.19
CA VAL B 727 -35.70 29.37 -30.52
C VAL B 727 -36.39 28.40 -29.57
N VAL B 728 -36.44 27.13 -29.95
CA VAL B 728 -37.27 26.13 -29.27
C VAL B 728 -36.42 25.29 -28.32
N PRO B 729 -37.01 24.68 -27.30
CA PRO B 729 -36.27 23.75 -26.45
C PRO B 729 -36.24 22.34 -27.03
N CYS B 730 -35.25 21.58 -26.59
CA CYS B 730 -35.08 20.21 -27.08
C CYS B 730 -34.26 19.41 -26.08
N ARG B 731 -34.64 18.15 -25.89
CA ARG B 731 -33.87 17.19 -25.11
C ARG B 731 -33.96 15.85 -25.81
N HIS B 732 -33.31 14.83 -25.26
CA HIS B 732 -33.30 13.54 -25.92
C HIS B 732 -34.69 12.92 -25.88
N GLN B 733 -35.07 12.31 -27.01
CA GLN B 733 -36.46 11.92 -27.23
C GLN B 733 -36.87 10.73 -26.39
N ASP B 734 -35.92 9.83 -26.06
CA ASP B 734 -36.25 8.67 -25.23
C ASP B 734 -36.79 9.09 -23.89
N GLU B 735 -36.24 10.16 -23.30
CA GLU B 735 -36.71 10.63 -22.01
C GLU B 735 -38.14 11.12 -22.07
N LEU B 736 -38.54 11.76 -23.18
CA LEU B 736 -39.90 12.25 -23.30
C LEU B 736 -40.88 11.10 -23.52
N ILE B 737 -40.54 10.17 -24.42
CA ILE B 737 -41.40 9.03 -24.68
C ILE B 737 -41.45 8.11 -23.45
N GLY B 738 -40.29 7.84 -22.85
CA GLY B 738 -40.26 6.97 -21.69
C GLY B 738 -41.06 7.50 -20.52
N ARG B 739 -41.06 8.83 -20.33
CA ARG B 739 -41.85 9.42 -19.27
C ARG B 739 -43.35 9.32 -19.57
N ALA B 740 -43.74 9.47 -20.83
CA ALA B 740 -45.16 9.42 -21.18
C ALA B 740 -45.75 8.03 -21.04
N ARG B 741 -44.92 6.98 -21.06
CA ARG B 741 -45.40 5.61 -21.05
C ARG B 741 -45.72 5.07 -19.66
N VAL B 742 -45.46 5.82 -18.60
CA VAL B 742 -45.59 5.33 -17.25
C VAL B 742 -46.60 6.20 -16.49
N SER B 743 -47.65 5.53 -15.88
CA SER B 743 -48.68 6.11 -15.02
C SER B 743 -48.24 6.03 -13.56
N PRO B 744 -48.47 7.11 -12.80
CA PRO B 744 -48.06 7.10 -11.38
C PRO B 744 -49.02 6.34 -10.47
N GLY B 745 -50.26 6.80 -10.36
CA GLY B 745 -51.16 6.26 -9.38
C GLY B 745 -51.53 4.81 -9.66
N ALA B 746 -51.74 4.07 -8.57
CA ALA B 746 -52.12 2.67 -8.68
C ALA B 746 -53.56 2.54 -9.16
N GLY B 747 -53.80 1.48 -9.93
CA GLY B 747 -55.14 1.10 -10.37
C GLY B 747 -56.00 2.22 -10.95
N TRP B 748 -55.51 2.88 -11.99
CA TRP B 748 -56.31 3.89 -12.66
C TRP B 748 -57.26 3.24 -13.66
N SER B 749 -58.29 3.99 -14.03
CA SER B 749 -59.22 3.55 -15.07
C SER B 749 -58.71 4.01 -16.43
N ILE B 750 -59.25 3.38 -17.48
CA ILE B 750 -58.85 3.75 -18.84
C ILE B 750 -59.21 5.21 -19.11
N ARG B 751 -60.30 5.70 -18.53
CA ARG B 751 -60.66 7.11 -18.66
C ARG B 751 -59.54 8.01 -18.14
N GLU B 752 -59.02 7.71 -16.95
CA GLU B 752 -58.02 8.57 -16.34
C GLU B 752 -56.70 8.51 -17.10
N THR B 753 -56.26 7.32 -17.49
CA THR B 753 -54.98 7.20 -18.20
C THR B 753 -55.06 7.83 -19.58
N ALA B 754 -56.20 7.70 -20.26
CA ALA B 754 -56.38 8.35 -21.55
C ALA B 754 -56.29 9.87 -21.41
N CYS B 755 -56.78 10.41 -20.30
CA CYS B 755 -56.63 11.84 -20.05
C CYS B 755 -55.17 12.20 -19.80
N LEU B 756 -54.42 11.35 -19.10
CA LEU B 756 -53.01 11.63 -18.84
C LEU B 756 -52.20 11.61 -20.13
N ALA B 757 -52.64 10.85 -21.13
CA ALA B 757 -51.93 10.82 -22.41
C ALA B 757 -52.16 12.10 -23.21
N LYS B 758 -53.38 12.67 -23.11
CA LYS B 758 -53.66 13.94 -23.78
C LYS B 758 -52.76 15.04 -23.26
N SER B 759 -52.39 14.99 -21.98
CA SER B 759 -51.47 15.97 -21.42
C SER B 759 -50.10 15.89 -22.09
N TYR B 760 -49.49 14.71 -22.06
CA TYR B 760 -48.18 14.53 -22.69
C TYR B 760 -48.25 14.80 -24.20
N ALA B 761 -49.38 14.50 -24.83
CA ALA B 761 -49.50 14.73 -26.26
C ALA B 761 -49.55 16.23 -26.58
N GLN B 762 -50.34 17.00 -25.83
CA GLN B 762 -50.48 18.41 -26.15
C GLN B 762 -49.28 19.23 -25.68
N MET B 763 -48.63 18.82 -24.60
CA MET B 763 -47.37 19.45 -24.21
C MET B 763 -46.33 19.32 -25.31
N TRP B 764 -46.25 18.14 -25.92
CA TRP B 764 -45.34 17.94 -27.05
C TRP B 764 -45.71 18.84 -28.22
N GLN B 765 -47.02 19.00 -28.47
CA GLN B 765 -47.47 19.87 -29.55
C GLN B 765 -47.07 21.31 -29.35
N LEU B 766 -46.81 21.74 -28.10
CA LEU B 766 -46.50 23.13 -27.80
C LEU B 766 -45.00 23.40 -27.70
N LEU B 767 -44.24 22.48 -27.09
CA LEU B 767 -42.82 22.68 -26.85
C LEU B 767 -41.91 21.86 -27.76
N TYR B 768 -42.38 20.70 -28.24
CA TYR B 768 -41.55 19.81 -29.05
C TYR B 768 -42.22 19.48 -30.38
N PHE B 769 -42.99 20.42 -30.92
CA PHE B 769 -43.59 20.27 -32.25
C PHE B 769 -42.56 19.96 -33.33
N HIS B 770 -41.30 20.34 -33.10
CA HIS B 770 -40.23 20.22 -34.08
C HIS B 770 -39.65 18.81 -34.18
N ARG B 771 -39.90 17.95 -33.20
CA ARG B 771 -39.42 16.58 -33.24
C ARG B 771 -40.34 15.74 -34.12
N ARG B 772 -39.78 15.18 -35.20
CA ARG B 772 -40.59 14.48 -36.20
C ARG B 772 -41.41 13.35 -35.59
N ASP B 773 -40.82 12.60 -34.66
CA ASP B 773 -41.54 11.48 -34.07
C ASP B 773 -42.64 11.96 -33.12
N LEU B 774 -42.38 13.02 -32.37
CA LEU B 774 -43.34 13.47 -31.36
C LEU B 774 -44.53 14.20 -31.99
N ARG B 775 -44.29 14.98 -33.04
CA ARG B 775 -45.40 15.61 -33.76
C ARG B 775 -46.40 14.58 -34.25
N LEU B 776 -45.90 13.43 -34.72
CA LEU B 776 -46.78 12.37 -35.18
C LEU B 776 -47.50 11.69 -34.02
N MET B 777 -46.75 11.29 -32.99
CA MET B 777 -47.35 10.61 -31.84
C MET B 777 -48.41 11.48 -31.18
N ALA B 778 -48.12 12.78 -31.02
CA ALA B 778 -49.08 13.68 -30.39
C ALA B 778 -50.38 13.73 -31.19
N ASN B 779 -50.28 13.82 -32.52
CA ASN B 779 -51.48 13.83 -33.35
C ASN B 779 -52.20 12.48 -33.31
N ALA B 780 -51.45 11.39 -33.06
CA ALA B 780 -52.08 10.09 -32.94
C ALA B 780 -52.80 9.96 -31.59
N ILE B 781 -52.15 10.41 -30.52
CA ILE B 781 -52.76 10.33 -29.19
C ILE B 781 -54.00 11.22 -29.13
N CYS B 782 -53.88 12.45 -29.62
CA CYS B 782 -55.01 13.37 -29.60
C CYS B 782 -56.16 12.87 -30.47
N SER B 783 -55.86 12.06 -31.49
CA SER B 783 -56.92 11.46 -32.31
C SER B 783 -57.55 10.23 -31.65
N ALA B 784 -56.82 9.57 -30.75
CA ALA B 784 -57.34 8.38 -30.07
C ALA B 784 -58.07 8.70 -28.78
N VAL B 785 -57.79 9.84 -28.17
CA VAL B 785 -58.45 10.25 -26.93
C VAL B 785 -59.71 11.02 -27.30
N PRO B 786 -60.84 10.83 -26.61
CA PRO B 786 -62.04 11.63 -26.88
C PRO B 786 -61.72 13.12 -26.92
N VAL B 787 -62.39 13.83 -27.82
CA VAL B 787 -61.95 15.18 -28.21
C VAL B 787 -62.09 16.15 -27.05
N ASP B 788 -63.12 16.01 -26.23
CA ASP B 788 -63.38 16.98 -25.17
C ASP B 788 -63.28 16.36 -23.77
N TRP B 789 -62.45 15.33 -23.63
CA TRP B 789 -62.00 14.92 -22.31
C TRP B 789 -60.87 15.84 -21.86
N VAL B 790 -60.82 16.12 -20.57
CA VAL B 790 -59.93 17.17 -20.04
C VAL B 790 -58.57 16.58 -19.69
N PRO B 791 -57.47 17.17 -20.15
CA PRO B 791 -56.15 16.68 -19.77
C PRO B 791 -55.85 16.93 -18.31
N THR B 792 -55.32 15.91 -17.64
CA THR B 792 -54.95 16.00 -16.23
C THR B 792 -53.62 15.31 -16.01
N GLY B 793 -53.06 15.50 -14.81
CA GLY B 793 -51.75 14.96 -14.47
C GLY B 793 -50.65 15.98 -14.64
N ARG B 794 -49.49 15.64 -14.10
CA ARG B 794 -48.31 16.51 -14.17
C ARG B 794 -47.35 15.94 -15.21
N THR B 795 -47.09 16.72 -16.26
CA THR B 795 -46.24 16.25 -17.34
C THR B 795 -44.76 16.47 -17.05
N THR B 796 -44.42 17.48 -16.25
CA THR B 796 -43.04 17.70 -15.86
C THR B 796 -43.00 18.45 -14.54
N TRP B 797 -41.90 18.30 -13.83
CA TRP B 797 -41.68 18.98 -12.56
C TRP B 797 -40.97 20.32 -12.71
N SER B 798 -40.61 20.70 -13.93
CA SER B 798 -39.85 21.92 -14.15
C SER B 798 -40.68 23.14 -13.82
N ILE B 799 -40.09 24.07 -13.04
CA ILE B 799 -40.70 25.37 -12.84
C ILE B 799 -40.72 26.20 -14.11
N HIS B 800 -39.96 25.79 -15.12
CA HIS B 800 -39.96 26.44 -16.42
C HIS B 800 -40.96 25.83 -17.39
N GLY B 801 -41.73 24.85 -16.94
CA GLY B 801 -42.87 24.35 -17.69
C GLY B 801 -44.15 24.85 -17.04
N LYS B 802 -44.87 25.71 -17.74
CA LYS B 802 -45.94 26.50 -17.14
C LYS B 802 -47.33 25.94 -17.42
N GLY B 803 -47.43 24.78 -18.06
CA GLY B 803 -48.70 24.10 -18.20
C GLY B 803 -49.73 24.80 -19.07
N GLU B 804 -49.28 25.57 -20.07
CA GLU B 804 -50.21 26.15 -21.03
C GLU B 804 -50.91 25.10 -21.88
N TRP B 805 -50.59 23.81 -21.72
CA TRP B 805 -51.20 22.74 -22.51
C TRP B 805 -52.32 22.02 -21.78
N MET B 806 -52.49 22.25 -20.48
CA MET B 806 -53.57 21.65 -19.70
C MET B 806 -54.88 22.38 -20.00
N THR B 807 -55.39 22.16 -21.20
CA THR B 807 -56.61 22.83 -21.63
C THR B 807 -57.30 22.00 -22.70
N THR B 808 -58.60 22.26 -22.85
CA THR B 808 -59.40 21.70 -23.92
C THR B 808 -59.41 22.58 -25.16
N GLU B 809 -58.63 23.65 -25.18
CA GLU B 809 -58.62 24.62 -26.27
C GLU B 809 -57.74 24.12 -27.41
N ASP B 810 -58.06 24.58 -28.62
CA ASP B 810 -57.30 24.23 -29.82
C ASP B 810 -55.83 24.55 -29.64
N MET B 811 -54.98 23.53 -29.85
CA MET B 811 -53.55 23.66 -29.56
C MET B 811 -52.90 24.73 -30.45
N LEU B 812 -53.31 24.82 -31.71
CA LEU B 812 -52.73 25.81 -32.60
C LEU B 812 -53.04 27.22 -32.12
N MET B 813 -54.18 27.42 -31.46
CA MET B 813 -54.50 28.73 -30.90
C MET B 813 -53.73 29.03 -29.63
N VAL B 814 -53.25 28.01 -28.92
CA VAL B 814 -52.32 28.25 -27.81
C VAL B 814 -50.87 28.22 -28.28
N TRP B 815 -50.58 27.53 -29.38
CA TRP B 815 -49.24 27.63 -29.97
C TRP B 815 -48.96 29.05 -30.43
N ASN B 816 -49.98 29.73 -30.96
CA ASN B 816 -49.80 31.12 -31.40
C ASN B 816 -49.67 32.07 -30.23
N ARG B 817 -50.27 31.75 -29.08
CA ARG B 817 -50.25 32.67 -27.95
C ARG B 817 -48.87 32.76 -27.31
N VAL B 818 -48.11 31.66 -27.29
CA VAL B 818 -46.84 31.65 -26.59
C VAL B 818 -45.69 31.89 -27.55
N TRP B 819 -45.89 31.57 -28.83
CA TRP B 819 -44.81 31.66 -29.80
C TRP B 819 -44.87 32.90 -30.69
N ILE B 820 -46.01 33.60 -30.73
CA ILE B 820 -46.12 34.79 -31.58
C ILE B 820 -46.77 35.92 -30.80
N GLU B 821 -48.00 35.71 -30.33
CA GLU B 821 -48.79 36.81 -29.78
C GLU B 821 -48.14 37.41 -28.53
N GLU B 822 -47.78 36.57 -27.58
CA GLU B 822 -47.18 37.01 -26.32
C GLU B 822 -45.69 36.70 -26.25
N ASN B 823 -45.02 36.68 -27.39
CA ASN B 823 -43.58 36.45 -27.48
C ASN B 823 -42.93 37.78 -27.82
N ASP B 824 -42.22 38.36 -26.84
CA ASP B 824 -41.59 39.66 -27.04
C ASP B 824 -40.43 39.60 -28.03
N HIS B 825 -39.83 38.42 -28.23
CA HIS B 825 -38.76 38.29 -29.21
C HIS B 825 -39.28 38.08 -30.62
N MET B 826 -40.58 37.86 -30.79
CA MET B 826 -41.23 37.89 -32.09
C MET B 826 -41.81 39.28 -32.30
N GLU B 827 -41.41 39.95 -33.37
CA GLU B 827 -41.85 41.32 -33.62
C GLU B 827 -43.01 41.41 -34.59
N ASP B 828 -43.12 40.48 -35.53
CA ASP B 828 -44.20 40.44 -36.51
C ASP B 828 -45.28 39.50 -36.01
N LYS B 829 -46.46 40.07 -35.71
CA LYS B 829 -47.55 39.35 -35.06
C LYS B 829 -48.48 38.64 -36.04
N THR B 830 -48.00 38.28 -37.21
CA THR B 830 -48.85 37.57 -38.17
C THR B 830 -49.07 36.14 -37.67
N PRO B 831 -50.31 35.73 -37.42
CA PRO B 831 -50.54 34.40 -36.87
C PRO B 831 -50.21 33.31 -37.88
N VAL B 832 -49.78 32.16 -37.36
CA VAL B 832 -49.58 30.96 -38.16
C VAL B 832 -50.89 30.18 -38.15
N THR B 833 -51.41 29.87 -39.35
CA THR B 833 -52.76 29.36 -39.49
C THR B 833 -52.84 27.86 -39.70
N LYS B 834 -51.82 27.24 -40.29
CA LYS B 834 -51.80 25.80 -40.52
C LYS B 834 -50.59 25.18 -39.84
N TRP B 835 -50.77 23.94 -39.36
CA TRP B 835 -49.69 23.22 -38.71
C TRP B 835 -48.55 22.89 -39.67
N THR B 836 -48.82 22.84 -40.98
CA THR B 836 -47.79 22.49 -41.94
C THR B 836 -46.78 23.61 -42.16
N ASP B 837 -47.01 24.79 -41.59
CA ASP B 837 -46.09 25.91 -41.72
C ASP B 837 -45.15 26.04 -40.54
N ILE B 838 -45.12 25.07 -39.64
CA ILE B 838 -44.30 25.11 -38.43
C ILE B 838 -43.12 24.16 -38.64
N PRO B 839 -41.89 24.65 -38.54
CA PRO B 839 -40.75 23.85 -39.02
C PRO B 839 -40.42 22.69 -38.10
N TYR B 840 -39.78 21.69 -38.69
CA TYR B 840 -39.13 20.62 -37.95
C TYR B 840 -37.67 20.98 -37.72
N LEU B 841 -37.04 20.26 -36.79
CA LEU B 841 -35.60 20.36 -36.64
C LEU B 841 -34.91 19.86 -37.90
N GLY B 842 -33.62 20.16 -38.02
CA GLY B 842 -32.83 19.57 -39.08
C GLY B 842 -32.83 18.06 -38.94
N LYS B 843 -32.91 17.37 -40.10
CA LYS B 843 -32.91 15.92 -40.09
C LYS B 843 -31.66 15.37 -39.40
N ARG B 844 -30.54 16.10 -39.50
CA ARG B 844 -29.33 15.69 -38.80
C ARG B 844 -29.50 15.85 -37.29
N GLU B 845 -30.19 16.91 -36.86
CA GLU B 845 -30.38 17.14 -35.43
C GLU B 845 -31.39 16.17 -34.84
N ASP B 846 -32.51 15.95 -35.54
CA ASP B 846 -33.55 15.06 -35.02
C ASP B 846 -33.01 13.65 -34.84
N LEU B 847 -32.21 13.16 -35.79
CA LEU B 847 -31.61 11.85 -35.67
C LEU B 847 -30.63 11.80 -34.49
N TRP B 848 -29.89 12.88 -34.27
CA TRP B 848 -28.93 12.91 -33.17
C TRP B 848 -29.63 12.85 -31.82
N CYS B 849 -30.75 13.56 -31.69
CA CYS B 849 -31.48 13.61 -30.42
C CYS B 849 -32.45 12.46 -30.23
N GLY B 850 -32.38 11.41 -31.05
CA GLY B 850 -33.09 10.17 -30.77
C GLY B 850 -34.23 9.82 -31.70
N SER B 851 -34.38 10.50 -32.83
CA SER B 851 -35.45 10.13 -33.77
C SER B 851 -35.09 8.84 -34.50
N LEU B 852 -36.11 8.19 -35.05
CA LEU B 852 -35.99 6.89 -35.71
C LEU B 852 -36.44 6.99 -37.16
N ILE B 853 -36.18 8.12 -37.80
CA ILE B 853 -36.89 8.50 -39.02
C ILE B 853 -36.65 7.49 -40.14
N GLY B 854 -35.42 6.99 -40.28
CA GLY B 854 -35.12 6.21 -41.46
C GLY B 854 -35.13 4.71 -41.30
N HIS B 855 -35.42 4.20 -40.11
CA HIS B 855 -35.27 2.79 -39.84
C HIS B 855 -36.46 2.00 -40.38
N ARG B 856 -36.38 0.67 -40.25
CA ARG B 856 -37.39 -0.19 -40.90
C ARG B 856 -38.76 -0.05 -40.25
N PRO B 857 -38.92 -0.21 -38.91
CA PRO B 857 -40.17 0.23 -38.29
C PRO B 857 -40.20 1.75 -38.27
N ARG B 858 -41.14 2.34 -37.52
CA ARG B 858 -41.40 3.78 -37.60
C ARG B 858 -41.85 4.16 -39.02
N THR B 859 -41.08 3.76 -40.04
CA THR B 859 -41.58 3.81 -41.40
C THR B 859 -42.87 3.01 -41.52
N THR B 860 -42.92 1.83 -40.90
CA THR B 860 -44.15 1.04 -40.86
C THR B 860 -45.14 1.62 -39.86
N TRP B 861 -44.67 2.03 -38.68
CA TRP B 861 -45.53 2.60 -37.66
C TRP B 861 -46.20 3.89 -38.14
N ALA B 862 -45.55 4.62 -39.04
CA ALA B 862 -46.14 5.85 -39.55
C ALA B 862 -47.28 5.55 -40.52
N GLU B 863 -47.06 4.68 -41.50
CA GLU B 863 -48.05 4.46 -42.55
C GLU B 863 -49.20 3.57 -42.10
N ASN B 864 -49.15 3.00 -40.90
CA ASN B 864 -50.28 2.27 -40.33
C ASN B 864 -50.85 2.97 -39.11
N ILE B 865 -50.46 4.22 -38.86
CA ILE B 865 -50.87 4.92 -37.64
C ILE B 865 -52.38 5.12 -37.61
N LYS B 866 -53.01 5.28 -38.77
CA LYS B 866 -54.46 5.47 -38.81
C LYS B 866 -55.19 4.19 -38.40
N ASP B 867 -54.72 3.04 -38.88
CA ASP B 867 -55.29 1.77 -38.41
C ASP B 867 -55.02 1.56 -36.93
N THR B 868 -53.90 2.08 -36.42
CA THR B 868 -53.60 1.95 -35.00
C THR B 868 -54.51 2.86 -34.17
N VAL B 869 -54.75 4.09 -34.65
CA VAL B 869 -55.65 5.00 -33.93
C VAL B 869 -57.05 4.42 -33.84
N ASN B 870 -57.55 3.84 -34.94
CA ASN B 870 -58.85 3.18 -34.91
C ASN B 870 -58.87 2.02 -33.93
N MET B 871 -57.72 1.37 -33.73
CA MET B 871 -57.65 0.28 -32.76
C MET B 871 -57.75 0.80 -31.33
N VAL B 872 -57.08 1.92 -31.04
CA VAL B 872 -57.10 2.45 -29.68
C VAL B 872 -58.48 3.05 -29.36
N ARG B 873 -59.21 3.50 -30.38
CA ARG B 873 -60.53 4.06 -30.15
C ARG B 873 -61.51 3.01 -29.64
N ARG B 874 -61.39 1.76 -30.09
CA ARG B 874 -62.24 0.70 -29.57
C ARG B 874 -61.89 0.35 -28.14
N ILE B 875 -60.63 0.58 -27.73
CA ILE B 875 -60.20 0.31 -26.36
C ILE B 875 -60.69 1.39 -25.40
N ILE B 876 -60.70 2.64 -25.87
CA ILE B 876 -61.27 3.71 -25.04
C ILE B 876 -62.79 3.73 -25.16
N GLY B 877 -63.32 3.24 -26.28
CA GLY B 877 -64.75 3.17 -26.47
C GLY B 877 -65.19 3.69 -27.82
N ASP B 878 -65.80 2.82 -28.62
CA ASP B 878 -66.29 3.25 -29.93
C ASP B 878 -67.39 4.29 -29.81
N GLU B 879 -67.98 4.46 -28.62
CA GLU B 879 -69.14 5.33 -28.45
C GLU B 879 -68.76 6.79 -28.19
N GLU B 880 -67.52 7.07 -27.80
CA GLU B 880 -67.11 8.44 -27.55
C GLU B 880 -66.97 9.18 -28.87
N LYS B 881 -66.63 10.47 -28.79
CA LYS B 881 -66.52 11.34 -29.96
C LYS B 881 -65.07 11.76 -30.15
N TYR B 882 -64.55 11.57 -31.36
CA TYR B 882 -63.15 11.81 -31.67
C TYR B 882 -63.01 12.73 -32.87
N MET B 883 -61.96 13.53 -32.87
CA MET B 883 -61.51 14.28 -34.04
C MET B 883 -60.21 13.67 -34.57
N ASP B 884 -59.88 14.02 -35.80
CA ASP B 884 -58.76 13.41 -36.53
C ASP B 884 -57.68 14.47 -36.75
N TYR B 885 -56.78 14.58 -35.78
CA TYR B 885 -55.67 15.53 -35.87
C TYR B 885 -54.52 15.01 -36.74
N LEU B 886 -54.69 13.88 -37.41
CA LEU B 886 -53.63 13.36 -38.26
C LEU B 886 -53.62 14.01 -39.65
N SER B 887 -54.79 14.41 -40.14
CA SER B 887 -54.88 15.09 -41.42
C SER B 887 -54.93 16.60 -41.24
N SAH C . 17.53 12.89 11.76
CA SAH C . 18.77 12.12 11.88
CB SAH C . 19.78 12.52 10.81
CG SAH C . 19.27 13.49 9.75
SD SAH C . 20.59 14.45 8.96
C SAH C . 19.37 12.24 13.28
O SAH C . 20.57 12.00 13.47
OXT SAH C . 18.68 12.55 14.24
C5' SAH C . 20.24 13.72 7.35
C4' SAH C . 21.38 12.86 6.81
O4' SAH C . 21.07 12.34 5.53
C3' SAH C . 22.67 13.65 6.65
O3' SAH C . 23.62 13.21 7.58
C2' SAH C . 23.16 13.35 5.24
O2' SAH C . 24.51 12.93 5.26
C1' SAH C . 22.25 12.23 4.77
N9 SAH C . 21.99 12.31 3.32
C8 SAH C . 21.95 13.44 2.54
N7 SAH C . 21.69 13.08 1.26
C5 SAH C . 21.56 11.73 1.22
C6 SAH C . 21.27 10.84 0.18
N6 SAH C . 21.09 11.30 -1.05
N1 SAH C . 21.20 9.49 0.44
C2 SAH C . 21.40 9.02 1.73
N3 SAH C . 21.66 9.91 2.75
C4 SAH C . 21.74 11.23 2.50
ZN ZN D . 28.25 -35.69 25.84
ZN ZN E . 44.69 -11.22 -10.84
S SO4 F . 24.69 17.38 18.86
O1 SO4 F . 24.92 16.32 19.83
O2 SO4 F . 23.59 17.00 17.98
O3 SO4 F . 25.90 17.61 18.07
O4 SO4 F . 24.34 18.62 19.56
S SO4 G . 28.46 -14.50 4.79
O1 SO4 G . 29.08 -15.83 4.87
O2 SO4 G . 27.07 -14.59 5.27
O3 SO4 G . 28.47 -14.04 3.41
O4 SO4 G . 29.21 -13.57 5.61
S SO4 H . 41.25 -21.66 26.66
O1 SO4 H . 42.25 -22.44 27.39
O2 SO4 H . 41.21 -22.05 25.26
O3 SO4 H . 41.59 -20.23 26.77
O4 SO4 H . 39.93 -21.88 27.26
N SAH I . -19.57 -13.98 -5.04
CA SAH I . -20.75 -13.22 -5.42
CB SAH I . -20.91 -13.14 -6.94
CG SAH I . -19.80 -13.78 -7.77
SD SAH I . -20.36 -14.29 -9.41
C SAH I . -22.02 -13.75 -4.76
O SAH I . -21.97 -14.33 -3.67
OXT SAH I . -23.11 -13.63 -5.30
C5' SAH I . -19.31 -13.06 -10.22
C4' SAH I . -20.07 -11.95 -10.94
O4' SAH I . -19.16 -11.05 -11.54
C3' SAH I . -20.94 -12.50 -12.06
O3' SAH I . -22.28 -12.16 -11.84
C2' SAH I . -20.46 -11.82 -13.33
O2' SAH I . -21.55 -11.38 -14.09
C1' SAH I . -19.63 -10.66 -12.82
N9 SAH I . -18.51 -10.32 -13.72
C8 SAH I . -17.82 -11.16 -14.55
N7 SAH I . -16.89 -10.43 -15.21
C5 SAH I . -16.97 -9.14 -14.79
C6 SAH I . -16.27 -7.99 -15.14
N6 SAH I . -15.29 -8.05 -16.03
N1 SAH I . -16.60 -6.79 -14.54
C2 SAH I . -17.61 -6.74 -13.62
N3 SAH I . -18.31 -7.88 -13.28
C4 SAH I . -18.00 -9.06 -13.87
ZN ZN J . -41.28 28.31 14.86
ZN ZN K . -31.91 18.45 -29.85
S SO4 L . -29.00 -19.79 -4.94
O1 SO4 L . -29.46 -21.11 -4.53
O2 SO4 L . -27.54 -19.75 -4.90
O3 SO4 L . -29.53 -18.79 -4.01
O4 SO4 L . -29.47 -19.50 -6.29
S SO4 M . -27.40 14.72 -7.65
O1 SO4 M . -26.60 14.82 -8.87
O2 SO4 M . -28.22 13.50 -7.70
O3 SO4 M . -28.28 15.89 -7.54
O4 SO4 M . -26.53 14.65 -6.49
S SO4 N . -51.04 16.31 3.48
O1 SO4 N . -51.99 15.19 3.50
O2 SO4 N . -50.12 16.15 2.35
O3 SO4 N . -51.77 17.56 3.33
O4 SO4 N . -50.28 16.32 4.73
#